data_1B98
# 
_entry.id   1B98 
# 
_audit_conform.dict_name       mmcif_pdbx.dic 
_audit_conform.dict_version    5.397 
_audit_conform.dict_location   http://mmcif.pdb.org/dictionaries/ascii/mmcif_pdbx.dic 
# 
loop_
_database_2.database_id 
_database_2.database_code 
_database_2.pdbx_database_accession 
_database_2.pdbx_DOI 
PDB   1B98         pdb_00001b98 10.2210/pdb1b98/pdb 
RCSB  RCSB000520   ?            ?                   
WWPDB D_1000000520 ?            ?                   
# 
loop_
_pdbx_audit_revision_history.ordinal 
_pdbx_audit_revision_history.data_content_type 
_pdbx_audit_revision_history.major_revision 
_pdbx_audit_revision_history.minor_revision 
_pdbx_audit_revision_history.revision_date 
1 'Structure model' 1 0 1999-02-26 
2 'Structure model' 1 1 2008-04-26 
3 'Structure model' 1 2 2011-07-13 
4 'Structure model' 1 3 2023-12-27 
5 'Structure model' 1 4 2024-04-03 
6 'Structure model' 1 5 2024-10-30 
# 
_pdbx_audit_revision_details.ordinal             1 
_pdbx_audit_revision_details.revision_ordinal    1 
_pdbx_audit_revision_details.data_content_type   'Structure model' 
_pdbx_audit_revision_details.provider            repository 
_pdbx_audit_revision_details.type                'Initial release' 
_pdbx_audit_revision_details.description         ? 
_pdbx_audit_revision_details.details             ? 
# 
loop_
_pdbx_audit_revision_group.ordinal 
_pdbx_audit_revision_group.revision_ordinal 
_pdbx_audit_revision_group.data_content_type 
_pdbx_audit_revision_group.group 
1 2 'Structure model' 'Version format compliance' 
2 3 'Structure model' 'Version format compliance' 
3 4 'Structure model' 'Data collection'           
4 4 'Structure model' 'Database references'       
5 4 'Structure model' 'Derived calculations'      
6 5 'Structure model' 'Refinement description'    
7 6 'Structure model' 'Structure summary'         
# 
loop_
_pdbx_audit_revision_category.ordinal 
_pdbx_audit_revision_category.revision_ordinal 
_pdbx_audit_revision_category.data_content_type 
_pdbx_audit_revision_category.category 
1 4 'Structure model' chem_comp_atom                
2 4 'Structure model' chem_comp_bond                
3 4 'Structure model' database_2                    
4 4 'Structure model' struct_site                   
5 5 'Structure model' pdbx_initial_refinement_model 
6 6 'Structure model' pdbx_entry_details            
7 6 'Structure model' pdbx_modification_feature     
# 
loop_
_pdbx_audit_revision_item.ordinal 
_pdbx_audit_revision_item.revision_ordinal 
_pdbx_audit_revision_item.data_content_type 
_pdbx_audit_revision_item.item 
1 4 'Structure model' '_database_2.pdbx_DOI'                
2 4 'Structure model' '_database_2.pdbx_database_accession' 
3 4 'Structure model' '_struct_site.pdbx_auth_asym_id'      
4 4 'Structure model' '_struct_site.pdbx_auth_comp_id'      
5 4 'Structure model' '_struct_site.pdbx_auth_seq_id'       
# 
_pdbx_database_status.status_code                     REL 
_pdbx_database_status.entry_id                        1B98 
_pdbx_database_status.recvd_initial_deposition_date   1999-02-22 
_pdbx_database_status.deposit_site                    BNL 
_pdbx_database_status.process_site                    RCSB 
_pdbx_database_status.SG_entry                        . 
_pdbx_database_status.pdb_format_compatible           Y 
_pdbx_database_status.status_code_mr                  ? 
_pdbx_database_status.status_code_sf                  ? 
_pdbx_database_status.status_code_cs                  ? 
_pdbx_database_status.status_code_nmr_data            ? 
_pdbx_database_status.methods_development_category    ? 
# 
loop_
_audit_author.name 
_audit_author.pdbx_ordinal 
'Robinson, R.C.'   1 
'Radziejewski, C.' 2 
'Stuart, D.I.'     3 
'Jones, E.Y.'      4 
'Choe, S.'         5 
# 
loop_
_citation.id 
_citation.title 
_citation.journal_abbrev 
_citation.journal_volume 
_citation.page_first 
_citation.page_last 
_citation.year 
_citation.journal_id_ASTM 
_citation.country 
_citation.journal_id_ISSN 
_citation.journal_id_CSD 
_citation.book_publisher 
_citation.pdbx_database_id_PubMed 
_citation.pdbx_database_id_DOI 
primary 
;The structures of the neurotrophin 4 homodimer and the brain-derived neurotrophic factor/neurotrophin 4 heterodimer reveal a common Trk-binding site.
;
'Protein Sci.' 8  2589  2597 1999 PRCIEI US 0961-8368 0795 ? 10631974 ? 
1       'Structure of the Brain-Derived Neurotrophic Factor/Neurotrophin 3 Heterodimer' Biochemistry   34 4139  4146 1995 BICHAW 
US 0006-2960 0033 ? ?        ? 
2       'Heterodimers of the Neurotrophic Factors: Formation, Isolation, and Differential Stability' Biochemistry   32 13350 ?    
1993 BICHAW US 0006-2960 0033 ? ?        ? 
# 
loop_
_citation_author.citation_id 
_citation_author.name 
_citation_author.ordinal 
_citation_author.identifier_ORCID 
primary 'Robinson, R.C.'   1  ? 
primary 'Radziejewski, C.' 2  ? 
primary 'Spraggon, G.'     3  ? 
primary 'Greenwald, J.'    4  ? 
primary 'Kostura, M.R.'    5  ? 
primary 'Burtnick, L.D.'   6  ? 
primary 'Stuart, D.I.'     7  ? 
primary 'Choe, S.'         8  ? 
primary 'Jones, E.Y.'      9  ? 
1       'Robinson, R.C.'   10 ? 
1       'Radziejewski, C.' 11 ? 
1       'Stuart, D.I.'     12 ? 
1       'Jones, E.Y.'      13 ? 
2       'Radziejewski, C.' 14 ? 
2       'Robinson, R.C.'   15 ? 
# 
loop_
_entity.id 
_entity.type 
_entity.src_method 
_entity.pdbx_description 
_entity.formula_weight 
_entity.pdbx_number_of_molecules 
_entity.pdbx_ec 
_entity.pdbx_mutation 
_entity.pdbx_fragment 
_entity.details 
1 polymer     man 'PROTEIN (NEUROTROPHIN-4)' 13944.647 2  ? ? 'precursor residues 81-210' ? 
2 non-polymer syn 'CHLORIDE ION'             35.453    1  ? ? ?                           ? 
3 water       nat water                      18.015    49 ? ? ?                           ? 
# 
_entity_name_com.entity_id   1 
_entity_name_com.name        NT4 
# 
_entity_poly.entity_id                      1 
_entity_poly.type                           'polypeptide(L)' 
_entity_poly.nstd_linkage                   no 
_entity_poly.nstd_monomer                   no 
_entity_poly.pdbx_seq_one_letter_code       
;GVSETAPASRRGELAVCDAVSGWVTDRRTAVDLRGREVEVLGEVPAAGGSPLRQYFFETRCKADNAEEGGPGAGGGGCRG
VDRRHWVSECKAKQSYVRALTADAQGRVGWRWIRIDTACVCTLLSRTGRA
;
_entity_poly.pdbx_seq_one_letter_code_can   
;GVSETAPASRRGELAVCDAVSGWVTDRRTAVDLRGREVEVLGEVPAAGGSPLRQYFFETRCKADNAEEGGPGAGGGGCRG
VDRRHWVSECKAKQSYVRALTADAQGRVGWRWIRIDTACVCTLLSRTGRA
;
_entity_poly.pdbx_strand_id                 A,M 
_entity_poly.pdbx_target_identifier         ? 
# 
loop_
_pdbx_entity_nonpoly.entity_id 
_pdbx_entity_nonpoly.name 
_pdbx_entity_nonpoly.comp_id 
2 'CHLORIDE ION' CL  
3 water          HOH 
# 
loop_
_entity_poly_seq.entity_id 
_entity_poly_seq.num 
_entity_poly_seq.mon_id 
_entity_poly_seq.hetero 
1 1   GLY n 
1 2   VAL n 
1 3   SER n 
1 4   GLU n 
1 5   THR n 
1 6   ALA n 
1 7   PRO n 
1 8   ALA n 
1 9   SER n 
1 10  ARG n 
1 11  ARG n 
1 12  GLY n 
1 13  GLU n 
1 14  LEU n 
1 15  ALA n 
1 16  VAL n 
1 17  CYS n 
1 18  ASP n 
1 19  ALA n 
1 20  VAL n 
1 21  SER n 
1 22  GLY n 
1 23  TRP n 
1 24  VAL n 
1 25  THR n 
1 26  ASP n 
1 27  ARG n 
1 28  ARG n 
1 29  THR n 
1 30  ALA n 
1 31  VAL n 
1 32  ASP n 
1 33  LEU n 
1 34  ARG n 
1 35  GLY n 
1 36  ARG n 
1 37  GLU n 
1 38  VAL n 
1 39  GLU n 
1 40  VAL n 
1 41  LEU n 
1 42  GLY n 
1 43  GLU n 
1 44  VAL n 
1 45  PRO n 
1 46  ALA n 
1 47  ALA n 
1 48  GLY n 
1 49  GLY n 
1 50  SER n 
1 51  PRO n 
1 52  LEU n 
1 53  ARG n 
1 54  GLN n 
1 55  TYR n 
1 56  PHE n 
1 57  PHE n 
1 58  GLU n 
1 59  THR n 
1 60  ARG n 
1 61  CYS n 
1 62  LYS n 
1 63  ALA n 
1 64  ASP n 
1 65  ASN n 
1 66  ALA n 
1 67  GLU n 
1 68  GLU n 
1 69  GLY n 
1 70  GLY n 
1 71  PRO n 
1 72  GLY n 
1 73  ALA n 
1 74  GLY n 
1 75  GLY n 
1 76  GLY n 
1 77  GLY n 
1 78  CYS n 
1 79  ARG n 
1 80  GLY n 
1 81  VAL n 
1 82  ASP n 
1 83  ARG n 
1 84  ARG n 
1 85  HIS n 
1 86  TRP n 
1 87  VAL n 
1 88  SER n 
1 89  GLU n 
1 90  CYS n 
1 91  LYS n 
1 92  ALA n 
1 93  LYS n 
1 94  GLN n 
1 95  SER n 
1 96  TYR n 
1 97  VAL n 
1 98  ARG n 
1 99  ALA n 
1 100 LEU n 
1 101 THR n 
1 102 ALA n 
1 103 ASP n 
1 104 ALA n 
1 105 GLN n 
1 106 GLY n 
1 107 ARG n 
1 108 VAL n 
1 109 GLY n 
1 110 TRP n 
1 111 ARG n 
1 112 TRP n 
1 113 ILE n 
1 114 ARG n 
1 115 ILE n 
1 116 ASP n 
1 117 THR n 
1 118 ALA n 
1 119 CYS n 
1 120 VAL n 
1 121 CYS n 
1 122 THR n 
1 123 LEU n 
1 124 LEU n 
1 125 SER n 
1 126 ARG n 
1 127 THR n 
1 128 GLY n 
1 129 ARG n 
1 130 ALA n 
# 
_entity_src_gen.entity_id                          1 
_entity_src_gen.pdbx_src_id                        1 
_entity_src_gen.pdbx_alt_source_flag               sample 
_entity_src_gen.pdbx_seq_type                      ? 
_entity_src_gen.pdbx_beg_seq_num                   ? 
_entity_src_gen.pdbx_end_seq_num                   ? 
_entity_src_gen.gene_src_common_name               human 
_entity_src_gen.gene_src_genus                     Homo 
_entity_src_gen.pdbx_gene_src_gene                 ? 
_entity_src_gen.gene_src_species                   ? 
_entity_src_gen.gene_src_strain                    ? 
_entity_src_gen.gene_src_tissue                    ? 
_entity_src_gen.gene_src_tissue_fraction           ? 
_entity_src_gen.gene_src_details                   ? 
_entity_src_gen.pdbx_gene_src_fragment             ? 
_entity_src_gen.pdbx_gene_src_scientific_name      'Homo sapiens' 
_entity_src_gen.pdbx_gene_src_ncbi_taxonomy_id     9606 
_entity_src_gen.pdbx_gene_src_variant              ? 
_entity_src_gen.pdbx_gene_src_cell_line            ? 
_entity_src_gen.pdbx_gene_src_atcc                 ? 
_entity_src_gen.pdbx_gene_src_organ                ? 
_entity_src_gen.pdbx_gene_src_organelle            ? 
_entity_src_gen.pdbx_gene_src_cell                 ? 
_entity_src_gen.pdbx_gene_src_cellular_location    ? 
_entity_src_gen.host_org_common_name               ? 
_entity_src_gen.pdbx_host_org_scientific_name      'Escherichia coli' 
_entity_src_gen.pdbx_host_org_ncbi_taxonomy_id     562 
_entity_src_gen.host_org_genus                     Escherichia 
_entity_src_gen.pdbx_host_org_gene                 ? 
_entity_src_gen.pdbx_host_org_organ                ? 
_entity_src_gen.host_org_species                   ? 
_entity_src_gen.pdbx_host_org_tissue               ? 
_entity_src_gen.pdbx_host_org_tissue_fraction      ? 
_entity_src_gen.pdbx_host_org_strain               ? 
_entity_src_gen.pdbx_host_org_variant              ? 
_entity_src_gen.pdbx_host_org_cell_line            ? 
_entity_src_gen.pdbx_host_org_atcc                 ? 
_entity_src_gen.pdbx_host_org_culture_collection   ? 
_entity_src_gen.pdbx_host_org_cell                 ? 
_entity_src_gen.pdbx_host_org_organelle            ? 
_entity_src_gen.pdbx_host_org_cellular_location    ? 
_entity_src_gen.pdbx_host_org_vector_type          ? 
_entity_src_gen.pdbx_host_org_vector               ? 
_entity_src_gen.host_org_details                   ? 
_entity_src_gen.expression_system_id               ? 
_entity_src_gen.plasmid_name                       ? 
_entity_src_gen.plasmid_details                    ? 
_entity_src_gen.pdbx_description                   'SUPPLIED BY REGENERON PHARMACUTICALS' 
# 
loop_
_chem_comp.id 
_chem_comp.type 
_chem_comp.mon_nstd_flag 
_chem_comp.name 
_chem_comp.pdbx_synonyms 
_chem_comp.formula 
_chem_comp.formula_weight 
ALA 'L-peptide linking' y ALANINE         ? 'C3 H7 N O2'     89.093  
ARG 'L-peptide linking' y ARGININE        ? 'C6 H15 N4 O2 1' 175.209 
ASN 'L-peptide linking' y ASPARAGINE      ? 'C4 H8 N2 O3'    132.118 
ASP 'L-peptide linking' y 'ASPARTIC ACID' ? 'C4 H7 N O4'     133.103 
CL  non-polymer         . 'CHLORIDE ION'  ? 'Cl -1'          35.453  
CYS 'L-peptide linking' y CYSTEINE        ? 'C3 H7 N O2 S'   121.158 
GLN 'L-peptide linking' y GLUTAMINE       ? 'C5 H10 N2 O3'   146.144 
GLU 'L-peptide linking' y 'GLUTAMIC ACID' ? 'C5 H9 N O4'     147.129 
GLY 'peptide linking'   y GLYCINE         ? 'C2 H5 N O2'     75.067  
HIS 'L-peptide linking' y HISTIDINE       ? 'C6 H10 N3 O2 1' 156.162 
HOH non-polymer         . WATER           ? 'H2 O'           18.015  
ILE 'L-peptide linking' y ISOLEUCINE      ? 'C6 H13 N O2'    131.173 
LEU 'L-peptide linking' y LEUCINE         ? 'C6 H13 N O2'    131.173 
LYS 'L-peptide linking' y LYSINE          ? 'C6 H15 N2 O2 1' 147.195 
PHE 'L-peptide linking' y PHENYLALANINE   ? 'C9 H11 N O2'    165.189 
PRO 'L-peptide linking' y PROLINE         ? 'C5 H9 N O2'     115.130 
SER 'L-peptide linking' y SERINE          ? 'C3 H7 N O3'     105.093 
THR 'L-peptide linking' y THREONINE       ? 'C4 H9 N O3'     119.119 
TRP 'L-peptide linking' y TRYPTOPHAN      ? 'C11 H12 N2 O2'  204.225 
TYR 'L-peptide linking' y TYROSINE        ? 'C9 H11 N O3'    181.189 
VAL 'L-peptide linking' y VALINE          ? 'C5 H11 N O2'    117.146 
# 
loop_
_pdbx_poly_seq_scheme.asym_id 
_pdbx_poly_seq_scheme.entity_id 
_pdbx_poly_seq_scheme.seq_id 
_pdbx_poly_seq_scheme.mon_id 
_pdbx_poly_seq_scheme.ndb_seq_num 
_pdbx_poly_seq_scheme.pdb_seq_num 
_pdbx_poly_seq_scheme.auth_seq_num 
_pdbx_poly_seq_scheme.pdb_mon_id 
_pdbx_poly_seq_scheme.auth_mon_id 
_pdbx_poly_seq_scheme.pdb_strand_id 
_pdbx_poly_seq_scheme.pdb_ins_code 
_pdbx_poly_seq_scheme.hetero 
A 1 1   GLY 1   1   ?   ?   ?   A . n 
A 1 2   VAL 2   2   ?   ?   ?   A . n 
A 1 3   SER 3   3   ?   ?   ?   A . n 
A 1 4   GLU 4   4   ?   ?   ?   A . n 
A 1 5   THR 5   5   ?   ?   ?   A . n 
A 1 6   ALA 6   6   ?   ?   ?   A . n 
A 1 7   PRO 7   7   ?   ?   ?   A . n 
A 1 8   ALA 8   8   ?   ?   ?   A . n 
A 1 9   SER 9   9   ?   ?   ?   A . n 
A 1 10  ARG 10  10  ?   ?   ?   A . n 
A 1 11  ARG 11  11  ?   ?   ?   A . n 
A 1 12  GLY 12  12  ?   ?   ?   A . n 
A 1 13  GLU 13  13  13  GLU GLU A . n 
A 1 14  LEU 14  14  14  LEU LEU A . n 
A 1 15  ALA 15  15  15  ALA ALA A . n 
A 1 16  VAL 16  16  16  VAL VAL A . n 
A 1 17  CYS 17  17  17  CYS CYS A . n 
A 1 18  ASP 18  18  18  ASP ASP A . n 
A 1 19  ALA 19  19  19  ALA ALA A . n 
A 1 20  VAL 20  20  20  VAL VAL A . n 
A 1 21  SER 21  21  21  SER SER A . n 
A 1 22  GLY 22  22  22  GLY GLY A . n 
A 1 23  TRP 23  23  23  TRP TRP A . n 
A 1 24  VAL 24  24  24  VAL VAL A . n 
A 1 25  THR 25  25  25  THR THR A . n 
A 1 26  ASP 26  26  26  ASP ASP A . n 
A 1 27  ARG 27  27  27  ARG ARG A . n 
A 1 28  ARG 28  28  28  ARG ARG A . n 
A 1 29  THR 29  29  29  THR THR A . n 
A 1 30  ALA 30  30  30  ALA ALA A . n 
A 1 31  VAL 31  31  31  VAL VAL A . n 
A 1 32  ASP 32  32  32  ASP ASP A . n 
A 1 33  LEU 33  33  33  LEU LEU A . n 
A 1 34  ARG 34  34  34  ARG ARG A . n 
A 1 35  GLY 35  35  35  GLY GLY A . n 
A 1 36  ARG 36  36  36  ARG ARG A . n 
A 1 37  GLU 37  37  37  GLU GLU A . n 
A 1 38  VAL 38  38  38  VAL VAL A . n 
A 1 39  GLU 39  39  39  GLU GLU A . n 
A 1 40  VAL 40  40  40  VAL VAL A . n 
A 1 41  LEU 41  41  41  LEU LEU A . n 
A 1 42  GLY 42  42  42  GLY GLY A . n 
A 1 43  GLU 43  43  43  GLU GLU A . n 
A 1 44  VAL 44  44  44  VAL VAL A . n 
A 1 45  PRO 45  45  ?   ?   ?   A . n 
A 1 46  ALA 46  46  ?   ?   ?   A . n 
A 1 47  ALA 47  47  ?   ?   ?   A . n 
A 1 48  GLY 48  48  ?   ?   ?   A . n 
A 1 49  GLY 49  49  ?   ?   ?   A . n 
A 1 50  SER 50  50  ?   ?   ?   A . n 
A 1 51  PRO 51  51  ?   ?   ?   A . n 
A 1 52  LEU 52  52  52  LEU LEU A . n 
A 1 53  ARG 53  53  53  ARG ARG A . n 
A 1 54  GLN 54  54  54  GLN GLN A . n 
A 1 55  TYR 55  55  55  TYR TYR A . n 
A 1 56  PHE 56  56  56  PHE PHE A . n 
A 1 57  PHE 57  57  57  PHE PHE A . n 
A 1 58  GLU 58  58  58  GLU GLU A . n 
A 1 59  THR 59  59  59  THR THR A . n 
A 1 60  ARG 60  60  60  ARG ARG A . n 
A 1 61  CYS 61  61  61  CYS CYS A . n 
A 1 62  LYS 62  62  62  LYS LYS A . n 
A 1 63  ALA 63  63  63  ALA ALA A . n 
A 1 64  ASP 64  64  64  ASP ASP A . n 
A 1 65  ASN 65  65  65  ASN ASN A . n 
A 1 66  ALA 66  66  66  ALA ALA A . n 
A 1 67  GLU 67  67  67  GLU GLU A . n 
A 1 68  GLU 68  68  68  GLU GLU A . n 
A 1 69  GLY 69  69  69  GLY GLY A . n 
A 1 70  GLY 70  70  70  GLY GLY A . n 
A 1 71  PRO 71  71  71  PRO PRO A . n 
A 1 72  GLY 72  72  72  GLY GLY A . n 
A 1 73  ALA 73  73  73  ALA ALA A . n 
A 1 74  GLY 74  74  74  GLY GLY A . n 
A 1 75  GLY 75  75  75  GLY GLY A . n 
A 1 76  GLY 76  76  76  GLY GLY A . n 
A 1 77  GLY 77  77  77  GLY GLY A . n 
A 1 78  CYS 78  78  78  CYS CYS A . n 
A 1 79  ARG 79  79  79  ARG ARG A . n 
A 1 80  GLY 80  80  80  GLY GLY A . n 
A 1 81  VAL 81  81  81  VAL VAL A . n 
A 1 82  ASP 82  82  82  ASP ASP A . n 
A 1 83  ARG 83  83  83  ARG ARG A . n 
A 1 84  ARG 84  84  84  ARG ARG A . n 
A 1 85  HIS 85  85  85  HIS HIS A . n 
A 1 86  TRP 86  86  86  TRP TRP A . n 
A 1 87  VAL 87  87  87  VAL VAL A . n 
A 1 88  SER 88  88  88  SER SER A . n 
A 1 89  GLU 89  89  89  GLU GLU A . n 
A 1 90  CYS 90  90  90  CYS CYS A . n 
A 1 91  LYS 91  91  91  LYS LYS A . n 
A 1 92  ALA 92  92  92  ALA ALA A . n 
A 1 93  LYS 93  93  93  LYS LYS A . n 
A 1 94  GLN 94  94  94  GLN GLN A . n 
A 1 95  SER 95  95  95  SER SER A . n 
A 1 96  TYR 96  96  96  TYR TYR A . n 
A 1 97  VAL 97  97  97  VAL VAL A . n 
A 1 98  ARG 98  98  98  ARG ARG A . n 
A 1 99  ALA 99  99  99  ALA ALA A . n 
A 1 100 LEU 100 100 100 LEU LEU A . n 
A 1 101 THR 101 101 101 THR THR A . n 
A 1 102 ALA 102 102 102 ALA ALA A . n 
A 1 103 ASP 103 103 ?   ?   ?   A . n 
A 1 104 ALA 104 104 ?   ?   ?   A . n 
A 1 105 GLN 105 105 ?   ?   ?   A . n 
A 1 106 GLY 106 106 ?   ?   ?   A . n 
A 1 107 ARG 107 107 ?   ?   ?   A . n 
A 1 108 VAL 108 108 108 VAL VAL A . n 
A 1 109 GLY 109 109 109 GLY GLY A . n 
A 1 110 TRP 110 110 110 TRP TRP A . n 
A 1 111 ARG 111 111 111 ARG ARG A . n 
A 1 112 TRP 112 112 112 TRP TRP A . n 
A 1 113 ILE 113 113 113 ILE ILE A . n 
A 1 114 ARG 114 114 114 ARG ARG A . n 
A 1 115 ILE 115 115 115 ILE ILE A . n 
A 1 116 ASP 116 116 116 ASP ASP A . n 
A 1 117 THR 117 117 117 THR THR A . n 
A 1 118 ALA 118 118 118 ALA ALA A . n 
A 1 119 CYS 119 119 119 CYS CYS A . n 
A 1 120 VAL 120 120 120 VAL VAL A . n 
A 1 121 CYS 121 121 121 CYS CYS A . n 
A 1 122 THR 122 122 122 THR THR A . n 
A 1 123 LEU 123 123 123 LEU LEU A . n 
A 1 124 LEU 124 124 124 LEU LEU A . n 
A 1 125 SER 125 125 125 SER SER A . n 
A 1 126 ARG 126 126 126 ARG ARG A . n 
A 1 127 THR 127 127 127 THR THR A . n 
A 1 128 GLY 128 128 ?   ?   ?   A . n 
A 1 129 ARG 129 129 ?   ?   ?   A . n 
A 1 130 ALA 130 130 ?   ?   ?   A . n 
B 1 1   GLY 1   1   ?   ?   ?   M . n 
B 1 2   VAL 2   2   ?   ?   ?   M . n 
B 1 3   SER 3   3   ?   ?   ?   M . n 
B 1 4   GLU 4   4   ?   ?   ?   M . n 
B 1 5   THR 5   5   ?   ?   ?   M . n 
B 1 6   ALA 6   6   ?   ?   ?   M . n 
B 1 7   PRO 7   7   ?   ?   ?   M . n 
B 1 8   ALA 8   8   ?   ?   ?   M . n 
B 1 9   SER 9   9   ?   ?   ?   M . n 
B 1 10  ARG 10  10  ?   ?   ?   M . n 
B 1 11  ARG 11  11  11  ARG ARG M . n 
B 1 12  GLY 12  12  12  GLY GLY M . n 
B 1 13  GLU 13  13  13  GLU GLU M . n 
B 1 14  LEU 14  14  14  LEU LEU M . n 
B 1 15  ALA 15  15  15  ALA ALA M . n 
B 1 16  VAL 16  16  16  VAL VAL M . n 
B 1 17  CYS 17  17  17  CYS CYS M . n 
B 1 18  ASP 18  18  18  ASP ASP M . n 
B 1 19  ALA 19  19  19  ALA ALA M . n 
B 1 20  VAL 20  20  20  VAL VAL M . n 
B 1 21  SER 21  21  21  SER SER M . n 
B 1 22  GLY 22  22  22  GLY GLY M . n 
B 1 23  TRP 23  23  23  TRP TRP M . n 
B 1 24  VAL 24  24  24  VAL VAL M . n 
B 1 25  THR 25  25  25  THR THR M . n 
B 1 26  ASP 26  26  26  ASP ASP M . n 
B 1 27  ARG 27  27  27  ARG ARG M . n 
B 1 28  ARG 28  28  28  ARG ARG M . n 
B 1 29  THR 29  29  29  THR THR M . n 
B 1 30  ALA 30  30  30  ALA ALA M . n 
B 1 31  VAL 31  31  31  VAL VAL M . n 
B 1 32  ASP 32  32  32  ASP ASP M . n 
B 1 33  LEU 33  33  33  LEU LEU M . n 
B 1 34  ARG 34  34  34  ARG ARG M . n 
B 1 35  GLY 35  35  35  GLY GLY M . n 
B 1 36  ARG 36  36  36  ARG ARG M . n 
B 1 37  GLU 37  37  37  GLU GLU M . n 
B 1 38  VAL 38  38  38  VAL VAL M . n 
B 1 39  GLU 39  39  39  GLU GLU M . n 
B 1 40  VAL 40  40  40  VAL VAL M . n 
B 1 41  LEU 41  41  41  LEU LEU M . n 
B 1 42  GLY 42  42  42  GLY GLY M . n 
B 1 43  GLU 43  43  43  GLU GLU M . n 
B 1 44  VAL 44  44  44  VAL VAL M . n 
B 1 45  PRO 45  45  45  PRO PRO M . n 
B 1 46  ALA 46  46  46  ALA ALA M . n 
B 1 47  ALA 47  47  47  ALA ALA M . n 
B 1 48  GLY 48  48  48  GLY GLY M . n 
B 1 49  GLY 49  49  49  GLY GLY M . n 
B 1 50  SER 50  50  50  SER SER M . n 
B 1 51  PRO 51  51  51  PRO PRO M . n 
B 1 52  LEU 52  52  52  LEU LEU M . n 
B 1 53  ARG 53  53  53  ARG ARG M . n 
B 1 54  GLN 54  54  54  GLN GLN M . n 
B 1 55  TYR 55  55  55  TYR TYR M . n 
B 1 56  PHE 56  56  56  PHE PHE M . n 
B 1 57  PHE 57  57  57  PHE PHE M . n 
B 1 58  GLU 58  58  58  GLU GLU M . n 
B 1 59  THR 59  59  59  THR THR M . n 
B 1 60  ARG 60  60  60  ARG ARG M . n 
B 1 61  CYS 61  61  61  CYS CYS M . n 
B 1 62  LYS 62  62  62  LYS LYS M . n 
B 1 63  ALA 63  63  63  ALA ALA M . n 
B 1 64  ASP 64  64  64  ASP ASP M . n 
B 1 65  ASN 65  65  ?   ?   ?   M . n 
B 1 66  ALA 66  66  ?   ?   ?   M . n 
B 1 67  GLU 67  67  ?   ?   ?   M . n 
B 1 68  GLU 68  68  68  GLU GLU M . n 
B 1 69  GLY 69  69  69  GLY GLY M . n 
B 1 70  GLY 70  70  70  GLY GLY M . n 
B 1 71  PRO 71  71  71  PRO PRO M . n 
B 1 72  GLY 72  72  72  GLY GLY M . n 
B 1 73  ALA 73  73  73  ALA ALA M . n 
B 1 74  GLY 74  74  74  GLY GLY M . n 
B 1 75  GLY 75  75  75  GLY GLY M . n 
B 1 76  GLY 76  76  76  GLY GLY M . n 
B 1 77  GLY 77  77  77  GLY GLY M . n 
B 1 78  CYS 78  78  78  CYS CYS M . n 
B 1 79  ARG 79  79  79  ARG ARG M . n 
B 1 80  GLY 80  80  80  GLY GLY M . n 
B 1 81  VAL 81  81  81  VAL VAL M . n 
B 1 82  ASP 82  82  82  ASP ASP M . n 
B 1 83  ARG 83  83  83  ARG ARG M . n 
B 1 84  ARG 84  84  84  ARG ARG M . n 
B 1 85  HIS 85  85  85  HIS HIS M . n 
B 1 86  TRP 86  86  86  TRP TRP M . n 
B 1 87  VAL 87  87  87  VAL VAL M . n 
B 1 88  SER 88  88  88  SER SER M . n 
B 1 89  GLU 89  89  89  GLU GLU M . n 
B 1 90  CYS 90  90  90  CYS CYS M . n 
B 1 91  LYS 91  91  91  LYS LYS M . n 
B 1 92  ALA 92  92  92  ALA ALA M . n 
B 1 93  LYS 93  93  93  LYS LYS M . n 
B 1 94  GLN 94  94  94  GLN GLN M . n 
B 1 95  SER 95  95  95  SER SER M . n 
B 1 96  TYR 96  96  96  TYR TYR M . n 
B 1 97  VAL 97  97  97  VAL VAL M . n 
B 1 98  ARG 98  98  98  ARG ARG M . n 
B 1 99  ALA 99  99  99  ALA ALA M . n 
B 1 100 LEU 100 100 100 LEU LEU M . n 
B 1 101 THR 101 101 101 THR THR M . n 
B 1 102 ALA 102 102 102 ALA ALA M . n 
B 1 103 ASP 103 103 103 ASP ASP M . n 
B 1 104 ALA 104 104 104 ALA ALA M . n 
B 1 105 GLN 105 105 105 GLN GLN M . n 
B 1 106 GLY 106 106 106 GLY GLY M . n 
B 1 107 ARG 107 107 107 ARG ARG M . n 
B 1 108 VAL 108 108 108 VAL VAL M . n 
B 1 109 GLY 109 109 109 GLY GLY M . n 
B 1 110 TRP 110 110 110 TRP TRP M . n 
B 1 111 ARG 111 111 111 ARG ARG M . n 
B 1 112 TRP 112 112 112 TRP TRP M . n 
B 1 113 ILE 113 113 113 ILE ILE M . n 
B 1 114 ARG 114 114 114 ARG ARG M . n 
B 1 115 ILE 115 115 115 ILE ILE M . n 
B 1 116 ASP 116 116 116 ASP ASP M . n 
B 1 117 THR 117 117 117 THR THR M . n 
B 1 118 ALA 118 118 118 ALA ALA M . n 
B 1 119 CYS 119 119 119 CYS CYS M . n 
B 1 120 VAL 120 120 120 VAL VAL M . n 
B 1 121 CYS 121 121 121 CYS CYS M . n 
B 1 122 THR 122 122 122 THR THR M . n 
B 1 123 LEU 123 123 123 LEU LEU M . n 
B 1 124 LEU 124 124 124 LEU LEU M . n 
B 1 125 SER 125 125 125 SER SER M . n 
B 1 126 ARG 126 126 126 ARG ARG M . n 
B 1 127 THR 127 127 ?   ?   ?   M . n 
B 1 128 GLY 128 128 ?   ?   ?   M . n 
B 1 129 ARG 129 129 ?   ?   ?   M . n 
B 1 130 ALA 130 130 ?   ?   ?   M . n 
# 
loop_
_pdbx_nonpoly_scheme.asym_id 
_pdbx_nonpoly_scheme.entity_id 
_pdbx_nonpoly_scheme.mon_id 
_pdbx_nonpoly_scheme.ndb_seq_num 
_pdbx_nonpoly_scheme.pdb_seq_num 
_pdbx_nonpoly_scheme.auth_seq_num 
_pdbx_nonpoly_scheme.pdb_mon_id 
_pdbx_nonpoly_scheme.auth_mon_id 
_pdbx_nonpoly_scheme.pdb_strand_id 
_pdbx_nonpoly_scheme.pdb_ins_code 
C 2 CL  1  200 200 CL  CL  A . 
D 3 HOH 1  201 5   HOH HOH A . 
D 3 HOH 2  202 7   HOH HOH A . 
D 3 HOH 3  203 10  HOH HOH A . 
D 3 HOH 4  204 13  HOH HOH A . 
D 3 HOH 5  205 17  HOH HOH A . 
D 3 HOH 6  206 20  HOH HOH A . 
D 3 HOH 7  207 22  HOH HOH A . 
D 3 HOH 8  208 26  HOH HOH A . 
D 3 HOH 9  209 29  HOH HOH A . 
D 3 HOH 10 210 30  HOH HOH A . 
D 3 HOH 11 211 33  HOH HOH A . 
D 3 HOH 12 212 35  HOH HOH A . 
D 3 HOH 13 213 36  HOH HOH A . 
D 3 HOH 14 214 38  HOH HOH A . 
D 3 HOH 15 215 39  HOH HOH A . 
D 3 HOH 16 216 40  HOH HOH A . 
D 3 HOH 17 217 42  HOH HOH A . 
D 3 HOH 18 218 43  HOH HOH A . 
D 3 HOH 19 219 46  HOH HOH A . 
D 3 HOH 20 220 47  HOH HOH A . 
D 3 HOH 21 221 50  HOH HOH A . 
E 3 HOH 1  131 2   HOH HOH M . 
E 3 HOH 2  132 3   HOH HOH M . 
E 3 HOH 3  133 4   HOH HOH M . 
E 3 HOH 4  134 6   HOH HOH M . 
E 3 HOH 5  135 8   HOH HOH M . 
E 3 HOH 6  136 9   HOH HOH M . 
E 3 HOH 7  137 11  HOH HOH M . 
E 3 HOH 8  138 12  HOH HOH M . 
E 3 HOH 9  139 14  HOH HOH M . 
E 3 HOH 10 140 15  HOH HOH M . 
E 3 HOH 11 141 16  HOH HOH M . 
E 3 HOH 12 142 18  HOH HOH M . 
E 3 HOH 13 143 19  HOH HOH M . 
E 3 HOH 14 144 21  HOH HOH M . 
E 3 HOH 15 145 23  HOH HOH M . 
E 3 HOH 16 146 24  HOH HOH M . 
E 3 HOH 17 147 25  HOH HOH M . 
E 3 HOH 18 148 27  HOH HOH M . 
E 3 HOH 19 149 28  HOH HOH M . 
E 3 HOH 20 150 31  HOH HOH M . 
E 3 HOH 21 151 32  HOH HOH M . 
E 3 HOH 22 152 34  HOH HOH M . 
E 3 HOH 23 153 37  HOH HOH M . 
E 3 HOH 24 154 41  HOH HOH M . 
E 3 HOH 25 155 44  HOH HOH M . 
E 3 HOH 26 156 45  HOH HOH M . 
E 3 HOH 27 157 48  HOH HOH M . 
E 3 HOH 28 158 49  HOH HOH M . 
# 
loop_
_pdbx_unobs_or_zero_occ_atoms.id 
_pdbx_unobs_or_zero_occ_atoms.PDB_model_num 
_pdbx_unobs_or_zero_occ_atoms.polymer_flag 
_pdbx_unobs_or_zero_occ_atoms.occupancy_flag 
_pdbx_unobs_or_zero_occ_atoms.auth_asym_id 
_pdbx_unobs_or_zero_occ_atoms.auth_comp_id 
_pdbx_unobs_or_zero_occ_atoms.auth_seq_id 
_pdbx_unobs_or_zero_occ_atoms.PDB_ins_code 
_pdbx_unobs_or_zero_occ_atoms.auth_atom_id 
_pdbx_unobs_or_zero_occ_atoms.label_alt_id 
_pdbx_unobs_or_zero_occ_atoms.label_asym_id 
_pdbx_unobs_or_zero_occ_atoms.label_comp_id 
_pdbx_unobs_or_zero_occ_atoms.label_seq_id 
_pdbx_unobs_or_zero_occ_atoms.label_atom_id 
1  1 Y 1 A LEU 52  ? CG  ? A LEU 52  CG  
2  1 Y 1 A LEU 52  ? CD1 ? A LEU 52  CD1 
3  1 Y 1 A LEU 52  ? CD2 ? A LEU 52  CD2 
4  1 Y 1 A ARG 53  ? CG  ? A ARG 53  CG  
5  1 Y 1 A ARG 53  ? CD  ? A ARG 53  CD  
6  1 Y 1 A ARG 53  ? NE  ? A ARG 53  NE  
7  1 Y 1 A ARG 53  ? CZ  ? A ARG 53  CZ  
8  1 Y 1 A ARG 53  ? NH1 ? A ARG 53  NH1 
9  1 Y 1 A ARG 53  ? NH2 ? A ARG 53  NH2 
10 1 Y 1 A GLU 68  ? CG  ? A GLU 68  CG  
11 1 Y 1 A GLU 68  ? CD  ? A GLU 68  CD  
12 1 Y 1 A GLU 68  ? OE1 ? A GLU 68  OE1 
13 1 Y 1 A GLU 68  ? OE2 ? A GLU 68  OE2 
14 1 Y 1 A ARG 126 ? CG  ? A ARG 126 CG  
15 1 Y 1 A ARG 126 ? CD  ? A ARG 126 CD  
16 1 Y 1 A ARG 126 ? NE  ? A ARG 126 NE  
17 1 Y 1 A ARG 126 ? CZ  ? A ARG 126 CZ  
18 1 Y 1 A ARG 126 ? NH1 ? A ARG 126 NH1 
19 1 Y 1 A ARG 126 ? NH2 ? A ARG 126 NH2 
20 1 Y 1 M ARG 11  ? CG  ? B ARG 11  CG  
21 1 Y 1 M ARG 11  ? CD  ? B ARG 11  CD  
22 1 Y 1 M ARG 11  ? NE  ? B ARG 11  NE  
23 1 Y 1 M ARG 11  ? CZ  ? B ARG 11  CZ  
24 1 Y 1 M ARG 11  ? NH1 ? B ARG 11  NH1 
25 1 Y 1 M ARG 11  ? NH2 ? B ARG 11  NH2 
26 1 Y 1 M GLU 68  ? CB  ? B GLU 68  CB  
27 1 Y 1 M GLU 68  ? CG  ? B GLU 68  CG  
28 1 Y 1 M GLU 68  ? CD  ? B GLU 68  CD  
29 1 Y 1 M GLU 68  ? OE1 ? B GLU 68  OE1 
30 1 Y 1 M GLU 68  ? OE2 ? B GLU 68  OE2 
31 1 Y 1 M ARG 126 ? CG  ? B ARG 126 CG  
32 1 Y 1 M ARG 126 ? CD  ? B ARG 126 CD  
33 1 Y 1 M ARG 126 ? NE  ? B ARG 126 NE  
34 1 Y 1 M ARG 126 ? CZ  ? B ARG 126 CZ  
35 1 Y 1 M ARG 126 ? NH1 ? B ARG 126 NH1 
36 1 Y 1 M ARG 126 ? NH2 ? B ARG 126 NH2 
# 
loop_
_software.name 
_software.classification 
_software.version 
_software.citation_id 
_software.pdbx_ordinal 
MOSFLM 'data reduction' .         ? 1 
SCALA  'data scaling'   .         ? 2 
AMoRE  phasing          .         ? 3 
REFMAC refinement       .         ? 4 
CCP4   'data scaling'   '(SCALA)' ? 5 
# 
_cell.entry_id           1B98 
_cell.length_a           43.800 
_cell.length_b           50.800 
_cell.length_c           53.000 
_cell.angle_alpha        90.00 
_cell.angle_beta         109.40 
_cell.angle_gamma        90.00 
_cell.Z_PDB              4 
_cell.pdbx_unique_axis   ? 
# 
_symmetry.entry_id                         1B98 
_symmetry.space_group_name_H-M             'P 1 21 1' 
_symmetry.pdbx_full_space_group_name_H-M   ? 
_symmetry.cell_setting                     monoclinic 
_symmetry.Int_Tables_number                4 
# 
_exptl.entry_id          1B98 
_exptl.method            'X-RAY DIFFRACTION' 
_exptl.crystals_number   1 
# 
_exptl_crystal.id                    1 
_exptl_crystal.density_meas          ? 
_exptl_crystal.density_Matthews      1.99 
_exptl_crystal.density_percent_sol   38.30 
_exptl_crystal.description           ? 
# 
_exptl_crystal_grow.crystal_id      1 
_exptl_crystal_grow.method          ? 
_exptl_crystal_grow.temp            ? 
_exptl_crystal_grow.temp_details    ? 
_exptl_crystal_grow.pH              6.50 
_exptl_crystal_grow.pdbx_details    'PEG 8000, PIPES, pH 6.50' 
_exptl_crystal_grow.pdbx_pH_range   ? 
# 
_diffrn.id                     1 
_diffrn.ambient_temp           100.0 
_diffrn.ambient_temp_details   ? 
_diffrn.crystal_id             1 
# 
_diffrn_detector.diffrn_id              1 
_diffrn_detector.detector               CCD 
_diffrn_detector.type                   'ADSC QUANTUM 4' 
_diffrn_detector.pdbx_collection_date   ? 
_diffrn_detector.details                ? 
# 
_diffrn_radiation.diffrn_id                        1 
_diffrn_radiation.wavelength_id                    1 
_diffrn_radiation.pdbx_monochromatic_or_laue_m_l   M 
_diffrn_radiation.monochromator                    ? 
_diffrn_radiation.pdbx_diffrn_protocol             'SINGLE WAVELENGTH' 
_diffrn_radiation.pdbx_scattering_type             x-ray 
# 
_diffrn_radiation_wavelength.id           1 
_diffrn_radiation_wavelength.wavelength   0.970 
_diffrn_radiation_wavelength.wt           1.0 
# 
_diffrn_source.diffrn_id                   1 
_diffrn_source.source                      SYNCHROTRON 
_diffrn_source.type                        'SSRL BEAMLINE BL1-5' 
_diffrn_source.pdbx_synchrotron_site       SSRL 
_diffrn_source.pdbx_synchrotron_beamline   BL1-5 
_diffrn_source.pdbx_wavelength             0.970 
_diffrn_source.pdbx_wavelength_list        ? 
# 
_reflns.entry_id                     1B98 
_reflns.observed_criterion_sigma_I   ? 
_reflns.observed_criterion_sigma_F   ? 
_reflns.d_resolution_low             20.000 
_reflns.d_resolution_high            2.750 
_reflns.number_obs                   7858 
_reflns.number_all                   ? 
_reflns.percent_possible_obs         93.0 
_reflns.pdbx_Rmerge_I_obs            0.031 
_reflns.pdbx_Rsym_value              ? 
_reflns.pdbx_netI_over_sigmaI        ? 
_reflns.B_iso_Wilson_estimate        ? 
_reflns.pdbx_redundancy              2.500 
_reflns.R_free_details               ? 
_reflns.limit_h_max                  ? 
_reflns.limit_h_min                  ? 
_reflns.limit_k_max                  ? 
_reflns.limit_k_min                  ? 
_reflns.limit_l_max                  ? 
_reflns.limit_l_min                  ? 
_reflns.observed_criterion_F_max     ? 
_reflns.observed_criterion_F_min     ? 
_reflns.pdbx_diffrn_id               1 
_reflns.pdbx_ordinal                 1 
# 
_refine.entry_id                                 1B98 
_refine.ls_number_reflns_obs                     8334 
_refine.ls_number_reflns_all                     ? 
_refine.pdbx_ls_sigma_I                          ? 
_refine.pdbx_ls_sigma_F                          0.000 
_refine.pdbx_data_cutoff_high_absF               ? 
_refine.pdbx_data_cutoff_low_absF                ? 
_refine.pdbx_data_cutoff_high_rms_absF           ? 
_refine.ls_d_res_low                             20.0 
_refine.ls_d_res_high                            2.75 
_refine.ls_percent_reflns_obs                    93.0 
_refine.ls_R_factor_obs                          0.235 
_refine.ls_R_factor_all                          ? 
_refine.ls_R_factor_R_work                       0.235 
_refine.ls_R_factor_R_free                       0.336 
_refine.ls_R_factor_R_free_error                 ? 
_refine.ls_R_factor_R_free_error_details         ? 
_refine.ls_percent_reflns_R_free                 5.000 
_refine.ls_number_reflns_R_free                  ? 
_refine.ls_number_parameters                     ? 
_refine.ls_number_restraints                     ? 
_refine.occupancy_min                            ? 
_refine.occupancy_max                            ? 
_refine.B_iso_mean                               46.30 
_refine.aniso_B[1][1]                            ? 
_refine.aniso_B[2][2]                            ? 
_refine.aniso_B[3][3]                            ? 
_refine.aniso_B[1][2]                            ? 
_refine.aniso_B[1][3]                            ? 
_refine.aniso_B[2][3]                            ? 
_refine.solvent_model_details                    ? 
_refine.solvent_model_param_ksol                 ? 
_refine.solvent_model_param_bsol                 ? 
_refine.pdbx_ls_cross_valid_method               THROUGHOUT 
_refine.details                                  ? 
_refine.pdbx_starting_model                      NT4 
_refine.pdbx_method_to_determine_struct          'MOLECULAR REPLACEMENT' 
_refine.pdbx_isotropic_thermal_model             ? 
_refine.pdbx_stereochemistry_target_values       ? 
_refine.pdbx_stereochem_target_val_spec_case     ? 
_refine.pdbx_R_Free_selection_details            RANDOM 
_refine.pdbx_overall_ESU_R                       ? 
_refine.pdbx_overall_ESU_R_Free                  ? 
_refine.overall_SU_ML                            ? 
_refine.overall_SU_B                             ? 
_refine.ls_redundancy_reflns_obs                 ? 
_refine.B_iso_min                                ? 
_refine.B_iso_max                                ? 
_refine.pdbx_refine_id                           'X-RAY DIFFRACTION' 
_refine.pdbx_diffrn_id                           1 
_refine.pdbx_TLS_residual_ADP_flag               ? 
_refine.correlation_coeff_Fo_to_Fc               ? 
_refine.correlation_coeff_Fo_to_Fc_free          ? 
_refine.pdbx_solvent_vdw_probe_radii             ? 
_refine.pdbx_solvent_ion_probe_radii             ? 
_refine.pdbx_solvent_shrinkage_radii             ? 
_refine.pdbx_overall_phase_error                 ? 
_refine.overall_SU_R_Cruickshank_DPI             ? 
_refine.pdbx_overall_SU_R_free_Cruickshank_DPI   ? 
_refine.pdbx_overall_SU_R_Blow_DPI               ? 
_refine.pdbx_overall_SU_R_free_Blow_DPI          ? 
# 
_refine_hist.pdbx_refine_id                   'X-RAY DIFFRACTION' 
_refine_hist.cycle_id                         LAST 
_refine_hist.pdbx_number_atoms_protein        1621 
_refine_hist.pdbx_number_atoms_nucleic_acid   0 
_refine_hist.pdbx_number_atoms_ligand         1 
_refine_hist.number_atoms_solvent             49 
_refine_hist.number_atoms_total               1671 
_refine_hist.d_res_high                       2.75 
_refine_hist.d_res_low                        20.0 
# 
loop_
_refine_ls_restr.type 
_refine_ls_restr.dev_ideal 
_refine_ls_restr.dev_ideal_target 
_refine_ls_restr.weight 
_refine_ls_restr.number 
_refine_ls_restr.pdbx_refine_id 
_refine_ls_restr.pdbx_restraint_function 
p_bond_d            0.015 ? ? ? 'X-RAY DIFFRACTION' ? 
p_angle_d           0.048 ? ? ? 'X-RAY DIFFRACTION' ? 
p_angle_deg         ?     ? ? ? 'X-RAY DIFFRACTION' ? 
p_planar_d          ?     ? ? ? 'X-RAY DIFFRACTION' ? 
p_hb_or_metal_coord ?     ? ? ? 'X-RAY DIFFRACTION' ? 
p_mcbond_it         ?     ? ? ? 'X-RAY DIFFRACTION' ? 
p_mcangle_it        ?     ? ? ? 'X-RAY DIFFRACTION' ? 
p_scbond_it         ?     ? ? ? 'X-RAY DIFFRACTION' ? 
p_scangle_it        ?     ? ? ? 'X-RAY DIFFRACTION' ? 
p_plane_restr       ?     ? ? ? 'X-RAY DIFFRACTION' ? 
p_chiral_restr      ?     ? ? ? 'X-RAY DIFFRACTION' ? 
p_singtor_nbd       ?     ? ? ? 'X-RAY DIFFRACTION' ? 
p_multtor_nbd       ?     ? ? ? 'X-RAY DIFFRACTION' ? 
p_xhyhbond_nbd      ?     ? ? ? 'X-RAY DIFFRACTION' ? 
p_xyhbond_nbd       ?     ? ? ? 'X-RAY DIFFRACTION' ? 
p_planar_tor        ?     ? ? ? 'X-RAY DIFFRACTION' ? 
p_staggered_tor     ?     ? ? ? 'X-RAY DIFFRACTION' ? 
p_orthonormal_tor   ?     ? ? ? 'X-RAY DIFFRACTION' ? 
p_transverse_tor    ?     ? ? ? 'X-RAY DIFFRACTION' ? 
p_special_tor       ?     ? ? ? 'X-RAY DIFFRACTION' ? 
# 
_struct.entry_id                  1B98 
_struct.title                     'NEUROTROPHIN 4 (HOMODIMER)' 
_struct.pdbx_model_details        ? 
_struct.pdbx_CASP_flag            ? 
_struct.pdbx_model_type_details   ? 
# 
_struct_keywords.entry_id        1B98 
_struct_keywords.pdbx_keywords   'HORMONE/GROWTH FACTOR' 
_struct_keywords.text            'TARGET-DERIVED SURVIVAL FACTOR, NEUROTROPHIN 4, NEUROTROPHIN 5, HORMONE-GROWTH FACTOR COMPLEX' 
# 
loop_
_struct_asym.id 
_struct_asym.pdbx_blank_PDB_chainid_flag 
_struct_asym.pdbx_modified 
_struct_asym.entity_id 
_struct_asym.details 
A N N 1 ? 
B N N 1 ? 
C N N 2 ? 
D N N 3 ? 
E N N 3 ? 
# 
_struct_ref.id                         1 
_struct_ref.db_name                    UNP 
_struct_ref.db_code                    NT5_HUMAN 
_struct_ref.entity_id                  1 
_struct_ref.pdbx_db_accession          P34130 
_struct_ref.pdbx_db_isoform            ? 
_struct_ref.pdbx_seq_one_letter_code   ? 
_struct_ref.pdbx_align_begin           ? 
# 
loop_
_struct_ref_seq.align_id 
_struct_ref_seq.ref_id 
_struct_ref_seq.pdbx_PDB_id_code 
_struct_ref_seq.pdbx_strand_id 
_struct_ref_seq.seq_align_beg 
_struct_ref_seq.pdbx_seq_align_beg_ins_code 
_struct_ref_seq.seq_align_end 
_struct_ref_seq.pdbx_seq_align_end_ins_code 
_struct_ref_seq.pdbx_db_accession 
_struct_ref_seq.db_align_beg 
_struct_ref_seq.pdbx_db_align_beg_ins_code 
_struct_ref_seq.db_align_end 
_struct_ref_seq.pdbx_db_align_end_ins_code 
_struct_ref_seq.pdbx_auth_seq_align_beg 
_struct_ref_seq.pdbx_auth_seq_align_end 
1 1 1B98 A 1 ? 130 ? P34130 81 ? 210 ? 1 130 
2 1 1B98 M 1 ? 130 ? P34130 81 ? 210 ? 1 130 
# 
_pdbx_struct_assembly.id                   1 
_pdbx_struct_assembly.details              author_and_software_defined_assembly 
_pdbx_struct_assembly.method_details       PISA 
_pdbx_struct_assembly.oligomeric_details   dimeric 
_pdbx_struct_assembly.oligomeric_count     2 
# 
loop_
_pdbx_struct_assembly_prop.biol_id 
_pdbx_struct_assembly_prop.type 
_pdbx_struct_assembly_prop.value 
_pdbx_struct_assembly_prop.details 
1 'ABSA (A^2)' 3020  ? 
1 MORE         -31   ? 
1 'SSA (A^2)'  11710 ? 
# 
_pdbx_struct_assembly_gen.assembly_id       1 
_pdbx_struct_assembly_gen.oper_expression   1 
_pdbx_struct_assembly_gen.asym_id_list      A,B,C,D,E 
# 
_pdbx_struct_oper_list.id                   1 
_pdbx_struct_oper_list.type                 'identity operation' 
_pdbx_struct_oper_list.name                 1_555 
_pdbx_struct_oper_list.symmetry_operation   x,y,z 
_pdbx_struct_oper_list.matrix[1][1]         1.0000000000 
_pdbx_struct_oper_list.matrix[1][2]         0.0000000000 
_pdbx_struct_oper_list.matrix[1][3]         0.0000000000 
_pdbx_struct_oper_list.vector[1]            0.0000000000 
_pdbx_struct_oper_list.matrix[2][1]         0.0000000000 
_pdbx_struct_oper_list.matrix[2][2]         1.0000000000 
_pdbx_struct_oper_list.matrix[2][3]         0.0000000000 
_pdbx_struct_oper_list.vector[2]            0.0000000000 
_pdbx_struct_oper_list.matrix[3][1]         0.0000000000 
_pdbx_struct_oper_list.matrix[3][2]         0.0000000000 
_pdbx_struct_oper_list.matrix[3][3]         1.0000000000 
_pdbx_struct_oper_list.vector[3]            0.0000000000 
# 
_struct_biol.id   1 
# 
loop_
_struct_conn.id 
_struct_conn.conn_type_id 
_struct_conn.pdbx_leaving_atom_flag 
_struct_conn.pdbx_PDB_id 
_struct_conn.ptnr1_label_asym_id 
_struct_conn.ptnr1_label_comp_id 
_struct_conn.ptnr1_label_seq_id 
_struct_conn.ptnr1_label_atom_id 
_struct_conn.pdbx_ptnr1_label_alt_id 
_struct_conn.pdbx_ptnr1_PDB_ins_code 
_struct_conn.pdbx_ptnr1_standard_comp_id 
_struct_conn.ptnr1_symmetry 
_struct_conn.ptnr2_label_asym_id 
_struct_conn.ptnr2_label_comp_id 
_struct_conn.ptnr2_label_seq_id 
_struct_conn.ptnr2_label_atom_id 
_struct_conn.pdbx_ptnr2_label_alt_id 
_struct_conn.pdbx_ptnr2_PDB_ins_code 
_struct_conn.ptnr1_auth_asym_id 
_struct_conn.ptnr1_auth_comp_id 
_struct_conn.ptnr1_auth_seq_id 
_struct_conn.ptnr2_auth_asym_id 
_struct_conn.ptnr2_auth_comp_id 
_struct_conn.ptnr2_auth_seq_id 
_struct_conn.ptnr2_symmetry 
_struct_conn.pdbx_ptnr3_label_atom_id 
_struct_conn.pdbx_ptnr3_label_seq_id 
_struct_conn.pdbx_ptnr3_label_comp_id 
_struct_conn.pdbx_ptnr3_label_asym_id 
_struct_conn.pdbx_ptnr3_label_alt_id 
_struct_conn.pdbx_ptnr3_PDB_ins_code 
_struct_conn.details 
_struct_conn.pdbx_dist_value 
_struct_conn.pdbx_value_order 
_struct_conn.pdbx_role 
disulf1 disulf ? ? A CYS 17 SG ? ? ? 1_555 A CYS 90  SG ? ? A CYS 17 A CYS 90  1_555 ? ? ? ? ? ? ? 2.019 ? ? 
disulf2 disulf ? ? A CYS 61 SG ? ? ? 1_555 A CYS 119 SG ? ? A CYS 61 A CYS 119 1_555 ? ? ? ? ? ? ? 2.035 ? ? 
disulf3 disulf ? ? A CYS 78 SG ? ? ? 1_555 A CYS 121 SG ? ? A CYS 78 A CYS 121 1_555 ? ? ? ? ? ? ? 2.081 ? ? 
disulf4 disulf ? ? B CYS 17 SG ? ? ? 1_555 B CYS 90  SG ? ? M CYS 17 M CYS 90  1_555 ? ? ? ? ? ? ? 1.988 ? ? 
disulf5 disulf ? ? B CYS 61 SG ? ? ? 1_555 B CYS 119 SG ? ? M CYS 61 M CYS 119 1_555 ? ? ? ? ? ? ? 2.478 ? ? 
disulf6 disulf ? ? B CYS 78 SG ? ? ? 1_555 B CYS 121 SG ? ? M CYS 78 M CYS 121 1_555 ? ? ? ? ? ? ? 2.353 ? ? 
# 
_struct_conn_type.id          disulf 
_struct_conn_type.criteria    ? 
_struct_conn_type.reference   ? 
# 
loop_
_pdbx_modification_feature.ordinal 
_pdbx_modification_feature.label_comp_id 
_pdbx_modification_feature.label_asym_id 
_pdbx_modification_feature.label_seq_id 
_pdbx_modification_feature.label_alt_id 
_pdbx_modification_feature.modified_residue_label_comp_id 
_pdbx_modification_feature.modified_residue_label_asym_id 
_pdbx_modification_feature.modified_residue_label_seq_id 
_pdbx_modification_feature.modified_residue_label_alt_id 
_pdbx_modification_feature.auth_comp_id 
_pdbx_modification_feature.auth_asym_id 
_pdbx_modification_feature.auth_seq_id 
_pdbx_modification_feature.PDB_ins_code 
_pdbx_modification_feature.symmetry 
_pdbx_modification_feature.modified_residue_auth_comp_id 
_pdbx_modification_feature.modified_residue_auth_asym_id 
_pdbx_modification_feature.modified_residue_auth_seq_id 
_pdbx_modification_feature.modified_residue_PDB_ins_code 
_pdbx_modification_feature.modified_residue_symmetry 
_pdbx_modification_feature.comp_id_linking_atom 
_pdbx_modification_feature.modified_residue_id_linking_atom 
_pdbx_modification_feature.modified_residue_id 
_pdbx_modification_feature.ref_pcm_id 
_pdbx_modification_feature.ref_comp_id 
_pdbx_modification_feature.type 
_pdbx_modification_feature.category 
1 CYS A 17 ? CYS A 90  ? CYS A 17 ? 1_555 CYS A 90  ? 1_555 SG SG . . . None 'Disulfide bridge' 
2 CYS A 61 ? CYS A 119 ? CYS A 61 ? 1_555 CYS A 119 ? 1_555 SG SG . . . None 'Disulfide bridge' 
3 CYS A 78 ? CYS A 121 ? CYS A 78 ? 1_555 CYS A 121 ? 1_555 SG SG . . . None 'Disulfide bridge' 
4 CYS B 17 ? CYS B 90  ? CYS M 17 ? 1_555 CYS M 90  ? 1_555 SG SG . . . None 'Disulfide bridge' 
5 CYS B 61 ? CYS B 119 ? CYS M 61 ? 1_555 CYS M 119 ? 1_555 SG SG . . . None 'Disulfide bridge' 
6 CYS B 78 ? CYS B 121 ? CYS M 78 ? 1_555 CYS M 121 ? 1_555 SG SG . . . None 'Disulfide bridge' 
# 
loop_
_struct_sheet.id 
_struct_sheet.type 
_struct_sheet.number_strands 
_struct_sheet.details 
A ? 2 ? 
B ? 5 ? 
C ? 2 ? 
D ? 4 ? 
E ? 2 ? 
# 
loop_
_struct_sheet_order.sheet_id 
_struct_sheet_order.range_id_1 
_struct_sheet_order.range_id_2 
_struct_sheet_order.offset 
_struct_sheet_order.sense 
A 1 2 ? anti-parallel 
B 1 2 ? anti-parallel 
B 2 3 ? anti-parallel 
B 3 4 ? anti-parallel 
B 4 5 ? anti-parallel 
C 1 2 ? anti-parallel 
D 1 2 ? anti-parallel 
D 2 3 ? anti-parallel 
D 3 4 ? anti-parallel 
E 1 2 ? anti-parallel 
# 
loop_
_struct_sheet_range.sheet_id 
_struct_sheet_range.id 
_struct_sheet_range.beg_label_comp_id 
_struct_sheet_range.beg_label_asym_id 
_struct_sheet_range.beg_label_seq_id 
_struct_sheet_range.pdbx_beg_PDB_ins_code 
_struct_sheet_range.end_label_comp_id 
_struct_sheet_range.end_label_asym_id 
_struct_sheet_range.end_label_seq_id 
_struct_sheet_range.pdbx_end_PDB_ins_code 
_struct_sheet_range.beg_auth_comp_id 
_struct_sheet_range.beg_auth_asym_id 
_struct_sheet_range.beg_auth_seq_id 
_struct_sheet_range.end_auth_comp_id 
_struct_sheet_range.end_auth_asym_id 
_struct_sheet_range.end_auth_seq_id 
A 1 ALA A 19  ? VAL A 24  ? ALA A 19  VAL A 24  
A 2 PHE A 56  ? CYS A 61  ? PHE A 56  CYS A 61  
B 1 THR A 29  ? VAL A 31  ? THR A 29  VAL A 31  
B 2 GLU A 37  ? VAL A 40  ? GLU A 37  VAL A 40  
B 3 SER A 88  ? ALA A 102 ? SER A 88  ALA A 102 
B 4 GLY A 109 ? LEU A 123 ? GLY A 109 LEU A 123 
B 5 LEU B 14  ? ALA B 15  ? LEU M 14  ALA M 15  
C 1 ALA B 19  ? VAL B 24  ? ALA M 19  VAL M 24  
C 2 PHE B 56  ? CYS B 61  ? PHE M 56  CYS M 61  
D 1 THR B 29  ? VAL B 31  ? THR M 29  VAL M 31  
D 2 GLU B 37  ? VAL B 40  ? GLU M 37  VAL M 40  
D 3 VAL B 87  ? ALA B 102 ? VAL M 87  ALA M 102 
D 4 VAL B 108 ? SER B 125 ? VAL M 108 SER M 125 
E 1 GLU B 43  ? VAL B 44  ? GLU M 43  VAL M 44  
E 2 LEU B 52  ? ARG B 53  ? LEU M 52  ARG M 53  
# 
loop_
_pdbx_struct_sheet_hbond.sheet_id 
_pdbx_struct_sheet_hbond.range_id_1 
_pdbx_struct_sheet_hbond.range_id_2 
_pdbx_struct_sheet_hbond.range_1_label_atom_id 
_pdbx_struct_sheet_hbond.range_1_label_comp_id 
_pdbx_struct_sheet_hbond.range_1_label_asym_id 
_pdbx_struct_sheet_hbond.range_1_label_seq_id 
_pdbx_struct_sheet_hbond.range_1_PDB_ins_code 
_pdbx_struct_sheet_hbond.range_1_auth_atom_id 
_pdbx_struct_sheet_hbond.range_1_auth_comp_id 
_pdbx_struct_sheet_hbond.range_1_auth_asym_id 
_pdbx_struct_sheet_hbond.range_1_auth_seq_id 
_pdbx_struct_sheet_hbond.range_2_label_atom_id 
_pdbx_struct_sheet_hbond.range_2_label_comp_id 
_pdbx_struct_sheet_hbond.range_2_label_asym_id 
_pdbx_struct_sheet_hbond.range_2_label_seq_id 
_pdbx_struct_sheet_hbond.range_2_PDB_ins_code 
_pdbx_struct_sheet_hbond.range_2_auth_atom_id 
_pdbx_struct_sheet_hbond.range_2_auth_comp_id 
_pdbx_struct_sheet_hbond.range_2_auth_asym_id 
_pdbx_struct_sheet_hbond.range_2_auth_seq_id 
A 1 2 N VAL A 24  ? N VAL A 24  O PHE A 56  ? O PHE A 56  
B 1 2 O ALA A 30  ? O ALA A 30  N VAL A 38  ? N VAL A 38  
B 2 3 O GLU A 39  ? O GLU A 39  N ALA A 102 ? N ALA A 102 
B 3 4 N THR A 101 ? N THR A 101 O GLY A 109 ? O GLY A 109 
B 4 5 O LEU A 123 ? O LEU A 123 N LEU B 14  ? N LEU M 14  
C 1 2 N VAL B 24  ? N VAL M 24  O PHE B 56  ? O PHE M 56  
D 1 2 O ALA B 30  ? O ALA M 30  N VAL B 38  ? N VAL M 38  
D 2 3 O GLU B 39  ? O GLU M 39  N ALA B 102 ? N ALA M 102 
D 3 4 N THR B 101 ? N THR M 101 O GLY B 109 ? O GLY M 109 
E 1 2 O VAL B 44  ? O VAL M 44  N LEU B 52  ? N LEU M 52  
# 
_struct_site.id                   AC1 
_struct_site.pdbx_evidence_code   Software 
_struct_site.pdbx_auth_asym_id    A 
_struct_site.pdbx_auth_comp_id    CL 
_struct_site.pdbx_auth_seq_id     200 
_struct_site.pdbx_auth_ins_code   ? 
_struct_site.pdbx_num_residues    3 
_struct_site.details              'BINDING SITE FOR RESIDUE CL A 200' 
# 
loop_
_struct_site_gen.id 
_struct_site_gen.site_id 
_struct_site_gen.pdbx_num_res 
_struct_site_gen.label_comp_id 
_struct_site_gen.label_asym_id 
_struct_site_gen.label_seq_id 
_struct_site_gen.pdbx_auth_ins_code 
_struct_site_gen.auth_comp_id 
_struct_site_gen.auth_asym_id 
_struct_site_gen.auth_seq_id 
_struct_site_gen.label_atom_id 
_struct_site_gen.label_alt_id 
_struct_site_gen.symmetry 
_struct_site_gen.details 
1 AC1 3 CYS A 121 ? CYS A 121 . ? 1_555 ? 
2 AC1 3 CYS B 121 ? CYS M 121 . ? 1_555 ? 
3 AC1 3 HOH E .   ? HOH M 134 . ? 1_555 ? 
# 
_pdbx_entry_details.entry_id                   1B98 
_pdbx_entry_details.compound_details           ? 
_pdbx_entry_details.source_details             ? 
_pdbx_entry_details.nonpolymer_details         ? 
_pdbx_entry_details.sequence_details           ? 
_pdbx_entry_details.has_ligand_of_interest     ? 
_pdbx_entry_details.has_protein_modification   Y 
# 
_pdbx_validate_close_contact.id               1 
_pdbx_validate_close_contact.PDB_model_num    1 
_pdbx_validate_close_contact.auth_atom_id_1   N 
_pdbx_validate_close_contact.auth_asym_id_1   M 
_pdbx_validate_close_contact.auth_comp_id_1   ARG 
_pdbx_validate_close_contact.auth_seq_id_1    107 
_pdbx_validate_close_contact.PDB_ins_code_1   ? 
_pdbx_validate_close_contact.label_alt_id_1   ? 
_pdbx_validate_close_contact.auth_atom_id_2   O 
_pdbx_validate_close_contact.auth_asym_id_2   M 
_pdbx_validate_close_contact.auth_comp_id_2   HOH 
_pdbx_validate_close_contact.auth_seq_id_2    154 
_pdbx_validate_close_contact.PDB_ins_code_2   ? 
_pdbx_validate_close_contact.label_alt_id_2   ? 
_pdbx_validate_close_contact.dist             2.15 
# 
loop_
_pdbx_validate_rmsd_angle.id 
_pdbx_validate_rmsd_angle.PDB_model_num 
_pdbx_validate_rmsd_angle.auth_atom_id_1 
_pdbx_validate_rmsd_angle.auth_asym_id_1 
_pdbx_validate_rmsd_angle.auth_comp_id_1 
_pdbx_validate_rmsd_angle.auth_seq_id_1 
_pdbx_validate_rmsd_angle.PDB_ins_code_1 
_pdbx_validate_rmsd_angle.label_alt_id_1 
_pdbx_validate_rmsd_angle.auth_atom_id_2 
_pdbx_validate_rmsd_angle.auth_asym_id_2 
_pdbx_validate_rmsd_angle.auth_comp_id_2 
_pdbx_validate_rmsd_angle.auth_seq_id_2 
_pdbx_validate_rmsd_angle.PDB_ins_code_2 
_pdbx_validate_rmsd_angle.label_alt_id_2 
_pdbx_validate_rmsd_angle.auth_atom_id_3 
_pdbx_validate_rmsd_angle.auth_asym_id_3 
_pdbx_validate_rmsd_angle.auth_comp_id_3 
_pdbx_validate_rmsd_angle.auth_seq_id_3 
_pdbx_validate_rmsd_angle.PDB_ins_code_3 
_pdbx_validate_rmsd_angle.label_alt_id_3 
_pdbx_validate_rmsd_angle.angle_value 
_pdbx_validate_rmsd_angle.angle_target_value 
_pdbx_validate_rmsd_angle.angle_deviation 
_pdbx_validate_rmsd_angle.angle_standard_deviation 
_pdbx_validate_rmsd_angle.linker_flag 
1  1 N   A VAL 16  ? ? CA A VAL 16  ? ? CB  A VAL 16  ? ? 97.16  111.50 -14.34 2.20 N 
2  1 CG1 A VAL 16  ? ? CB A VAL 16  ? ? CG2 A VAL 16  ? ? 120.90 110.90 10.00  1.60 N 
3  1 CB  A ASP 26  ? ? CG A ASP 26  ? ? OD2 A ASP 26  ? ? 112.10 118.30 -6.20  0.90 N 
4  1 NE  A ARG 28  ? ? CZ A ARG 28  ? ? NH1 A ARG 28  ? ? 124.14 120.30 3.84   0.50 N 
5  1 NE  A ARG 28  ? ? CZ A ARG 28  ? ? NH2 A ARG 28  ? ? 115.32 120.30 -4.98  0.50 N 
6  1 C   A LEU 52  ? ? N  A ARG 53  ? ? CA  A ARG 53  ? ? 138.08 121.70 16.38  2.50 Y 
7  1 CA  A TYR 55  ? ? CB A TYR 55  ? ? CG  A TYR 55  ? ? 131.06 113.40 17.66  1.90 N 
8  1 CB  A TYR 55  ? ? CG A TYR 55  ? ? CD2 A TYR 55  ? ? 117.10 121.00 -3.90  0.60 N 
9  1 CB  A TYR 55  ? ? CG A TYR 55  ? ? CD1 A TYR 55  ? ? 125.73 121.00 4.73   0.60 N 
10 1 CD  A ARG 60  ? ? NE A ARG 60  ? ? CZ  A ARG 60  ? ? 140.35 123.60 16.75  1.40 N 
11 1 NE  A ARG 60  ? ? CZ A ARG 60  ? ? NH1 A ARG 60  ? ? 124.12 120.30 3.82   0.50 N 
12 1 NE  A ARG 60  ? ? CZ A ARG 60  ? ? NH2 A ARG 60  ? ? 112.65 120.30 -7.65  0.50 N 
13 1 N   A GLU 67  ? ? CA A GLU 67  ? ? CB  A GLU 67  ? ? 122.36 110.60 11.76  1.80 N 
14 1 CD  A ARG 79  ? ? NE A ARG 79  ? ? CZ  A ARG 79  ? ? 138.24 123.60 14.64  1.40 N 
15 1 NE  A ARG 79  ? ? CZ A ARG 79  ? ? NH1 A ARG 79  ? ? 126.37 120.30 6.07   0.50 N 
16 1 NE  A ARG 79  ? ? CZ A ARG 79  ? ? NH2 A ARG 79  ? ? 116.49 120.30 -3.81  0.50 N 
17 1 CA  A GLY 80  ? ? C  A GLY 80  ? ? O   A GLY 80  ? ? 109.46 120.60 -11.14 1.80 N 
18 1 CD  A ARG 83  ? ? NE A ARG 83  ? ? CZ  A ARG 83  ? ? 141.39 123.60 17.79  1.40 N 
19 1 NE  A ARG 83  ? ? CZ A ARG 83  ? ? NH1 A ARG 83  ? ? 124.46 120.30 4.16   0.50 N 
20 1 CD  A ARG 84  ? ? NE A ARG 84  ? ? CZ  A ARG 84  ? ? 133.19 123.60 9.59   1.40 N 
21 1 CD  A ARG 98  ? ? NE A ARG 98  ? ? CZ  A ARG 98  ? ? 145.51 123.60 21.91  1.40 N 
22 1 N   A LEU 100 ? ? CA A LEU 100 ? ? CB  A LEU 100 ? ? 122.65 110.40 12.25  2.00 N 
23 1 NE  A ARG 111 ? ? CZ A ARG 111 ? ? NH1 A ARG 111 ? ? 117.16 120.30 -3.14  0.50 N 
24 1 NE  A ARG 114 ? ? CZ A ARG 114 ? ? NH1 A ARG 114 ? ? 117.30 120.30 -3.00  0.50 N 
25 1 CB  A SER 125 ? ? CA A SER 125 ? ? C   A SER 125 ? ? 97.62  110.10 -12.48 1.90 N 
26 1 N   A SER 125 ? ? CA A SER 125 ? ? CB  A SER 125 ? ? 97.13  110.50 -13.37 1.50 N 
27 1 N   A SER 125 ? ? CA A SER 125 ? ? C   A SER 125 ? ? 131.64 111.00 20.64  2.70 N 
28 1 CB  M ASP 26  ? ? CG M ASP 26  ? ? OD1 M ASP 26  ? ? 127.59 118.30 9.29   0.90 N 
29 1 NE  M ARG 27  ? ? CZ M ARG 27  ? ? NH2 M ARG 27  ? ? 124.44 120.30 4.14   0.50 N 
30 1 NE  M ARG 28  ? ? CZ M ARG 28  ? ? NH2 M ARG 28  ? ? 127.36 120.30 7.06   0.50 N 
31 1 CB  M ASP 32  ? ? CG M ASP 32  ? ? OD1 M ASP 32  ? ? 127.04 118.30 8.74   0.90 N 
32 1 CB  M ASP 32  ? ? CG M ASP 32  ? ? OD2 M ASP 32  ? ? 112.44 118.30 -5.86  0.90 N 
33 1 CB  M LEU 33  ? ? CG M LEU 33  ? ? CD1 M LEU 33  ? ? 123.34 111.00 12.34  1.70 N 
34 1 CG  M ARG 36  ? ? CD M ARG 36  ? ? NE  M ARG 36  ? ? 128.35 111.80 16.55  2.10 N 
35 1 CD  M ARG 36  ? ? NE M ARG 36  ? ? CZ  M ARG 36  ? ? 141.77 123.60 18.17  1.40 N 
36 1 NE  M ARG 36  ? ? CZ M ARG 36  ? ? NH1 M ARG 36  ? ? 123.53 120.30 3.23   0.50 N 
37 1 OE1 M GLU 37  ? ? CD M GLU 37  ? ? OE2 M GLU 37  ? ? 134.97 123.30 11.67  1.20 N 
38 1 O   M GLU 37  ? ? C  M GLU 37  ? ? N   M VAL 38  ? ? 112.29 122.70 -10.41 1.60 Y 
39 1 CG  M ARG 79  ? ? CD M ARG 79  ? ? NE  M ARG 79  ? ? 125.89 111.80 14.09  2.10 N 
40 1 NE  M ARG 79  ? ? CZ M ARG 79  ? ? NH1 M ARG 79  ? ? 116.57 120.30 -3.73  0.50 N 
41 1 NE  M ARG 79  ? ? CZ M ARG 79  ? ? NH2 M ARG 79  ? ? 123.33 120.30 3.03   0.50 N 
42 1 NE  M ARG 83  ? ? CZ M ARG 83  ? ? NH1 M ARG 83  ? ? 124.93 120.30 4.63   0.50 N 
43 1 CB  M LYS 91  ? ? CA M LYS 91  ? ? C   M LYS 91  ? ? 97.60  110.40 -12.80 2.00 N 
44 1 CD  M ARG 98  ? ? NE M ARG 98  ? ? CZ  M ARG 98  ? ? 139.35 123.60 15.75  1.40 N 
45 1 NH1 M ARG 98  ? ? CZ M ARG 98  ? ? NH2 M ARG 98  ? ? 110.13 119.40 -9.27  1.10 N 
46 1 NE  M ARG 98  ? ? CZ M ARG 98  ? ? NH1 M ARG 98  ? ? 126.60 120.30 6.30   0.50 N 
47 1 CA  M ASP 103 ? ? CB M ASP 103 ? ? CG  M ASP 103 ? ? 93.32  113.40 -20.08 2.20 N 
48 1 N   M ASP 103 ? ? CA M ASP 103 ? ? C   M ASP 103 ? ? 134.68 111.00 23.68  2.70 N 
49 1 CA  M ASP 103 ? ? C  M ASP 103 ? ? O   M ASP 103 ? ? 141.93 120.10 21.83  2.10 N 
50 1 O   M ASP 103 ? ? C  M ASP 103 ? ? N   M ALA 104 ? ? 103.47 122.70 -19.23 1.60 Y 
51 1 C   M ASP 103 ? ? N  M ALA 104 ? ? CA  M ALA 104 ? ? 160.51 121.70 38.81  2.50 Y 
52 1 N   M GLN 105 ? ? CA M GLN 105 ? ? CB  M GLN 105 ? ? 121.68 110.60 11.08  1.80 N 
53 1 CD  M ARG 114 ? ? NE M ARG 114 ? ? CZ  M ARG 114 ? ? 175.75 123.60 52.15  1.40 N 
54 1 NE  M ARG 114 ? ? CZ M ARG 114 ? ? NH1 M ARG 114 ? ? 123.82 120.30 3.52   0.50 N 
55 1 NE  M ARG 114 ? ? CZ M ARG 114 ? ? NH2 M ARG 114 ? ? 113.94 120.30 -6.36  0.50 N 
56 1 C   M SER 125 ? ? N  M ARG 126 ? ? CA  M ARG 126 ? ? 138.20 121.70 16.50  2.50 Y 
# 
loop_
_pdbx_validate_torsion.id 
_pdbx_validate_torsion.PDB_model_num 
_pdbx_validate_torsion.auth_comp_id 
_pdbx_validate_torsion.auth_asym_id 
_pdbx_validate_torsion.auth_seq_id 
_pdbx_validate_torsion.PDB_ins_code 
_pdbx_validate_torsion.label_alt_id 
_pdbx_validate_torsion.phi 
_pdbx_validate_torsion.psi 
1 1 SER A 125 ? ? -125.48 -154.27 
2 1 ARG A 126 ? ? -174.02 49.64   
3 1 ALA M 46  ? ? -153.06 70.08   
4 1 PRO M 71  ? ? -74.31  -167.45 
5 1 ASP M 103 ? ? 179.96  120.18  
6 1 ALA M 104 ? ? 161.48  -140.70 
# 
loop_
_pdbx_validate_main_chain_plane.id 
_pdbx_validate_main_chain_plane.PDB_model_num 
_pdbx_validate_main_chain_plane.auth_comp_id 
_pdbx_validate_main_chain_plane.auth_asym_id 
_pdbx_validate_main_chain_plane.auth_seq_id 
_pdbx_validate_main_chain_plane.PDB_ins_code 
_pdbx_validate_main_chain_plane.label_alt_id 
_pdbx_validate_main_chain_plane.improper_torsion_angle 
1 1 CYS A 17  ? ? 14.46  
2 1 SER A 21  ? ? -13.21 
3 1 GLU M 37  ? ? 12.59  
4 1 TYR M 55  ? ? 11.90  
5 1 ALA M 99  ? ? 10.49  
6 1 ASP M 103 ? ? 10.81  
7 1 ALA M 104 ? ? -11.50 
# 
loop_
_pdbx_unobs_or_zero_occ_residues.id 
_pdbx_unobs_or_zero_occ_residues.PDB_model_num 
_pdbx_unobs_or_zero_occ_residues.polymer_flag 
_pdbx_unobs_or_zero_occ_residues.occupancy_flag 
_pdbx_unobs_or_zero_occ_residues.auth_asym_id 
_pdbx_unobs_or_zero_occ_residues.auth_comp_id 
_pdbx_unobs_or_zero_occ_residues.auth_seq_id 
_pdbx_unobs_or_zero_occ_residues.PDB_ins_code 
_pdbx_unobs_or_zero_occ_residues.label_asym_id 
_pdbx_unobs_or_zero_occ_residues.label_comp_id 
_pdbx_unobs_or_zero_occ_residues.label_seq_id 
1  1 Y 1 A GLY 1   ? A GLY 1   
2  1 Y 1 A VAL 2   ? A VAL 2   
3  1 Y 1 A SER 3   ? A SER 3   
4  1 Y 1 A GLU 4   ? A GLU 4   
5  1 Y 1 A THR 5   ? A THR 5   
6  1 Y 1 A ALA 6   ? A ALA 6   
7  1 Y 1 A PRO 7   ? A PRO 7   
8  1 Y 1 A ALA 8   ? A ALA 8   
9  1 Y 1 A SER 9   ? A SER 9   
10 1 Y 1 A ARG 10  ? A ARG 10  
11 1 Y 1 A ARG 11  ? A ARG 11  
12 1 Y 1 A GLY 12  ? A GLY 12  
13 1 Y 1 A PRO 45  ? A PRO 45  
14 1 Y 1 A ALA 46  ? A ALA 46  
15 1 Y 1 A ALA 47  ? A ALA 47  
16 1 Y 1 A GLY 48  ? A GLY 48  
17 1 Y 1 A GLY 49  ? A GLY 49  
18 1 Y 1 A SER 50  ? A SER 50  
19 1 Y 1 A PRO 51  ? A PRO 51  
20 1 Y 1 A ASP 103 ? A ASP 103 
21 1 Y 1 A ALA 104 ? A ALA 104 
22 1 Y 1 A GLN 105 ? A GLN 105 
23 1 Y 1 A GLY 106 ? A GLY 106 
24 1 Y 1 A ARG 107 ? A ARG 107 
25 1 Y 1 A GLY 128 ? A GLY 128 
26 1 Y 1 A ARG 129 ? A ARG 129 
27 1 Y 1 A ALA 130 ? A ALA 130 
28 1 Y 1 M GLY 1   ? B GLY 1   
29 1 Y 1 M VAL 2   ? B VAL 2   
30 1 Y 1 M SER 3   ? B SER 3   
31 1 Y 1 M GLU 4   ? B GLU 4   
32 1 Y 1 M THR 5   ? B THR 5   
33 1 Y 1 M ALA 6   ? B ALA 6   
34 1 Y 1 M PRO 7   ? B PRO 7   
35 1 Y 1 M ALA 8   ? B ALA 8   
36 1 Y 1 M SER 9   ? B SER 9   
37 1 Y 1 M ARG 10  ? B ARG 10  
38 1 Y 1 M ASN 65  ? B ASN 65  
39 1 Y 1 M ALA 66  ? B ALA 66  
40 1 Y 1 M GLU 67  ? B GLU 67  
41 1 Y 1 M THR 127 ? B THR 127 
42 1 Y 1 M GLY 128 ? B GLY 128 
43 1 Y 1 M ARG 129 ? B ARG 129 
44 1 Y 1 M ALA 130 ? B ALA 130 
# 
loop_
_chem_comp_atom.comp_id 
_chem_comp_atom.atom_id 
_chem_comp_atom.type_symbol 
_chem_comp_atom.pdbx_aromatic_flag 
_chem_comp_atom.pdbx_stereo_config 
_chem_comp_atom.pdbx_ordinal 
ALA N    N  N N 1   
ALA CA   C  N S 2   
ALA C    C  N N 3   
ALA O    O  N N 4   
ALA CB   C  N N 5   
ALA OXT  O  N N 6   
ALA H    H  N N 7   
ALA H2   H  N N 8   
ALA HA   H  N N 9   
ALA HB1  H  N N 10  
ALA HB2  H  N N 11  
ALA HB3  H  N N 12  
ALA HXT  H  N N 13  
ARG N    N  N N 14  
ARG CA   C  N S 15  
ARG C    C  N N 16  
ARG O    O  N N 17  
ARG CB   C  N N 18  
ARG CG   C  N N 19  
ARG CD   C  N N 20  
ARG NE   N  N N 21  
ARG CZ   C  N N 22  
ARG NH1  N  N N 23  
ARG NH2  N  N N 24  
ARG OXT  O  N N 25  
ARG H    H  N N 26  
ARG H2   H  N N 27  
ARG HA   H  N N 28  
ARG HB2  H  N N 29  
ARG HB3  H  N N 30  
ARG HG2  H  N N 31  
ARG HG3  H  N N 32  
ARG HD2  H  N N 33  
ARG HD3  H  N N 34  
ARG HE   H  N N 35  
ARG HH11 H  N N 36  
ARG HH12 H  N N 37  
ARG HH21 H  N N 38  
ARG HH22 H  N N 39  
ARG HXT  H  N N 40  
ASN N    N  N N 41  
ASN CA   C  N S 42  
ASN C    C  N N 43  
ASN O    O  N N 44  
ASN CB   C  N N 45  
ASN CG   C  N N 46  
ASN OD1  O  N N 47  
ASN ND2  N  N N 48  
ASN OXT  O  N N 49  
ASN H    H  N N 50  
ASN H2   H  N N 51  
ASN HA   H  N N 52  
ASN HB2  H  N N 53  
ASN HB3  H  N N 54  
ASN HD21 H  N N 55  
ASN HD22 H  N N 56  
ASN HXT  H  N N 57  
ASP N    N  N N 58  
ASP CA   C  N S 59  
ASP C    C  N N 60  
ASP O    O  N N 61  
ASP CB   C  N N 62  
ASP CG   C  N N 63  
ASP OD1  O  N N 64  
ASP OD2  O  N N 65  
ASP OXT  O  N N 66  
ASP H    H  N N 67  
ASP H2   H  N N 68  
ASP HA   H  N N 69  
ASP HB2  H  N N 70  
ASP HB3  H  N N 71  
ASP HD2  H  N N 72  
ASP HXT  H  N N 73  
CL  CL   CL N N 74  
CYS N    N  N N 75  
CYS CA   C  N R 76  
CYS C    C  N N 77  
CYS O    O  N N 78  
CYS CB   C  N N 79  
CYS SG   S  N N 80  
CYS OXT  O  N N 81  
CYS H    H  N N 82  
CYS H2   H  N N 83  
CYS HA   H  N N 84  
CYS HB2  H  N N 85  
CYS HB3  H  N N 86  
CYS HG   H  N N 87  
CYS HXT  H  N N 88  
GLN N    N  N N 89  
GLN CA   C  N S 90  
GLN C    C  N N 91  
GLN O    O  N N 92  
GLN CB   C  N N 93  
GLN CG   C  N N 94  
GLN CD   C  N N 95  
GLN OE1  O  N N 96  
GLN NE2  N  N N 97  
GLN OXT  O  N N 98  
GLN H    H  N N 99  
GLN H2   H  N N 100 
GLN HA   H  N N 101 
GLN HB2  H  N N 102 
GLN HB3  H  N N 103 
GLN HG2  H  N N 104 
GLN HG3  H  N N 105 
GLN HE21 H  N N 106 
GLN HE22 H  N N 107 
GLN HXT  H  N N 108 
GLU N    N  N N 109 
GLU CA   C  N S 110 
GLU C    C  N N 111 
GLU O    O  N N 112 
GLU CB   C  N N 113 
GLU CG   C  N N 114 
GLU CD   C  N N 115 
GLU OE1  O  N N 116 
GLU OE2  O  N N 117 
GLU OXT  O  N N 118 
GLU H    H  N N 119 
GLU H2   H  N N 120 
GLU HA   H  N N 121 
GLU HB2  H  N N 122 
GLU HB3  H  N N 123 
GLU HG2  H  N N 124 
GLU HG3  H  N N 125 
GLU HE2  H  N N 126 
GLU HXT  H  N N 127 
GLY N    N  N N 128 
GLY CA   C  N N 129 
GLY C    C  N N 130 
GLY O    O  N N 131 
GLY OXT  O  N N 132 
GLY H    H  N N 133 
GLY H2   H  N N 134 
GLY HA2  H  N N 135 
GLY HA3  H  N N 136 
GLY HXT  H  N N 137 
HIS N    N  N N 138 
HIS CA   C  N S 139 
HIS C    C  N N 140 
HIS O    O  N N 141 
HIS CB   C  N N 142 
HIS CG   C  Y N 143 
HIS ND1  N  Y N 144 
HIS CD2  C  Y N 145 
HIS CE1  C  Y N 146 
HIS NE2  N  Y N 147 
HIS OXT  O  N N 148 
HIS H    H  N N 149 
HIS H2   H  N N 150 
HIS HA   H  N N 151 
HIS HB2  H  N N 152 
HIS HB3  H  N N 153 
HIS HD1  H  N N 154 
HIS HD2  H  N N 155 
HIS HE1  H  N N 156 
HIS HE2  H  N N 157 
HIS HXT  H  N N 158 
HOH O    O  N N 159 
HOH H1   H  N N 160 
HOH H2   H  N N 161 
ILE N    N  N N 162 
ILE CA   C  N S 163 
ILE C    C  N N 164 
ILE O    O  N N 165 
ILE CB   C  N S 166 
ILE CG1  C  N N 167 
ILE CG2  C  N N 168 
ILE CD1  C  N N 169 
ILE OXT  O  N N 170 
ILE H    H  N N 171 
ILE H2   H  N N 172 
ILE HA   H  N N 173 
ILE HB   H  N N 174 
ILE HG12 H  N N 175 
ILE HG13 H  N N 176 
ILE HG21 H  N N 177 
ILE HG22 H  N N 178 
ILE HG23 H  N N 179 
ILE HD11 H  N N 180 
ILE HD12 H  N N 181 
ILE HD13 H  N N 182 
ILE HXT  H  N N 183 
LEU N    N  N N 184 
LEU CA   C  N S 185 
LEU C    C  N N 186 
LEU O    O  N N 187 
LEU CB   C  N N 188 
LEU CG   C  N N 189 
LEU CD1  C  N N 190 
LEU CD2  C  N N 191 
LEU OXT  O  N N 192 
LEU H    H  N N 193 
LEU H2   H  N N 194 
LEU HA   H  N N 195 
LEU HB2  H  N N 196 
LEU HB3  H  N N 197 
LEU HG   H  N N 198 
LEU HD11 H  N N 199 
LEU HD12 H  N N 200 
LEU HD13 H  N N 201 
LEU HD21 H  N N 202 
LEU HD22 H  N N 203 
LEU HD23 H  N N 204 
LEU HXT  H  N N 205 
LYS N    N  N N 206 
LYS CA   C  N S 207 
LYS C    C  N N 208 
LYS O    O  N N 209 
LYS CB   C  N N 210 
LYS CG   C  N N 211 
LYS CD   C  N N 212 
LYS CE   C  N N 213 
LYS NZ   N  N N 214 
LYS OXT  O  N N 215 
LYS H    H  N N 216 
LYS H2   H  N N 217 
LYS HA   H  N N 218 
LYS HB2  H  N N 219 
LYS HB3  H  N N 220 
LYS HG2  H  N N 221 
LYS HG3  H  N N 222 
LYS HD2  H  N N 223 
LYS HD3  H  N N 224 
LYS HE2  H  N N 225 
LYS HE3  H  N N 226 
LYS HZ1  H  N N 227 
LYS HZ2  H  N N 228 
LYS HZ3  H  N N 229 
LYS HXT  H  N N 230 
PHE N    N  N N 231 
PHE CA   C  N S 232 
PHE C    C  N N 233 
PHE O    O  N N 234 
PHE CB   C  N N 235 
PHE CG   C  Y N 236 
PHE CD1  C  Y N 237 
PHE CD2  C  Y N 238 
PHE CE1  C  Y N 239 
PHE CE2  C  Y N 240 
PHE CZ   C  Y N 241 
PHE OXT  O  N N 242 
PHE H    H  N N 243 
PHE H2   H  N N 244 
PHE HA   H  N N 245 
PHE HB2  H  N N 246 
PHE HB3  H  N N 247 
PHE HD1  H  N N 248 
PHE HD2  H  N N 249 
PHE HE1  H  N N 250 
PHE HE2  H  N N 251 
PHE HZ   H  N N 252 
PHE HXT  H  N N 253 
PRO N    N  N N 254 
PRO CA   C  N S 255 
PRO C    C  N N 256 
PRO O    O  N N 257 
PRO CB   C  N N 258 
PRO CG   C  N N 259 
PRO CD   C  N N 260 
PRO OXT  O  N N 261 
PRO H    H  N N 262 
PRO HA   H  N N 263 
PRO HB2  H  N N 264 
PRO HB3  H  N N 265 
PRO HG2  H  N N 266 
PRO HG3  H  N N 267 
PRO HD2  H  N N 268 
PRO HD3  H  N N 269 
PRO HXT  H  N N 270 
SER N    N  N N 271 
SER CA   C  N S 272 
SER C    C  N N 273 
SER O    O  N N 274 
SER CB   C  N N 275 
SER OG   O  N N 276 
SER OXT  O  N N 277 
SER H    H  N N 278 
SER H2   H  N N 279 
SER HA   H  N N 280 
SER HB2  H  N N 281 
SER HB3  H  N N 282 
SER HG   H  N N 283 
SER HXT  H  N N 284 
THR N    N  N N 285 
THR CA   C  N S 286 
THR C    C  N N 287 
THR O    O  N N 288 
THR CB   C  N R 289 
THR OG1  O  N N 290 
THR CG2  C  N N 291 
THR OXT  O  N N 292 
THR H    H  N N 293 
THR H2   H  N N 294 
THR HA   H  N N 295 
THR HB   H  N N 296 
THR HG1  H  N N 297 
THR HG21 H  N N 298 
THR HG22 H  N N 299 
THR HG23 H  N N 300 
THR HXT  H  N N 301 
TRP N    N  N N 302 
TRP CA   C  N S 303 
TRP C    C  N N 304 
TRP O    O  N N 305 
TRP CB   C  N N 306 
TRP CG   C  Y N 307 
TRP CD1  C  Y N 308 
TRP CD2  C  Y N 309 
TRP NE1  N  Y N 310 
TRP CE2  C  Y N 311 
TRP CE3  C  Y N 312 
TRP CZ2  C  Y N 313 
TRP CZ3  C  Y N 314 
TRP CH2  C  Y N 315 
TRP OXT  O  N N 316 
TRP H    H  N N 317 
TRP H2   H  N N 318 
TRP HA   H  N N 319 
TRP HB2  H  N N 320 
TRP HB3  H  N N 321 
TRP HD1  H  N N 322 
TRP HE1  H  N N 323 
TRP HE3  H  N N 324 
TRP HZ2  H  N N 325 
TRP HZ3  H  N N 326 
TRP HH2  H  N N 327 
TRP HXT  H  N N 328 
TYR N    N  N N 329 
TYR CA   C  N S 330 
TYR C    C  N N 331 
TYR O    O  N N 332 
TYR CB   C  N N 333 
TYR CG   C  Y N 334 
TYR CD1  C  Y N 335 
TYR CD2  C  Y N 336 
TYR CE1  C  Y N 337 
TYR CE2  C  Y N 338 
TYR CZ   C  Y N 339 
TYR OH   O  N N 340 
TYR OXT  O  N N 341 
TYR H    H  N N 342 
TYR H2   H  N N 343 
TYR HA   H  N N 344 
TYR HB2  H  N N 345 
TYR HB3  H  N N 346 
TYR HD1  H  N N 347 
TYR HD2  H  N N 348 
TYR HE1  H  N N 349 
TYR HE2  H  N N 350 
TYR HH   H  N N 351 
TYR HXT  H  N N 352 
VAL N    N  N N 353 
VAL CA   C  N S 354 
VAL C    C  N N 355 
VAL O    O  N N 356 
VAL CB   C  N N 357 
VAL CG1  C  N N 358 
VAL CG2  C  N N 359 
VAL OXT  O  N N 360 
VAL H    H  N N 361 
VAL H2   H  N N 362 
VAL HA   H  N N 363 
VAL HB   H  N N 364 
VAL HG11 H  N N 365 
VAL HG12 H  N N 366 
VAL HG13 H  N N 367 
VAL HG21 H  N N 368 
VAL HG22 H  N N 369 
VAL HG23 H  N N 370 
VAL HXT  H  N N 371 
# 
loop_
_chem_comp_bond.comp_id 
_chem_comp_bond.atom_id_1 
_chem_comp_bond.atom_id_2 
_chem_comp_bond.value_order 
_chem_comp_bond.pdbx_aromatic_flag 
_chem_comp_bond.pdbx_stereo_config 
_chem_comp_bond.pdbx_ordinal 
ALA N   CA   sing N N 1   
ALA N   H    sing N N 2   
ALA N   H2   sing N N 3   
ALA CA  C    sing N N 4   
ALA CA  CB   sing N N 5   
ALA CA  HA   sing N N 6   
ALA C   O    doub N N 7   
ALA C   OXT  sing N N 8   
ALA CB  HB1  sing N N 9   
ALA CB  HB2  sing N N 10  
ALA CB  HB3  sing N N 11  
ALA OXT HXT  sing N N 12  
ARG N   CA   sing N N 13  
ARG N   H    sing N N 14  
ARG N   H2   sing N N 15  
ARG CA  C    sing N N 16  
ARG CA  CB   sing N N 17  
ARG CA  HA   sing N N 18  
ARG C   O    doub N N 19  
ARG C   OXT  sing N N 20  
ARG CB  CG   sing N N 21  
ARG CB  HB2  sing N N 22  
ARG CB  HB3  sing N N 23  
ARG CG  CD   sing N N 24  
ARG CG  HG2  sing N N 25  
ARG CG  HG3  sing N N 26  
ARG CD  NE   sing N N 27  
ARG CD  HD2  sing N N 28  
ARG CD  HD3  sing N N 29  
ARG NE  CZ   sing N N 30  
ARG NE  HE   sing N N 31  
ARG CZ  NH1  sing N N 32  
ARG CZ  NH2  doub N N 33  
ARG NH1 HH11 sing N N 34  
ARG NH1 HH12 sing N N 35  
ARG NH2 HH21 sing N N 36  
ARG NH2 HH22 sing N N 37  
ARG OXT HXT  sing N N 38  
ASN N   CA   sing N N 39  
ASN N   H    sing N N 40  
ASN N   H2   sing N N 41  
ASN CA  C    sing N N 42  
ASN CA  CB   sing N N 43  
ASN CA  HA   sing N N 44  
ASN C   O    doub N N 45  
ASN C   OXT  sing N N 46  
ASN CB  CG   sing N N 47  
ASN CB  HB2  sing N N 48  
ASN CB  HB3  sing N N 49  
ASN CG  OD1  doub N N 50  
ASN CG  ND2  sing N N 51  
ASN ND2 HD21 sing N N 52  
ASN ND2 HD22 sing N N 53  
ASN OXT HXT  sing N N 54  
ASP N   CA   sing N N 55  
ASP N   H    sing N N 56  
ASP N   H2   sing N N 57  
ASP CA  C    sing N N 58  
ASP CA  CB   sing N N 59  
ASP CA  HA   sing N N 60  
ASP C   O    doub N N 61  
ASP C   OXT  sing N N 62  
ASP CB  CG   sing N N 63  
ASP CB  HB2  sing N N 64  
ASP CB  HB3  sing N N 65  
ASP CG  OD1  doub N N 66  
ASP CG  OD2  sing N N 67  
ASP OD2 HD2  sing N N 68  
ASP OXT HXT  sing N N 69  
CYS N   CA   sing N N 70  
CYS N   H    sing N N 71  
CYS N   H2   sing N N 72  
CYS CA  C    sing N N 73  
CYS CA  CB   sing N N 74  
CYS CA  HA   sing N N 75  
CYS C   O    doub N N 76  
CYS C   OXT  sing N N 77  
CYS CB  SG   sing N N 78  
CYS CB  HB2  sing N N 79  
CYS CB  HB3  sing N N 80  
CYS SG  HG   sing N N 81  
CYS OXT HXT  sing N N 82  
GLN N   CA   sing N N 83  
GLN N   H    sing N N 84  
GLN N   H2   sing N N 85  
GLN CA  C    sing N N 86  
GLN CA  CB   sing N N 87  
GLN CA  HA   sing N N 88  
GLN C   O    doub N N 89  
GLN C   OXT  sing N N 90  
GLN CB  CG   sing N N 91  
GLN CB  HB2  sing N N 92  
GLN CB  HB3  sing N N 93  
GLN CG  CD   sing N N 94  
GLN CG  HG2  sing N N 95  
GLN CG  HG3  sing N N 96  
GLN CD  OE1  doub N N 97  
GLN CD  NE2  sing N N 98  
GLN NE2 HE21 sing N N 99  
GLN NE2 HE22 sing N N 100 
GLN OXT HXT  sing N N 101 
GLU N   CA   sing N N 102 
GLU N   H    sing N N 103 
GLU N   H2   sing N N 104 
GLU CA  C    sing N N 105 
GLU CA  CB   sing N N 106 
GLU CA  HA   sing N N 107 
GLU C   O    doub N N 108 
GLU C   OXT  sing N N 109 
GLU CB  CG   sing N N 110 
GLU CB  HB2  sing N N 111 
GLU CB  HB3  sing N N 112 
GLU CG  CD   sing N N 113 
GLU CG  HG2  sing N N 114 
GLU CG  HG3  sing N N 115 
GLU CD  OE1  doub N N 116 
GLU CD  OE2  sing N N 117 
GLU OE2 HE2  sing N N 118 
GLU OXT HXT  sing N N 119 
GLY N   CA   sing N N 120 
GLY N   H    sing N N 121 
GLY N   H2   sing N N 122 
GLY CA  C    sing N N 123 
GLY CA  HA2  sing N N 124 
GLY CA  HA3  sing N N 125 
GLY C   O    doub N N 126 
GLY C   OXT  sing N N 127 
GLY OXT HXT  sing N N 128 
HIS N   CA   sing N N 129 
HIS N   H    sing N N 130 
HIS N   H2   sing N N 131 
HIS CA  C    sing N N 132 
HIS CA  CB   sing N N 133 
HIS CA  HA   sing N N 134 
HIS C   O    doub N N 135 
HIS C   OXT  sing N N 136 
HIS CB  CG   sing N N 137 
HIS CB  HB2  sing N N 138 
HIS CB  HB3  sing N N 139 
HIS CG  ND1  sing Y N 140 
HIS CG  CD2  doub Y N 141 
HIS ND1 CE1  doub Y N 142 
HIS ND1 HD1  sing N N 143 
HIS CD2 NE2  sing Y N 144 
HIS CD2 HD2  sing N N 145 
HIS CE1 NE2  sing Y N 146 
HIS CE1 HE1  sing N N 147 
HIS NE2 HE2  sing N N 148 
HIS OXT HXT  sing N N 149 
HOH O   H1   sing N N 150 
HOH O   H2   sing N N 151 
ILE N   CA   sing N N 152 
ILE N   H    sing N N 153 
ILE N   H2   sing N N 154 
ILE CA  C    sing N N 155 
ILE CA  CB   sing N N 156 
ILE CA  HA   sing N N 157 
ILE C   O    doub N N 158 
ILE C   OXT  sing N N 159 
ILE CB  CG1  sing N N 160 
ILE CB  CG2  sing N N 161 
ILE CB  HB   sing N N 162 
ILE CG1 CD1  sing N N 163 
ILE CG1 HG12 sing N N 164 
ILE CG1 HG13 sing N N 165 
ILE CG2 HG21 sing N N 166 
ILE CG2 HG22 sing N N 167 
ILE CG2 HG23 sing N N 168 
ILE CD1 HD11 sing N N 169 
ILE CD1 HD12 sing N N 170 
ILE CD1 HD13 sing N N 171 
ILE OXT HXT  sing N N 172 
LEU N   CA   sing N N 173 
LEU N   H    sing N N 174 
LEU N   H2   sing N N 175 
LEU CA  C    sing N N 176 
LEU CA  CB   sing N N 177 
LEU CA  HA   sing N N 178 
LEU C   O    doub N N 179 
LEU C   OXT  sing N N 180 
LEU CB  CG   sing N N 181 
LEU CB  HB2  sing N N 182 
LEU CB  HB3  sing N N 183 
LEU CG  CD1  sing N N 184 
LEU CG  CD2  sing N N 185 
LEU CG  HG   sing N N 186 
LEU CD1 HD11 sing N N 187 
LEU CD1 HD12 sing N N 188 
LEU CD1 HD13 sing N N 189 
LEU CD2 HD21 sing N N 190 
LEU CD2 HD22 sing N N 191 
LEU CD2 HD23 sing N N 192 
LEU OXT HXT  sing N N 193 
LYS N   CA   sing N N 194 
LYS N   H    sing N N 195 
LYS N   H2   sing N N 196 
LYS CA  C    sing N N 197 
LYS CA  CB   sing N N 198 
LYS CA  HA   sing N N 199 
LYS C   O    doub N N 200 
LYS C   OXT  sing N N 201 
LYS CB  CG   sing N N 202 
LYS CB  HB2  sing N N 203 
LYS CB  HB3  sing N N 204 
LYS CG  CD   sing N N 205 
LYS CG  HG2  sing N N 206 
LYS CG  HG3  sing N N 207 
LYS CD  CE   sing N N 208 
LYS CD  HD2  sing N N 209 
LYS CD  HD3  sing N N 210 
LYS CE  NZ   sing N N 211 
LYS CE  HE2  sing N N 212 
LYS CE  HE3  sing N N 213 
LYS NZ  HZ1  sing N N 214 
LYS NZ  HZ2  sing N N 215 
LYS NZ  HZ3  sing N N 216 
LYS OXT HXT  sing N N 217 
PHE N   CA   sing N N 218 
PHE N   H    sing N N 219 
PHE N   H2   sing N N 220 
PHE CA  C    sing N N 221 
PHE CA  CB   sing N N 222 
PHE CA  HA   sing N N 223 
PHE C   O    doub N N 224 
PHE C   OXT  sing N N 225 
PHE CB  CG   sing N N 226 
PHE CB  HB2  sing N N 227 
PHE CB  HB3  sing N N 228 
PHE CG  CD1  doub Y N 229 
PHE CG  CD2  sing Y N 230 
PHE CD1 CE1  sing Y N 231 
PHE CD1 HD1  sing N N 232 
PHE CD2 CE2  doub Y N 233 
PHE CD2 HD2  sing N N 234 
PHE CE1 CZ   doub Y N 235 
PHE CE1 HE1  sing N N 236 
PHE CE2 CZ   sing Y N 237 
PHE CE2 HE2  sing N N 238 
PHE CZ  HZ   sing N N 239 
PHE OXT HXT  sing N N 240 
PRO N   CA   sing N N 241 
PRO N   CD   sing N N 242 
PRO N   H    sing N N 243 
PRO CA  C    sing N N 244 
PRO CA  CB   sing N N 245 
PRO CA  HA   sing N N 246 
PRO C   O    doub N N 247 
PRO C   OXT  sing N N 248 
PRO CB  CG   sing N N 249 
PRO CB  HB2  sing N N 250 
PRO CB  HB3  sing N N 251 
PRO CG  CD   sing N N 252 
PRO CG  HG2  sing N N 253 
PRO CG  HG3  sing N N 254 
PRO CD  HD2  sing N N 255 
PRO CD  HD3  sing N N 256 
PRO OXT HXT  sing N N 257 
SER N   CA   sing N N 258 
SER N   H    sing N N 259 
SER N   H2   sing N N 260 
SER CA  C    sing N N 261 
SER CA  CB   sing N N 262 
SER CA  HA   sing N N 263 
SER C   O    doub N N 264 
SER C   OXT  sing N N 265 
SER CB  OG   sing N N 266 
SER CB  HB2  sing N N 267 
SER CB  HB3  sing N N 268 
SER OG  HG   sing N N 269 
SER OXT HXT  sing N N 270 
THR N   CA   sing N N 271 
THR N   H    sing N N 272 
THR N   H2   sing N N 273 
THR CA  C    sing N N 274 
THR CA  CB   sing N N 275 
THR CA  HA   sing N N 276 
THR C   O    doub N N 277 
THR C   OXT  sing N N 278 
THR CB  OG1  sing N N 279 
THR CB  CG2  sing N N 280 
THR CB  HB   sing N N 281 
THR OG1 HG1  sing N N 282 
THR CG2 HG21 sing N N 283 
THR CG2 HG22 sing N N 284 
THR CG2 HG23 sing N N 285 
THR OXT HXT  sing N N 286 
TRP N   CA   sing N N 287 
TRP N   H    sing N N 288 
TRP N   H2   sing N N 289 
TRP CA  C    sing N N 290 
TRP CA  CB   sing N N 291 
TRP CA  HA   sing N N 292 
TRP C   O    doub N N 293 
TRP C   OXT  sing N N 294 
TRP CB  CG   sing N N 295 
TRP CB  HB2  sing N N 296 
TRP CB  HB3  sing N N 297 
TRP CG  CD1  doub Y N 298 
TRP CG  CD2  sing Y N 299 
TRP CD1 NE1  sing Y N 300 
TRP CD1 HD1  sing N N 301 
TRP CD2 CE2  doub Y N 302 
TRP CD2 CE3  sing Y N 303 
TRP NE1 CE2  sing Y N 304 
TRP NE1 HE1  sing N N 305 
TRP CE2 CZ2  sing Y N 306 
TRP CE3 CZ3  doub Y N 307 
TRP CE3 HE3  sing N N 308 
TRP CZ2 CH2  doub Y N 309 
TRP CZ2 HZ2  sing N N 310 
TRP CZ3 CH2  sing Y N 311 
TRP CZ3 HZ3  sing N N 312 
TRP CH2 HH2  sing N N 313 
TRP OXT HXT  sing N N 314 
TYR N   CA   sing N N 315 
TYR N   H    sing N N 316 
TYR N   H2   sing N N 317 
TYR CA  C    sing N N 318 
TYR CA  CB   sing N N 319 
TYR CA  HA   sing N N 320 
TYR C   O    doub N N 321 
TYR C   OXT  sing N N 322 
TYR CB  CG   sing N N 323 
TYR CB  HB2  sing N N 324 
TYR CB  HB3  sing N N 325 
TYR CG  CD1  doub Y N 326 
TYR CG  CD2  sing Y N 327 
TYR CD1 CE1  sing Y N 328 
TYR CD1 HD1  sing N N 329 
TYR CD2 CE2  doub Y N 330 
TYR CD2 HD2  sing N N 331 
TYR CE1 CZ   doub Y N 332 
TYR CE1 HE1  sing N N 333 
TYR CE2 CZ   sing Y N 334 
TYR CE2 HE2  sing N N 335 
TYR CZ  OH   sing N N 336 
TYR OH  HH   sing N N 337 
TYR OXT HXT  sing N N 338 
VAL N   CA   sing N N 339 
VAL N   H    sing N N 340 
VAL N   H2   sing N N 341 
VAL CA  C    sing N N 342 
VAL CA  CB   sing N N 343 
VAL CA  HA   sing N N 344 
VAL C   O    doub N N 345 
VAL C   OXT  sing N N 346 
VAL CB  CG1  sing N N 347 
VAL CB  CG2  sing N N 348 
VAL CB  HB   sing N N 349 
VAL CG1 HG11 sing N N 350 
VAL CG1 HG12 sing N N 351 
VAL CG1 HG13 sing N N 352 
VAL CG2 HG21 sing N N 353 
VAL CG2 HG22 sing N N 354 
VAL CG2 HG23 sing N N 355 
VAL OXT HXT  sing N N 356 
# 
_pdbx_initial_refinement_model.accession_code   1BND 
_pdbx_initial_refinement_model.id               1 
_pdbx_initial_refinement_model.entity_id_list   ? 
_pdbx_initial_refinement_model.type             'experimental model' 
_pdbx_initial_refinement_model.source_name      PDB 
_pdbx_initial_refinement_model.details          NT4 
# 
_atom_sites.entry_id                    1B98 
_atom_sites.fract_transf_matrix[1][1]   0.01198949 
_atom_sites.fract_transf_matrix[1][2]   0.01968622 
_atom_sites.fract_transf_matrix[1][3]   0.00738925 
_atom_sites.fract_transf_matrix[2][1]   -0.00112334 
_atom_sites.fract_transf_matrix[2][2]   0.00750226 
_atom_sites.fract_transf_matrix[2][3]   -0.01816462 
_atom_sites.fract_transf_matrix[3][1]   -0.01306439 
_atom_sites.fract_transf_matrix[3][2]   0.01369937 
_atom_sites.fract_transf_matrix[3][3]   0.00646598 
_atom_sites.fract_transf_vector[1]      0.298511 
_atom_sites.fract_transf_vector[2]      -0.024559 
_atom_sites.fract_transf_vector[3]      0.188056 
# 
loop_
_atom_type.symbol 
C  
CL 
N  
O  
S  
# 
loop_
_atom_site.group_PDB 
_atom_site.id 
_atom_site.type_symbol 
_atom_site.label_atom_id 
_atom_site.label_alt_id 
_atom_site.label_comp_id 
_atom_site.label_asym_id 
_atom_site.label_entity_id 
_atom_site.label_seq_id 
_atom_site.pdbx_PDB_ins_code 
_atom_site.Cartn_x 
_atom_site.Cartn_y 
_atom_site.Cartn_z 
_atom_site.occupancy 
_atom_site.B_iso_or_equiv 
_atom_site.pdbx_formal_charge 
_atom_site.auth_seq_id 
_atom_site.auth_comp_id 
_atom_site.auth_asym_id 
_atom_site.auth_atom_id 
_atom_site.pdbx_PDB_model_num 
ATOM   1    N  N   . GLU A 1 13  ? 10.597  -8.119  -7.037  1.00 55.32  ? 13  GLU A N   1 
ATOM   2    C  CA  . GLU A 1 13  ? 11.334  -8.517  -5.798  1.00 56.69  ? 13  GLU A CA  1 
ATOM   3    C  C   . GLU A 1 13  ? 10.473  -9.428  -4.910  1.00 53.30  ? 13  GLU A C   1 
ATOM   4    O  O   . GLU A 1 13  ? 9.263   -9.305  -4.722  1.00 53.72  ? 13  GLU A O   1 
ATOM   5    C  CB  . GLU A 1 13  ? 11.797  -7.330  -4.985  1.00 57.99  ? 13  GLU A CB  1 
ATOM   6    C  CG  . GLU A 1 13  ? 13.045  -6.544  -5.363  1.00 61.21  ? 13  GLU A CG  1 
ATOM   7    C  CD  . GLU A 1 13  ? 13.182  -5.335  -4.443  1.00 64.08  ? 13  GLU A CD  1 
ATOM   8    O  OE1 . GLU A 1 13  ? 13.126  -5.544  -3.215  1.00 62.99  ? 13  GLU A OE1 1 
ATOM   9    O  OE2 . GLU A 1 13  ? 13.297  -4.164  -4.849  1.00 64.39  ? 13  GLU A OE2 1 
ATOM   10   N  N   . LEU A 1 14  ? 11.162  -10.399 -4.379  1.00 49.93  ? 14  LEU A N   1 
ATOM   11   C  CA  . LEU A 1 14  ? 10.699  -11.427 -3.467  1.00 48.19  ? 14  LEU A CA  1 
ATOM   12   C  C   . LEU A 1 14  ? 10.292  -10.828 -2.113  1.00 42.37  ? 14  LEU A C   1 
ATOM   13   O  O   . LEU A 1 14  ? 11.128  -10.135 -1.496  1.00 41.32  ? 14  LEU A O   1 
ATOM   14   C  CB  . LEU A 1 14  ? 11.900  -12.368 -3.237  1.00 48.37  ? 14  LEU A CB  1 
ATOM   15   C  CG  . LEU A 1 14  ? 11.678  -13.729 -2.606  1.00 50.41  ? 14  LEU A CG  1 
ATOM   16   C  CD1 . LEU A 1 14  ? 12.969  -14.528 -2.408  1.00 50.63  ? 14  LEU A CD1 1 
ATOM   17   C  CD2 . LEU A 1 14  ? 11.004  -13.693 -1.237  1.00 51.77  ? 14  LEU A CD2 1 
ATOM   18   N  N   . ALA A 1 15  ? 9.136   -11.186 -1.568  1.00 35.78  ? 15  ALA A N   1 
ATOM   19   C  CA  . ALA A 1 15  ? 8.882   -10.622 -0.235  1.00 34.16  ? 15  ALA A CA  1 
ATOM   20   C  C   . ALA A 1 15  ? 8.490   -11.723 0.756   1.00 29.71  ? 15  ALA A C   1 
ATOM   21   O  O   . ALA A 1 15  ? 8.266   -12.863 0.460   1.00 27.30  ? 15  ALA A O   1 
ATOM   22   C  CB  . ALA A 1 15  ? 7.871   -9.497  -0.187  1.00 31.80  ? 15  ALA A CB  1 
ATOM   23   N  N   . VAL A 1 16  ? 8.193   -11.244 1.921   1.00 28.18  ? 16  VAL A N   1 
ATOM   24   C  CA  . VAL A 1 16  ? 7.738   -12.084 3.033   1.00 31.47  ? 16  VAL A CA  1 
ATOM   25   C  C   . VAL A 1 16  ? 6.302   -12.501 2.877   1.00 28.40  ? 16  VAL A C   1 
ATOM   26   O  O   . VAL A 1 16  ? 5.937   -13.603 3.291   1.00 28.59  ? 16  VAL A O   1 
ATOM   27   C  CB  . VAL A 1 16  ? 8.115   -11.115 4.172   1.00 32.21  ? 16  VAL A CB  1 
ATOM   28   C  CG1 . VAL A 1 16  ? 6.974   -10.956 5.115   1.00 32.87  ? 16  VAL A CG1 1 
ATOM   29   C  CG2 . VAL A 1 16  ? 9.499   -11.528 4.675   1.00 31.09  ? 16  VAL A CG2 1 
ATOM   30   N  N   . CYS A 1 17  ? 5.470   -11.667 2.266   1.00 25.49  ? 17  CYS A N   1 
ATOM   31   C  CA  . CYS A 1 17  ? 4.056   -12.043 1.966   1.00 24.13  ? 17  CYS A CA  1 
ATOM   32   C  C   . CYS A 1 17  ? 3.959   -11.764 0.456   1.00 24.84  ? 17  CYS A C   1 
ATOM   33   O  O   . CYS A 1 17  ? 4.637   -10.848 -0.026  1.00 22.82  ? 17  CYS A O   1 
ATOM   34   C  CB  . CYS A 1 17  ? 3.117   -11.278 2.854   1.00 22.04  ? 17  CYS A CB  1 
ATOM   35   S  SG  . CYS A 1 17  ? 3.262   -11.699 4.620   1.00 24.92  ? 17  CYS A SG  1 
ATOM   36   N  N   . ASP A 1 18  ? 3.620   -12.755 -0.320  1.00 24.70  ? 18  ASP A N   1 
ATOM   37   C  CA  . ASP A 1 18  ? 3.384   -12.714 -1.731  1.00 31.01  ? 18  ASP A CA  1 
ATOM   38   C  C   . ASP A 1 18  ? 2.140   -11.851 -2.010  1.00 32.18  ? 18  ASP A C   1 
ATOM   39   O  O   . ASP A 1 18  ? 1.078   -12.056 -1.408  1.00 32.17  ? 18  ASP A O   1 
ATOM   40   C  CB  . ASP A 1 18  ? 3.142   -14.131 -2.273  1.00 32.41  ? 18  ASP A CB  1 
ATOM   41   C  CG  . ASP A 1 18  ? 4.433   -14.898 -2.372  1.00 33.59  ? 18  ASP A CG  1 
ATOM   42   O  OD1 . ASP A 1 18  ? 5.516   -14.261 -2.321  1.00 35.53  ? 18  ASP A OD1 1 
ATOM   43   O  OD2 . ASP A 1 18  ? 4.400   -16.138 -2.439  1.00 35.75  ? 18  ASP A OD2 1 
ATOM   44   N  N   . ALA A 1 19  ? 2.320   -10.788 -2.778  1.00 31.14  ? 19  ALA A N   1 
ATOM   45   C  CA  . ALA A 1 19  ? 1.230   -9.860  -3.035  1.00 32.81  ? 19  ALA A CA  1 
ATOM   46   C  C   . ALA A 1 19  ? 0.567   -10.154 -4.377  1.00 31.80  ? 19  ALA A C   1 
ATOM   47   O  O   . ALA A 1 19  ? 1.222   -10.724 -5.224  1.00 32.87  ? 19  ALA A O   1 
ATOM   48   C  CB  . ALA A 1 19  ? 1.827   -8.445  -3.069  1.00 30.80  ? 19  ALA A CB  1 
ATOM   49   N  N   . VAL A 1 20  ? -0.665  -9.810  -4.585  1.00 32.27  ? 20  VAL A N   1 
ATOM   50   C  CA  . VAL A 1 20  ? -1.441  -9.945  -5.790  1.00 34.92  ? 20  VAL A CA  1 
ATOM   51   C  C   . VAL A 1 20  ? -2.160  -8.583  -5.914  1.00 33.99  ? 20  VAL A C   1 
ATOM   52   O  O   . VAL A 1 20  ? -2.934  -8.174  -5.051  1.00 34.12  ? 20  VAL A O   1 
ATOM   53   C  CB  . VAL A 1 20  ? -2.476  -11.080 -5.773  1.00 36.03  ? 20  VAL A CB  1 
ATOM   54   C  CG1 . VAL A 1 20  ? -3.282  -11.046 -7.053  1.00 35.24  ? 20  VAL A CG1 1 
ATOM   55   C  CG2 . VAL A 1 20  ? -1.803  -12.462 -5.647  1.00 37.26  ? 20  VAL A CG2 1 
ATOM   56   N  N   . SER A 1 21  ? -1.855  -7.906  -7.001  1.00 32.85  ? 21  SER A N   1 
ATOM   57   C  CA  . SER A 1 21  ? -2.241  -6.570  -7.332  1.00 33.35  ? 21  SER A CA  1 
ATOM   58   C  C   . SER A 1 21  ? -3.085  -6.480  -8.628  1.00 31.57  ? 21  SER A C   1 
ATOM   59   O  O   . SER A 1 21  ? -2.588  -6.891  -9.650  1.00 29.13  ? 21  SER A O   1 
ATOM   60   C  CB  . SER A 1 21  ? -1.031  -5.654  -7.552  1.00 33.71  ? 21  SER A CB  1 
ATOM   61   O  OG  . SER A 1 21  ? -0.363  -5.180  -6.405  1.00 36.74  ? 21  SER A OG  1 
ATOM   62   N  N   . GLY A 1 22  ? -4.040  -5.564  -8.673  1.00 30.10  ? 22  GLY A N   1 
ATOM   63   C  CA  . GLY A 1 22  ? -4.881  -5.266  -9.772  1.00 30.28  ? 22  GLY A CA  1 
ATOM   64   C  C   . GLY A 1 22  ? -5.822  -4.067  -9.679  1.00 31.62  ? 22  GLY A C   1 
ATOM   65   O  O   . GLY A 1 22  ? -6.036  -3.422  -8.655  1.00 29.77  ? 22  GLY A O   1 
ATOM   66   N  N   . TRP A 1 23  ? -6.605  -3.932  -10.740 1.00 31.79  ? 23  TRP A N   1 
ATOM   67   C  CA  . TRP A 1 23  ? -7.593  -2.937  -11.019 1.00 35.15  ? 23  TRP A CA  1 
ATOM   68   C  C   . TRP A 1 23  ? -8.964  -3.403  -10.570 1.00 36.65  ? 23  TRP A C   1 
ATOM   69   O  O   . TRP A 1 23  ? -9.278  -4.536  -10.922 1.00 34.48  ? 23  TRP A O   1 
ATOM   70   C  CB  . TRP A 1 23  ? -7.676  -2.641  -12.559 1.00 34.99  ? 23  TRP A CB  1 
ATOM   71   C  CG  . TRP A 1 23  ? -6.336  -2.138  -13.021 1.00 32.68  ? 23  TRP A CG  1 
ATOM   72   C  CD1 . TRP A 1 23  ? -5.369  -2.858  -13.667 1.00 29.88  ? 23  TRP A CD1 1 
ATOM   73   C  CD2 . TRP A 1 23  ? -5.796  -0.812  -12.812 1.00 31.08  ? 23  TRP A CD2 1 
ATOM   74   N  NE1 . TRP A 1 23  ? -4.303  -2.031  -13.915 1.00 30.00  ? 23  TRP A NE1 1 
ATOM   75   C  CE2 . TRP A 1 23  ? -4.521  -0.789  -13.411 1.00 29.58  ? 23  TRP A CE2 1 
ATOM   76   C  CE3 . TRP A 1 23  ? -6.248  0.335   -12.193 1.00 30.89  ? 23  TRP A CE3 1 
ATOM   77   C  CZ2 . TRP A 1 23  ? -3.716  0.337   -13.409 1.00 30.65  ? 23  TRP A CZ2 1 
ATOM   78   C  CZ3 . TRP A 1 23  ? -5.451  1.474   -12.218 1.00 27.73  ? 23  TRP A CZ3 1 
ATOM   79   C  CH2 . TRP A 1 23  ? -4.203  1.475   -12.809 1.00 27.63  ? 23  TRP A CH2 1 
ATOM   80   N  N   . VAL A 1 24  ? -9.601  -2.652  -9.685  1.00 39.72  ? 24  VAL A N   1 
ATOM   81   C  CA  . VAL A 1 24  ? -10.952 -3.058  -9.251  1.00 39.81  ? 24  VAL A CA  1 
ATOM   82   C  C   . VAL A 1 24  ? -11.962 -2.164  -9.947  1.00 39.86  ? 24  VAL A C   1 
ATOM   83   O  O   . VAL A 1 24  ? -11.863 -0.947  -9.835  1.00 37.87  ? 24  VAL A O   1 
ATOM   84   C  CB  . VAL A 1 24  ? -11.139 -2.991  -7.742  1.00 40.59  ? 24  VAL A CB  1 
ATOM   85   C  CG1 . VAL A 1 24  ? -12.583 -3.333  -7.373  1.00 37.37  ? 24  VAL A CG1 1 
ATOM   86   C  CG2 . VAL A 1 24  ? -10.140 -3.956  -7.098  1.00 40.34  ? 24  VAL A CG2 1 
ATOM   87   N  N   . THR A 1 25  ? -12.762 -2.761  -10.797 1.00 43.98  ? 25  THR A N   1 
ATOM   88   C  CA  . THR A 1 25  ? -13.652 -2.086  -11.727 1.00 46.95  ? 25  THR A CA  1 
ATOM   89   C  C   . THR A 1 25  ? -15.094 -2.176  -11.281 1.00 49.41  ? 25  THR A C   1 
ATOM   90   O  O   . THR A 1 25  ? -15.917 -1.383  -11.710 1.00 50.47  ? 25  THR A O   1 
ATOM   91   C  CB  . THR A 1 25  ? -13.610 -2.675  -13.157 1.00 47.64  ? 25  THR A CB  1 
ATOM   92   O  OG1 . THR A 1 25  ? -14.422 -3.857  -13.279 1.00 44.80  ? 25  THR A OG1 1 
ATOM   93   C  CG2 . THR A 1 25  ? -12.160 -3.031  -13.490 1.00 47.72  ? 25  THR A CG2 1 
ATOM   94   N  N   . ASP A 1 26  ? -15.351 -3.108  -10.375 1.00 54.89  ? 26  ASP A N   1 
ATOM   95   C  CA  . ASP A 1 26  ? -16.745 -3.198  -9.944  1.00 61.59  ? 26  ASP A CA  1 
ATOM   96   C  C   . ASP A 1 26  ? -16.996 -2.795  -8.507  1.00 61.32  ? 26  ASP A C   1 
ATOM   97   O  O   . ASP A 1 26  ? -18.050 -3.172  -7.949  1.00 62.61  ? 26  ASP A O   1 
ATOM   98   C  CB  . ASP A 1 26  ? -17.122 -4.666  -10.245 1.00 63.02  ? 26  ASP A CB  1 
ATOM   99   C  CG  . ASP A 1 26  ? -16.787 -5.469  -8.987  1.00 65.20  ? 26  ASP A CG  1 
ATOM   100  O  OD1 . ASP A 1 26  ? -15.602 -5.778  -8.790  1.00 65.94  ? 26  ASP A OD1 1 
ATOM   101  O  OD2 . ASP A 1 26  ? -17.800 -5.660  -8.263  1.00 66.56  ? 26  ASP A OD2 1 
ATOM   102  N  N   . ARG A 1 27  ? -16.122 -2.039  -7.862  1.00 61.41  ? 27  ARG A N   1 
ATOM   103  C  CA  . ARG A 1 27  ? -16.398 -1.721  -6.451  1.00 60.54  ? 27  ARG A CA  1 
ATOM   104  C  C   . ARG A 1 27  ? -17.566 -0.756  -6.350  1.00 59.06  ? 27  ARG A C   1 
ATOM   105  O  O   . ARG A 1 27  ? -17.522 0.367   -6.815  1.00 55.54  ? 27  ARG A O   1 
ATOM   106  C  CB  . ARG A 1 27  ? -15.161 -1.185  -5.763  1.00 60.89  ? 27  ARG A CB  1 
ATOM   107  C  CG  . ARG A 1 27  ? -15.414 -0.498  -4.426  1.00 62.79  ? 27  ARG A CG  1 
ATOM   108  C  CD  . ARG A 1 27  ? -14.153 0.144   -3.910  1.00 62.52  ? 27  ARG A CD  1 
ATOM   109  N  NE  . ARG A 1 27  ? -13.211 -0.815  -3.361  1.00 63.44  ? 27  ARG A NE  1 
ATOM   110  C  CZ  . ARG A 1 27  ? -13.348 -1.565  -2.277  1.00 64.92  ? 27  ARG A CZ  1 
ATOM   111  N  NH1 . ARG A 1 27  ? -14.457 -1.526  -1.549  1.00 64.84  ? 27  ARG A NH1 1 
ATOM   112  N  NH2 . ARG A 1 27  ? -12.380 -2.388  -1.874  1.00 63.61  ? 27  ARG A NH2 1 
ATOM   113  N  N   . ARG A 1 28  ? -18.604 -1.194  -5.657  1.00 60.42  ? 28  ARG A N   1 
ATOM   114  C  CA  . ARG A 1 28  ? -19.791 -0.360  -5.468  1.00 62.58  ? 28  ARG A CA  1 
ATOM   115  C  C   . ARG A 1 28  ? -19.948 0.116   -4.035  1.00 59.28  ? 28  ARG A C   1 
ATOM   116  O  O   . ARG A 1 28  ? -20.506 1.186   -3.762  1.00 58.67  ? 28  ARG A O   1 
ATOM   117  C  CB  . ARG A 1 28  ? -21.023 -1.127  -5.946  1.00 66.70  ? 28  ARG A CB  1 
ATOM   118  C  CG  . ARG A 1 28  ? -20.779 -2.634  -6.012  1.00 69.99  ? 28  ARG A CG  1 
ATOM   119  C  CD  . ARG A 1 28  ? -21.805 -3.332  -5.152  1.00 74.22  ? 28  ARG A CD  1 
ATOM   120  N  NE  . ARG A 1 28  ? -21.467 -4.690  -4.801  1.00 76.28  ? 28  ARG A NE  1 
ATOM   121  C  CZ  . ARG A 1 28  ? -20.331 -5.122  -4.281  1.00 77.51  ? 28  ARG A CZ  1 
ATOM   122  N  NH1 . ARG A 1 28  ? -19.294 -4.345  -4.010  1.00 78.32  ? 28  ARG A NH1 1 
ATOM   123  N  NH2 . ARG A 1 28  ? -20.278 -6.425  -4.039  1.00 78.96  ? 28  ARG A NH2 1 
ATOM   124  N  N   . THR A 1 29  ? -19.371 -0.630  -3.117  1.00 54.83  ? 29  THR A N   1 
ATOM   125  C  CA  . THR A 1 29  ? -19.370 -0.317  -1.712  1.00 51.72  ? 29  THR A CA  1 
ATOM   126  C  C   . THR A 1 29  ? -17.937 -0.308  -1.171  1.00 48.16  ? 29  THR A C   1 
ATOM   127  O  O   . THR A 1 29  ? -17.034 -1.000  -1.622  1.00 46.36  ? 29  THR A O   1 
ATOM   128  C  CB  . THR A 1 29  ? -20.008 -1.438  -0.841  1.00 54.01  ? 29  THR A CB  1 
ATOM   129  O  OG1 . THR A 1 29  ? -18.982 -2.441  -0.593  1.00 53.28  ? 29  THR A OG1 1 
ATOM   130  C  CG2 . THR A 1 29  ? -21.201 -2.082  -1.493  1.00 52.35  ? 29  THR A CG2 1 
ATOM   131  N  N   . ALA A 1 30  ? -17.850 0.408   -0.083  1.00 44.90  ? 30  ALA A N   1 
ATOM   132  C  CA  . ALA A 1 30  ? -16.663 0.569   0.711   1.00 40.88  ? 30  ALA A CA  1 
ATOM   133  C  C   . ALA A 1 30  ? -17.066 1.281   2.014   1.00 40.89  ? 30  ALA A C   1 
ATOM   134  O  O   . ALA A 1 30  ? -17.975 2.103   2.092   1.00 36.67  ? 30  ALA A O   1 
ATOM   135  C  CB  . ALA A 1 30  ? -15.682 1.372   -0.096  1.00 41.30  ? 30  ALA A CB  1 
ATOM   136  N  N   . VAL A 1 31  ? -16.256 0.996   3.011   1.00 38.34  ? 31  VAL A N   1 
ATOM   137  C  CA  . VAL A 1 31  ? -16.298 1.541   4.318   1.00 38.75  ? 31  VAL A CA  1 
ATOM   138  C  C   . VAL A 1 31  ? -15.486 2.831   4.200   1.00 38.70  ? 31  VAL A C   1 
ATOM   139  O  O   . VAL A 1 31  ? -14.376 2.845   3.718   1.00 36.79  ? 31  VAL A O   1 
ATOM   140  C  CB  . VAL A 1 31  ? -15.734 0.536   5.352   1.00 41.76  ? 31  VAL A CB  1 
ATOM   141  C  CG1 . VAL A 1 31  ? -15.960 0.928   6.804   1.00 37.47  ? 31  VAL A CG1 1 
ATOM   142  C  CG2 . VAL A 1 31  ? -16.357 -0.860  5.233   1.00 39.37  ? 31  VAL A CG2 1 
ATOM   143  N  N   . ASP A 1 32  ? -16.027 3.966   4.615   1.00 40.31  ? 32  ASP A N   1 
ATOM   144  C  CA  . ASP A 1 32  ? -15.419 5.291   4.577   1.00 41.03  ? 32  ASP A CA  1 
ATOM   145  C  C   . ASP A 1 32  ? -14.603 5.590   5.838   1.00 42.78  ? 32  ASP A C   1 
ATOM   146  O  O   . ASP A 1 32  ? -14.430 4.757   6.745   1.00 40.44  ? 32  ASP A O   1 
ATOM   147  C  CB  . ASP A 1 32  ? -16.541 6.283   4.357   1.00 41.11  ? 32  ASP A CB  1 
ATOM   148  C  CG  . ASP A 1 32  ? -17.299 6.764   5.581   1.00 40.48  ? 32  ASP A CG  1 
ATOM   149  O  OD1 . ASP A 1 32  ? -17.155 6.272   6.712   1.00 37.62  ? 32  ASP A OD1 1 
ATOM   150  O  OD2 . ASP A 1 32  ? -18.082 7.729   5.359   1.00 42.11  ? 32  ASP A OD2 1 
ATOM   151  N  N   . LEU A 1 33  ? -14.048 6.782   5.964   1.00 44.06  ? 33  LEU A N   1 
ATOM   152  C  CA  . LEU A 1 33  ? -13.245 7.185   7.117   1.00 46.75  ? 33  LEU A CA  1 
ATOM   153  C  C   . LEU A 1 33  ? -13.994 7.106   8.448   1.00 48.56  ? 33  LEU A C   1 
ATOM   154  O  O   . LEU A 1 33  ? -13.304 7.060   9.468   1.00 47.87  ? 33  LEU A O   1 
ATOM   155  C  CB  . LEU A 1 33  ? -12.803 8.622   6.914   1.00 45.58  ? 33  LEU A CB  1 
ATOM   156  C  CG  . LEU A 1 33  ? -11.563 9.210   7.512   1.00 45.09  ? 33  LEU A CG  1 
ATOM   157  C  CD1 . LEU A 1 33  ? -10.321 8.386   7.230   1.00 47.25  ? 33  LEU A CD1 1 
ATOM   158  C  CD2 . LEU A 1 33  ? -11.300 10.586  6.951   1.00 45.67  ? 33  LEU A CD2 1 
ATOM   159  N  N   . ARG A 1 34  ? -15.320 7.076   8.505   1.00 49.62  ? 34  ARG A N   1 
ATOM   160  C  CA  . ARG A 1 34  ? -16.048 7.009   9.753   1.00 52.31  ? 34  ARG A CA  1 
ATOM   161  C  C   . ARG A 1 34  ? -16.451 5.607   10.209  1.00 53.57  ? 34  ARG A C   1 
ATOM   162  O  O   . ARG A 1 34  ? -17.241 5.493   11.161  1.00 52.82  ? 34  ARG A O   1 
ATOM   163  C  CB  . ARG A 1 34  ? -17.390 7.763   9.611   1.00 49.70  ? 34  ARG A CB  1 
ATOM   164  C  CG  . ARG A 1 34  ? -17.196 9.129   8.988   1.00 49.08  ? 34  ARG A CG  1 
ATOM   165  C  CD  . ARG A 1 34  ? -18.497 9.758   8.615   1.00 48.39  ? 34  ARG A CD  1 
ATOM   166  N  NE  . ARG A 1 34  ? -19.210 9.118   7.505   1.00 48.16  ? 34  ARG A NE  1 
ATOM   167  C  CZ  . ARG A 1 34  ? -20.536 9.292   7.449   1.00 48.59  ? 34  ARG A CZ  1 
ATOM   168  N  NH1 . ARG A 1 34  ? -21.112 9.996   8.426   1.00 47.12  ? 34  ARG A NH1 1 
ATOM   169  N  NH2 . ARG A 1 34  ? -21.222 8.765   6.443   1.00 48.38  ? 34  ARG A NH2 1 
ATOM   170  N  N   . GLY A 1 35  ? -16.095 4.599   9.428   1.00 54.72  ? 35  GLY A N   1 
ATOM   171  C  CA  . GLY A 1 35  ? -16.577 3.257   9.724   1.00 59.13  ? 35  GLY A CA  1 
ATOM   172  C  C   . GLY A 1 35  ? -17.864 2.923   8.978   1.00 60.27  ? 35  GLY A C   1 
ATOM   173  O  O   . GLY A 1 35  ? -18.263 1.767   9.021   1.00 58.83  ? 35  GLY A O   1 
ATOM   174  N  N   . ARG A 1 36  ? -18.450 3.816   8.201   1.00 65.27  ? 36  ARG A N   1 
ATOM   175  C  CA  . ARG A 1 36  ? -19.662 3.515   7.474   1.00 72.18  ? 36  ARG A CA  1 
ATOM   176  C  C   . ARG A 1 36  ? -19.411 3.085   6.026   1.00 73.04  ? 36  ARG A C   1 
ATOM   177  O  O   . ARG A 1 36  ? -18.461 3.376   5.351   1.00 69.46  ? 36  ARG A O   1 
ATOM   178  C  CB  . ARG A 1 36  ? -20.650 4.681   7.453   1.00 74.48  ? 36  ARG A CB  1 
ATOM   179  C  CG  . ARG A 1 36  ? -20.626 5.639   8.597   1.00 79.30  ? 36  ARG A CG  1 
ATOM   180  C  CD  . ARG A 1 36  ? -20.808 5.032   9.985   1.00 84.61  ? 36  ARG A CD  1 
ATOM   181  N  NE  . ARG A 1 36  ? -21.510 6.007   10.820  1.00 87.32  ? 36  ARG A NE  1 
ATOM   182  C  CZ  . ARG A 1 36  ? -21.629 5.972   12.136  1.00 89.39  ? 36  ARG A CZ  1 
ATOM   183  N  NH1 . ARG A 1 36  ? -21.079 5.000   12.865  1.00 90.79  ? 36  ARG A NH1 1 
ATOM   184  N  NH2 . ARG A 1 36  ? -22.296 6.952   12.740  1.00 90.78  ? 36  ARG A NH2 1 
ATOM   185  N  N   . GLU A 1 37  ? -20.388 2.355   5.527   1.00 78.95  ? 37  GLU A N   1 
ATOM   186  C  CA  . GLU A 1 37  ? -20.536 1.841   4.188   1.00 84.78  ? 37  GLU A CA  1 
ATOM   187  C  C   . GLU A 1 37  ? -21.054 3.004   3.339   1.00 85.52  ? 37  GLU A C   1 
ATOM   188  O  O   . GLU A 1 37  ? -22.037 3.641   3.685   1.00 85.18  ? 37  GLU A O   1 
ATOM   189  C  CB  . GLU A 1 37  ? -21.624 0.778   4.153   1.00 87.92  ? 37  GLU A CB  1 
ATOM   190  C  CG  . GLU A 1 37  ? -21.606 -0.332  3.127   1.00 90.36  ? 37  GLU A CG  1 
ATOM   191  C  CD  . GLU A 1 37  ? -20.814 -1.503  3.703   1.00 93.08  ? 37  GLU A CD  1 
ATOM   192  O  OE1 . GLU A 1 37  ? -19.587 -1.287  3.869   1.00 93.32  ? 37  GLU A OE1 1 
ATOM   193  O  OE2 . GLU A 1 37  ? -21.414 -2.562  3.972   1.00 92.77  ? 37  GLU A OE2 1 
ATOM   194  N  N   . VAL A 1 38  ? -20.354 3.288   2.267   1.00 89.08  ? 38  VAL A N   1 
ATOM   195  C  CA  . VAL A 1 38  ? -20.755 4.317   1.331   1.00 92.20  ? 38  VAL A CA  1 
ATOM   196  C  C   . VAL A 1 38  ? -20.806 3.675   -0.058  1.00 93.68  ? 38  VAL A C   1 
ATOM   197  O  O   . VAL A 1 38  ? -20.136 2.689   -0.329  1.00 94.66  ? 38  VAL A O   1 
ATOM   198  C  CB  . VAL A 1 38  ? -19.846 5.553   1.311   1.00 92.16  ? 38  VAL A CB  1 
ATOM   199  C  CG1 . VAL A 1 38  ? -20.130 6.446   2.509   1.00 91.73  ? 38  VAL A CG1 1 
ATOM   200  C  CG2 . VAL A 1 38  ? -18.379 5.169   1.237   1.00 91.09  ? 38  VAL A CG2 1 
ATOM   201  N  N   . GLU A 1 39  ? -21.688 4.201   -0.885  1.00 97.30  ? 39  GLU A N   1 
ATOM   202  C  CA  . GLU A 1 39  ? -21.846 3.808   -2.264  1.00 100.51 ? 39  GLU A CA  1 
ATOM   203  C  C   . GLU A 1 39  ? -20.675 4.388   -3.066  1.00 99.70  ? 39  GLU A C   1 
ATOM   204  O  O   . GLU A 1 39  ? -20.419 5.574   -2.951  1.00 99.07  ? 39  GLU A O   1 
ATOM   205  C  CB  . GLU A 1 39  ? -23.085 4.424   -2.908  1.00 101.12 ? 39  GLU A CB  1 
ATOM   206  C  CG  . GLU A 1 39  ? -24.384 3.693   -2.684  1.00 103.87 ? 39  GLU A CG  1 
ATOM   207  C  CD  . GLU A 1 39  ? -25.501 4.190   -3.588  1.00 104.96 ? 39  GLU A CD  1 
ATOM   208  O  OE1 . GLU A 1 39  ? -25.195 4.649   -4.713  1.00 104.41 ? 39  GLU A OE1 1 
ATOM   209  O  OE2 . GLU A 1 39  ? -26.656 4.097   -3.126  1.00 104.10 ? 39  GLU A OE2 1 
ATOM   210  N  N   . VAL A 1 40  ? -20.051 3.542   -3.854  1.00 100.33 ? 40  VAL A N   1 
ATOM   211  C  CA  . VAL A 1 40  ? -18.971 3.996   -4.709  1.00 101.99 ? 40  VAL A CA  1 
ATOM   212  C  C   . VAL A 1 40  ? -19.543 4.162   -6.119  1.00 103.19 ? 40  VAL A C   1 
ATOM   213  O  O   . VAL A 1 40  ? -20.036 3.180   -6.673  1.00 101.96 ? 40  VAL A O   1 
ATOM   214  C  CB  . VAL A 1 40  ? -17.754 3.068   -4.768  1.00 100.68 ? 40  VAL A CB  1 
ATOM   215  C  CG1 . VAL A 1 40  ? -16.635 3.715   -5.566  1.00 100.67 ? 40  VAL A CG1 1 
ATOM   216  C  CG2 . VAL A 1 40  ? -17.281 2.710   -3.371  1.00 101.03 ? 40  VAL A CG2 1 
ATOM   217  N  N   . LEU A 1 41  ? -19.497 5.397   -6.604  1.00 104.24 ? 41  LEU A N   1 
ATOM   218  C  CA  . LEU A 1 41  ? -19.981 5.622   -7.955  1.00 107.27 ? 41  LEU A CA  1 
ATOM   219  C  C   . LEU A 1 41  ? -19.196 4.777   -8.949  1.00 109.04 ? 41  LEU A C   1 
ATOM   220  O  O   . LEU A 1 41  ? -17.978 4.626   -8.863  1.00 108.24 ? 41  LEU A O   1 
ATOM   221  C  CB  . LEU A 1 41  ? -19.915 7.085   -8.363  1.00 107.75 ? 41  LEU A CB  1 
ATOM   222  C  CG  . LEU A 1 41  ? -21.232 7.852   -8.178  1.00 108.14 ? 41  LEU A CG  1 
ATOM   223  C  CD1 . LEU A 1 41  ? -21.461 8.202   -6.725  1.00 107.93 ? 41  LEU A CD1 1 
ATOM   224  C  CD2 . LEU A 1 41  ? -21.275 9.054   -9.103  1.00 108.53 ? 41  LEU A CD2 1 
ATOM   225  N  N   . GLY A 1 42  ? -19.933 4.265   -9.929  1.00 110.33 ? 42  GLY A N   1 
ATOM   226  C  CA  . GLY A 1 42  ? -19.349 3.435   -10.966 1.00 112.87 ? 42  GLY A CA  1 
ATOM   227  C  C   . GLY A 1 42  ? -18.482 4.202   -11.946 1.00 114.14 ? 42  GLY A C   1 
ATOM   228  O  O   . GLY A 1 42  ? -17.575 3.611   -12.529 1.00 114.09 ? 42  GLY A O   1 
ATOM   229  N  N   . GLU A 1 43  ? -18.734 5.484   -12.149 1.00 116.20 ? 43  GLU A N   1 
ATOM   230  C  CA  . GLU A 1 43  ? -18.008 6.294   -13.121 1.00 119.07 ? 43  GLU A CA  1 
ATOM   231  C  C   . GLU A 1 43  ? -17.863 7.738   -12.688 1.00 118.83 ? 43  GLU A C   1 
ATOM   232  O  O   . GLU A 1 43  ? -18.536 8.092   -11.723 1.00 118.44 ? 43  GLU A O   1 
ATOM   233  C  CB  . GLU A 1 43  ? -18.859 6.243   -14.412 1.00 119.79 ? 43  GLU A CB  1 
ATOM   234  C  CG  . GLU A 1 43  ? -20.312 6.593   -14.125 1.00 121.94 ? 43  GLU A CG  1 
ATOM   235  C  CD  . GLU A 1 43  ? -21.282 6.377   -15.262 1.00 123.64 ? 43  GLU A CD  1 
ATOM   236  O  OE1 . GLU A 1 43  ? -21.335 5.262   -15.826 1.00 122.66 ? 43  GLU A OE1 1 
ATOM   237  O  OE2 . GLU A 1 43  ? -22.031 7.322   -15.604 1.00 122.67 ? 43  GLU A OE2 1 
ATOM   238  N  N   . VAL A 1 44  ? -17.049 8.573   -13.330 1.00 119.12 ? 44  VAL A N   1 
ATOM   239  C  CA  . VAL A 1 44  ? -16.982 9.997   -13.040 1.00 119.58 ? 44  VAL A CA  1 
ATOM   240  C  C   . VAL A 1 44  ? -16.802 10.840  -14.314 1.00 119.24 ? 44  VAL A C   1 
ATOM   241  O  O   . VAL A 1 44  ? -17.107 12.056  -14.230 1.00 118.56 ? 44  VAL A O   1 
ATOM   242  C  CB  . VAL A 1 44  ? -15.946 10.499  -12.026 1.00 119.77 ? 44  VAL A CB  1 
ATOM   243  C  CG1 . VAL A 1 44  ? -16.623 10.734  -10.680 1.00 119.83 ? 44  VAL A CG1 1 
ATOM   244  C  CG2 . VAL A 1 44  ? -14.757 9.569   -11.886 1.00 119.62 ? 44  VAL A CG2 1 
ATOM   245  N  N   . LEU A 1 52  ? -13.675 9.642   -16.088 1.00 74.65  ? 52  LEU A N   1 
ATOM   246  C  CA  . LEU A 1 52  ? -13.517 8.347   -16.798 1.00 74.98  ? 52  LEU A CA  1 
ATOM   247  C  C   . LEU A 1 52  ? -14.701 7.430   -16.524 1.00 73.71  ? 52  LEU A C   1 
ATOM   248  O  O   . LEU A 1 52  ? -15.841 7.612   -16.929 1.00 73.24  ? 52  LEU A O   1 
ATOM   249  C  CB  . LEU A 1 52  ? -12.200 7.687   -16.415 1.00 74.67  ? 52  LEU A CB  1 
ATOM   250  N  N   . ARG A 1 53  ? -14.430 6.410   -15.783 1.00 69.93  ? 53  ARG A N   1 
ATOM   251  C  CA  . ARG A 1 53  ? -15.118 5.265   -15.243 1.00 66.74  ? 53  ARG A CA  1 
ATOM   252  C  C   . ARG A 1 53  ? -14.231 4.983   -14.006 1.00 65.64  ? 53  ARG A C   1 
ATOM   253  O  O   . ARG A 1 53  ? -13.002 4.933   -14.209 1.00 63.59  ? 53  ARG A O   1 
ATOM   254  C  CB  . ARG A 1 53  ? -15.041 4.164   -16.273 1.00 65.44  ? 53  ARG A CB  1 
ATOM   255  N  N   . GLN A 1 54  ? -14.729 4.933   -12.789 1.00 58.86  ? 54  GLN A N   1 
ATOM   256  C  CA  . GLN A 1 54  ? -13.979 4.901   -11.573 1.00 53.00  ? 54  GLN A CA  1 
ATOM   257  C  C   . GLN A 1 54  ? -13.389 3.608   -11.060 1.00 51.47  ? 54  GLN A C   1 
ATOM   258  O  O   . GLN A 1 54  ? -14.026 2.760   -10.475 1.00 48.74  ? 54  GLN A O   1 
ATOM   259  C  CB  . GLN A 1 54  ? -14.771 5.452   -10.373 1.00 53.50  ? 54  GLN A CB  1 
ATOM   260  C  CG  . GLN A 1 54  ? -13.890 5.862   -9.173  1.00 49.22  ? 54  GLN A CG  1 
ATOM   261  C  CD  . GLN A 1 54  ? -14.732 6.442   -8.055  1.00 47.55  ? 54  GLN A CD  1 
ATOM   262  O  OE1 . GLN A 1 54  ? -14.610 7.490   -7.454  1.00 44.13  ? 54  GLN A OE1 1 
ATOM   263  N  NE2 . GLN A 1 54  ? -15.776 5.693   -7.690  1.00 49.77  ? 54  GLN A NE2 1 
ATOM   264  N  N   . TYR A 1 55  ? -12.080 3.573   -11.171 1.00 49.58  ? 55  TYR A N   1 
ATOM   265  C  CA  . TYR A 1 55  ? -11.369 2.386   -10.779 1.00 49.23  ? 55  TYR A CA  1 
ATOM   266  C  C   . TYR A 1 55  ? -10.475 2.695   -9.575  1.00 45.44  ? 55  TYR A C   1 
ATOM   267  O  O   . TYR A 1 55  ? -10.445 3.836   -9.125  1.00 42.82  ? 55  TYR A O   1 
ATOM   268  C  CB  . TYR A 1 55  ? -10.472 1.964   -11.892 1.00 52.80  ? 55  TYR A CB  1 
ATOM   269  C  CG  . TYR A 1 55  ? -10.726 1.818   -13.347 1.00 55.41  ? 55  TYR A CG  1 
ATOM   270  C  CD1 . TYR A 1 55  ? -11.815 1.188   -13.915 1.00 58.16  ? 55  TYR A CD1 1 
ATOM   271  C  CD2 . TYR A 1 55  ? -9.740  2.291   -14.216 1.00 56.73  ? 55  TYR A CD2 1 
ATOM   272  C  CE1 . TYR A 1 55  ? -11.955 1.048   -15.288 1.00 58.94  ? 55  TYR A CE1 1 
ATOM   273  C  CE2 . TYR A 1 55  ? -9.865  2.180   -15.583 1.00 57.93  ? 55  TYR A CE2 1 
ATOM   274  C  CZ  . TYR A 1 55  ? -10.962 1.539   -16.110 1.00 58.01  ? 55  TYR A CZ  1 
ATOM   275  O  OH  . TYR A 1 55  ? -11.073 1.427   -17.466 1.00 58.21  ? 55  TYR A OH  1 
ATOM   276  N  N   . PHE A 1 56  ? -9.996  1.599   -8.993  1.00 42.79  ? 56  PHE A N   1 
ATOM   277  C  CA  . PHE A 1 56  ? -9.053  1.555   -7.897  1.00 42.15  ? 56  PHE A CA  1 
ATOM   278  C  C   . PHE A 1 56  ? -7.998  0.468   -8.129  1.00 40.51  ? 56  PHE A C   1 
ATOM   279  O  O   . PHE A 1 56  ? -8.259  -0.626  -8.649  1.00 40.36  ? 56  PHE A O   1 
ATOM   280  C  CB  . PHE A 1 56  ? -9.636  1.258   -6.491  1.00 41.18  ? 56  PHE A CB  1 
ATOM   281  C  CG  . PHE A 1 56  ? -10.833 2.149   -6.291  1.00 41.46  ? 56  PHE A CG  1 
ATOM   282  C  CD1 . PHE A 1 56  ? -10.639 3.489   -5.954  1.00 40.39  ? 56  PHE A CD1 1 
ATOM   283  C  CD2 . PHE A 1 56  ? -12.095 1.685   -6.645  1.00 40.94  ? 56  PHE A CD2 1 
ATOM   284  C  CE1 . PHE A 1 56  ? -11.734 4.316   -5.835  1.00 40.88  ? 56  PHE A CE1 1 
ATOM   285  C  CE2 . PHE A 1 56  ? -13.178 2.533   -6.525  1.00 41.81  ? 56  PHE A CE2 1 
ATOM   286  C  CZ  . PHE A 1 56  ? -12.996 3.845   -6.106  1.00 41.75  ? 56  PHE A CZ  1 
ATOM   287  N  N   . PHE A 1 57  ? -6.803  0.774   -7.673  1.00 38.15  ? 57  PHE A N   1 
ATOM   288  C  CA  . PHE A 1 57  ? -5.685  -0.142  -7.817  1.00 36.74  ? 57  PHE A CA  1 
ATOM   289  C  C   . PHE A 1 57  ? -5.530  -0.915  -6.513  1.00 35.86  ? 57  PHE A C   1 
ATOM   290  O  O   . PHE A 1 57  ? -5.305  -0.327  -5.486  1.00 32.31  ? 57  PHE A O   1 
ATOM   291  C  CB  . PHE A 1 57  ? -4.375  0.579   -8.155  1.00 35.84  ? 57  PHE A CB  1 
ATOM   292  C  CG  . PHE A 1 57  ? -3.361  -0.484  -8.547  1.00 35.89  ? 57  PHE A CG  1 
ATOM   293  C  CD1 . PHE A 1 57  ? -3.394  -1.079  -9.795  1.00 34.82  ? 57  PHE A CD1 1 
ATOM   294  C  CD2 . PHE A 1 57  ? -2.410  -0.906  -7.649  1.00 36.24  ? 57  PHE A CD2 1 
ATOM   295  C  CE1 . PHE A 1 57  ? -2.457  -2.044  -10.141 1.00 36.98  ? 57  PHE A CE1 1 
ATOM   296  C  CE2 . PHE A 1 57  ? -1.503  -1.907  -7.972  1.00 36.55  ? 57  PHE A CE2 1 
ATOM   297  C  CZ  . PHE A 1 57  ? -1.501  -2.476  -9.239  1.00 34.00  ? 57  PHE A CZ  1 
ATOM   298  N  N   . GLU A 1 58  ? -5.895  -2.196  -6.505  1.00 37.12  ? 58  GLU A N   1 
ATOM   299  C  CA  . GLU A 1 58  ? -5.929  -2.924  -5.238  1.00 36.78  ? 58  GLU A CA  1 
ATOM   300  C  C   . GLU A 1 58  ? -4.872  -3.985  -5.036  1.00 34.78  ? 58  GLU A C   1 
ATOM   301  O  O   . GLU A 1 58  ? -4.424  -4.674  -5.945  1.00 31.48  ? 58  GLU A O   1 
ATOM   302  C  CB  . GLU A 1 58  ? -7.350  -3.464  -5.078  1.00 36.39  ? 58  GLU A CB  1 
ATOM   303  C  CG  . GLU A 1 58  ? -8.242  -2.231  -4.848  1.00 41.31  ? 58  GLU A CG  1 
ATOM   304  C  CD  . GLU A 1 58  ? -9.467  -2.485  -3.980  1.00 41.91  ? 58  GLU A CD  1 
ATOM   305  O  OE1 . GLU A 1 58  ? -9.329  -2.988  -2.834  1.00 42.24  ? 58  GLU A OE1 1 
ATOM   306  O  OE2 . GLU A 1 58  ? -10.555 -2.176  -4.492  1.00 39.96  ? 58  GLU A OE2 1 
ATOM   307  N  N   . THR A 1 59  ? -4.507  -4.135  -3.750  1.00 34.79  ? 59  THR A N   1 
ATOM   308  C  CA  . THR A 1 59  ? -3.533  -5.137  -3.369  1.00 35.79  ? 59  THR A CA  1 
ATOM   309  C  C   . THR A 1 59  ? -3.909  -5.992  -2.162  1.00 36.07  ? 59  THR A C   1 
ATOM   310  O  O   . THR A 1 59  ? -3.966  -5.637  -1.006  1.00 34.17  ? 59  THR A O   1 
ATOM   311  C  CB  . THR A 1 59  ? -2.120  -4.585  -3.158  1.00 34.71  ? 59  THR A CB  1 
ATOM   312  O  OG1 . THR A 1 59  ? -1.672  -3.803  -4.284  1.00 36.08  ? 59  THR A OG1 1 
ATOM   313  C  CG2 . THR A 1 59  ? -1.094  -5.692  -2.964  1.00 32.14  ? 59  THR A CG2 1 
ATOM   314  N  N   . ARG A 1 60  ? -3.883  -7.290  -2.440  1.00 36.60  ? 60  ARG A N   1 
ATOM   315  C  CA  . ARG A 1 60  ? -4.192  -8.369  -1.539  1.00 35.97  ? 60  ARG A CA  1 
ATOM   316  C  C   . ARG A 1 60  ? -3.083  -9.406  -1.472  1.00 34.28  ? 60  ARG A C   1 
ATOM   317  O  O   . ARG A 1 60  ? -2.212  -9.420  -2.340  1.00 34.08  ? 60  ARG A O   1 
ATOM   318  C  CB  . ARG A 1 60  ? -5.438  -9.085  -2.109  1.00 40.72  ? 60  ARG A CB  1 
ATOM   319  C  CG  . ARG A 1 60  ? -6.718  -8.366  -1.703  1.00 44.03  ? 60  ARG A CG  1 
ATOM   320  C  CD  . ARG A 1 60  ? -7.711  -8.493  -2.858  1.00 47.49  ? 60  ARG A CD  1 
ATOM   321  N  NE  . ARG A 1 60  ? -8.474  -7.269  -2.848  1.00 53.56  ? 60  ARG A NE  1 
ATOM   322  C  CZ  . ARG A 1 60  ? -9.193  -6.507  -3.662  1.00 52.08  ? 60  ARG A CZ  1 
ATOM   323  N  NH1 . ARG A 1 60  ? -9.448  -6.806  -4.936  1.00 49.21  ? 60  ARG A NH1 1 
ATOM   324  N  NH2 . ARG A 1 60  ? -9.630  -5.388  -3.068  1.00 50.12  ? 60  ARG A NH2 1 
ATOM   325  N  N   . CYS A 1 61  ? -3.221  -10.346 -0.570  1.00 29.41  ? 61  CYS A N   1 
ATOM   326  C  CA  . CYS A 1 61  ? -2.345  -11.472 -0.386  1.00 28.37  ? 61  CYS A CA  1 
ATOM   327  C  C   . CYS A 1 61  ? -2.601  -12.566 -1.418  1.00 29.83  ? 61  CYS A C   1 
ATOM   328  O  O   . CYS A 1 61  ? -3.750  -12.690 -1.825  1.00 27.34  ? 61  CYS A O   1 
ATOM   329  C  CB  . CYS A 1 61  ? -2.570  -12.047 1.013   1.00 25.44  ? 61  CYS A CB  1 
ATOM   330  S  SG  . CYS A 1 61  ? -2.239  -10.949 2.440   1.00 22.70  ? 61  CYS A SG  1 
ATOM   331  N  N   . LYS A 1 62  ? -1.588  -13.342 -1.800  1.00 29.75  ? 62  LYS A N   1 
ATOM   332  C  CA  . LYS A 1 62  ? -1.765  -14.497 -2.678  1.00 30.54  ? 62  LYS A CA  1 
ATOM   333  C  C   . LYS A 1 62  ? -2.507  -15.576 -1.893  1.00 31.32  ? 62  LYS A C   1 
ATOM   334  O  O   . LYS A 1 62  ? -2.319  -15.668 -0.662  1.00 28.70  ? 62  LYS A O   1 
ATOM   335  C  CB  . LYS A 1 62  ? -0.414  -15.045 -3.037  1.00 32.75  ? 62  LYS A CB  1 
ATOM   336  C  CG  . LYS A 1 62  ? -0.179  -16.237 -3.919  1.00 34.31  ? 62  LYS A CG  1 
ATOM   337  C  CD  . LYS A 1 62  ? 1.246   -16.818 -3.753  1.00 35.55  ? 62  LYS A CD  1 
ATOM   338  C  CE  . LYS A 1 62  ? 1.585   -17.388 -2.396  1.00 37.20  ? 62  LYS A CE  1 
ATOM   339  N  NZ  . LYS A 1 62  ? 2.911   -18.102 -2.206  1.00 37.70  ? 62  LYS A NZ  1 
ATOM   340  N  N   . ALA A 1 63  ? -3.388  -16.300 -2.565  1.00 31.37  ? 63  ALA A N   1 
ATOM   341  C  CA  . ALA A 1 63  ? -4.101  -17.377 -1.889  1.00 32.93  ? 63  ALA A CA  1 
ATOM   342  C  C   . ALA A 1 63  ? -3.264  -18.660 -1.978  1.00 35.72  ? 63  ALA A C   1 
ATOM   343  O  O   . ALA A 1 63  ? -2.491  -18.792 -2.938  1.00 36.84  ? 63  ALA A O   1 
ATOM   344  C  CB  . ALA A 1 63  ? -5.465  -17.561 -2.486  1.00 32.99  ? 63  ALA A CB  1 
ATOM   345  N  N   . ASP A 1 64  ? -3.381  -19.600 -1.057  1.00 36.90  ? 64  ASP A N   1 
ATOM   346  C  CA  . ASP A 1 64  ? -2.658  -20.854 -1.116  1.00 40.59  ? 64  ASP A CA  1 
ATOM   347  C  C   . ASP A 1 64  ? -2.887  -21.562 -2.464  1.00 42.22  ? 64  ASP A C   1 
ATOM   348  O  O   . ASP A 1 64  ? -3.976  -21.560 -3.041  1.00 40.52  ? 64  ASP A O   1 
ATOM   349  C  CB  . ASP A 1 64  ? -3.129  -21.902 -0.100  1.00 40.56  ? 64  ASP A CB  1 
ATOM   350  C  CG  . ASP A 1 64  ? -2.719  -21.626 1.316   1.00 42.00  ? 64  ASP A CG  1 
ATOM   351  O  OD1 . ASP A 1 64  ? -1.536  -21.255 1.454   1.00 41.14  ? 64  ASP A OD1 1 
ATOM   352  O  OD2 . ASP A 1 64  ? -3.558  -21.769 2.241   1.00 43.48  ? 64  ASP A OD2 1 
ATOM   353  N  N   . ASN A 1 65  ? -1.820  -22.214 -2.875  1.00 43.26  ? 65  ASN A N   1 
ATOM   354  C  CA  . ASN A 1 65  ? -1.884  -22.985 -4.108  1.00 45.38  ? 65  ASN A CA  1 
ATOM   355  C  C   . ASN A 1 65  ? -1.366  -24.386 -3.811  1.00 43.92  ? 65  ASN A C   1 
ATOM   356  O  O   . ASN A 1 65  ? -0.250  -24.642 -3.404  1.00 39.94  ? 65  ASN A O   1 
ATOM   357  C  CB  . ASN A 1 65  ? -1.084  -22.295 -5.208  1.00 45.93  ? 65  ASN A CB  1 
ATOM   358  C  CG  . ASN A 1 65  ? -1.405  -22.990 -6.517  1.00 46.61  ? 65  ASN A CG  1 
ATOM   359  O  OD1 . ASN A 1 65  ? -1.168  -24.185 -6.714  1.00 46.69  ? 65  ASN A OD1 1 
ATOM   360  N  ND2 . ASN A 1 65  ? -1.999  -22.222 -7.415  1.00 48.41  ? 65  ASN A ND2 1 
ATOM   361  N  N   . ALA A 1 66  ? -2.257  -25.319 -4.095  1.00 46.04  ? 66  ALA A N   1 
ATOM   362  C  CA  . ALA A 1 66  ? -2.122  -26.741 -3.860  1.00 46.68  ? 66  ALA A CA  1 
ATOM   363  C  C   . ALA A 1 66  ? -0.924  -27.380 -4.524  1.00 48.22  ? 66  ALA A C   1 
ATOM   364  O  O   . ALA A 1 66  ? -0.471  -28.387 -3.944  1.00 47.34  ? 66  ALA A O   1 
ATOM   365  C  CB  . ALA A 1 66  ? -3.472  -27.383 -4.194  1.00 45.47  ? 66  ALA A CB  1 
ATOM   366  N  N   . GLU A 1 67  ? -0.343  -26.850 -5.605  1.00 51.26  ? 67  GLU A N   1 
ATOM   367  C  CA  . GLU A 1 67  ? 0.837   -27.521 -6.117  1.00 56.12  ? 67  GLU A CA  1 
ATOM   368  C  C   . GLU A 1 67  ? 2.059   -26.990 -5.363  1.00 54.49  ? 67  GLU A C   1 
ATOM   369  O  O   . GLU A 1 67  ? 2.987   -27.739 -5.091  1.00 56.86  ? 67  GLU A O   1 
ATOM   370  C  CB  . GLU A 1 67  ? 1.240   -27.455 -7.589  1.00 60.64  ? 67  GLU A CB  1 
ATOM   371  C  CG  . GLU A 1 67  ? 2.377   -28.468 -7.846  1.00 64.58  ? 67  GLU A CG  1 
ATOM   372  C  CD  . GLU A 1 67  ? 3.465   -27.993 -8.771  1.00 67.73  ? 67  GLU A CD  1 
ATOM   373  O  OE1 . GLU A 1 67  ? 3.263   -26.956 -9.443  1.00 69.06  ? 67  GLU A OE1 1 
ATOM   374  O  OE2 . GLU A 1 67  ? 4.544   -28.629 -8.879  1.00 67.33  ? 67  GLU A OE2 1 
ATOM   375  N  N   . GLU A 1 68  ? 1.974   -25.734 -5.002  1.00 51.77  ? 68  GLU A N   1 
ATOM   376  C  CA  . GLU A 1 68  ? 3.084   -25.039 -4.364  1.00 48.05  ? 68  GLU A CA  1 
ATOM   377  C  C   . GLU A 1 68  ? 3.122   -25.140 -2.858  1.00 44.69  ? 68  GLU A C   1 
ATOM   378  O  O   . GLU A 1 68  ? 4.092   -25.640 -2.278  1.00 43.46  ? 68  GLU A O   1 
ATOM   379  C  CB  . GLU A 1 68  ? 2.984   -23.595 -4.889  1.00 47.29  ? 68  GLU A CB  1 
ATOM   380  N  N   . GLY A 1 69  ? 2.130   -24.608 -2.144  1.00 42.13  ? 69  GLY A N   1 
ATOM   381  C  CA  . GLY A 1 69  ? 2.146   -24.597 -0.689  1.00 39.31  ? 69  GLY A CA  1 
ATOM   382  C  C   . GLY A 1 69  ? 3.369   -23.870 -0.147  1.00 36.51  ? 69  GLY A C   1 
ATOM   383  O  O   . GLY A 1 69  ? 3.996   -23.055 -0.830  1.00 34.52  ? 69  GLY A O   1 
ATOM   384  N  N   . GLY A 1 70  ? 3.754   -24.126 1.112   1.00 35.59  ? 70  GLY A N   1 
ATOM   385  C  CA  . GLY A 1 70  ? 4.859   -23.298 1.643   1.00 34.79  ? 70  GLY A CA  1 
ATOM   386  C  C   . GLY A 1 70  ? 4.205   -21.960 2.100   1.00 33.23  ? 70  GLY A C   1 
ATOM   387  O  O   . GLY A 1 70  ? 3.047   -21.598 1.977   1.00 29.46  ? 70  GLY A O   1 
ATOM   388  N  N   . PRO A 1 71  ? 5.052   -21.110 2.630   1.00 34.21  ? 71  PRO A N   1 
ATOM   389  C  CA  . PRO A 1 71  ? 4.680   -19.873 3.267   1.00 36.93  ? 71  PRO A CA  1 
ATOM   390  C  C   . PRO A 1 71  ? 4.548   -18.671 2.332   1.00 35.53  ? 71  PRO A C   1 
ATOM   391  O  O   . PRO A 1 71  ? 5.051   -18.779 1.216   1.00 35.88  ? 71  PRO A O   1 
ATOM   392  C  CB  . PRO A 1 71  ? 5.870   -19.648 4.229   1.00 35.14  ? 71  PRO A CB  1 
ATOM   393  C  CG  . PRO A 1 71  ? 7.038   -20.166 3.455   1.00 32.62  ? 71  PRO A CG  1 
ATOM   394  C  CD  . PRO A 1 71  ? 6.524   -21.388 2.796   1.00 35.11  ? 71  PRO A CD  1 
ATOM   395  N  N   . GLY A 1 72  ? 4.094   -17.562 2.888   1.00 31.33  ? 72  GLY A N   1 
ATOM   396  C  CA  . GLY A 1 72  ? 3.973   -16.327 2.170   1.00 32.06  ? 72  GLY A CA  1 
ATOM   397  C  C   . GLY A 1 72  ? 2.598   -16.030 1.589   1.00 31.53  ? 72  GLY A C   1 
ATOM   398  O  O   . GLY A 1 72  ? 2.423   -15.069 0.846   1.00 29.09  ? 72  GLY A O   1 
ATOM   399  N  N   . ALA A 1 73  ? 1.625   -16.888 1.875   1.00 32.03  ? 73  ALA A N   1 
ATOM   400  C  CA  . ALA A 1 73  ? 0.269   -16.788 1.408   1.00 30.35  ? 73  ALA A CA  1 
ATOM   401  C  C   . ALA A 1 73  ? -0.697  -16.275 2.470   1.00 30.21  ? 73  ALA A C   1 
ATOM   402  O  O   . ALA A 1 73  ? -0.574  -16.337 3.679   1.00 27.85  ? 73  ALA A O   1 
ATOM   403  C  CB  . ALA A 1 73  ? -0.297  -18.117 0.930   1.00 29.17  ? 73  ALA A CB  1 
ATOM   404  N  N   . GLY A 1 74  ? -1.745  -15.709 1.911   1.00 35.03  ? 74  GLY A N   1 
ATOM   405  C  CA  . GLY A 1 74  ? -2.929  -15.106 2.426   1.00 34.76  ? 74  GLY A CA  1 
ATOM   406  C  C   . GLY A 1 74  ? -3.172  -15.124 3.891   1.00 39.73  ? 74  GLY A C   1 
ATOM   407  O  O   . GLY A 1 74  ? -3.485  -13.970 4.301   1.00 48.14  ? 74  GLY A O   1 
ATOM   408  N  N   . GLY A 1 75  ? -3.267  -16.196 4.666   1.00 37.36  ? 75  GLY A N   1 
ATOM   409  C  CA  . GLY A 1 75  ? -3.374  -16.079 6.124   1.00 32.30  ? 75  GLY A CA  1 
ATOM   410  C  C   . GLY A 1 75  ? -2.492  -17.146 6.814   1.00 32.79  ? 75  GLY A C   1 
ATOM   411  O  O   . GLY A 1 75  ? -2.760  -17.860 7.781   1.00 32.88  ? 75  GLY A O   1 
ATOM   412  N  N   . GLY A 1 76  ? -1.321  -17.372 6.250   1.00 28.62  ? 76  GLY A N   1 
ATOM   413  C  CA  . GLY A 1 76  ? -0.259  -18.228 6.568   1.00 29.46  ? 76  GLY A CA  1 
ATOM   414  C  C   . GLY A 1 76  ? 0.976   -17.511 7.148   1.00 30.81  ? 76  GLY A C   1 
ATOM   415  O  O   . GLY A 1 76  ? 1.035   -16.285 7.242   1.00 28.03  ? 76  GLY A O   1 
ATOM   416  N  N   . GLY A 1 77  ? 1.898   -18.343 7.634   1.00 29.00  ? 77  GLY A N   1 
ATOM   417  C  CA  . GLY A 1 77  ? 3.145   -17.944 8.211   1.00 28.94  ? 77  GLY A CA  1 
ATOM   418  C  C   . GLY A 1 77  ? 3.967   -17.255 7.089   1.00 30.02  ? 77  GLY A C   1 
ATOM   419  O  O   . GLY A 1 77  ? 3.945   -17.766 5.986   1.00 29.13  ? 77  GLY A O   1 
ATOM   420  N  N   . CYS A 1 78  ? 4.649   -16.186 7.398   1.00 27.98  ? 78  CYS A N   1 
ATOM   421  C  CA  . CYS A 1 78  ? 5.375   -15.418 6.442   1.00 29.37  ? 78  CYS A CA  1 
ATOM   422  C  C   . CYS A 1 78  ? 6.687   -16.029 5.984   1.00 30.12  ? 78  CYS A C   1 
ATOM   423  O  O   . CYS A 1 78  ? 7.345   -16.677 6.772   1.00 31.13  ? 78  CYS A O   1 
ATOM   424  C  CB  . CYS A 1 78  ? 5.693   -14.042 7.043   1.00 29.56  ? 78  CYS A CB  1 
ATOM   425  S  SG  . CYS A 1 78  ? 4.272   -13.242 7.820   1.00 29.12  ? 78  CYS A SG  1 
ATOM   426  N  N   . ARG A 1 79  ? 6.968   -15.950 4.676   1.00 29.82  ? 79  ARG A N   1 
ATOM   427  C  CA  . ARG A 1 79  ? 8.246   -16.397 4.197   1.00 30.55  ? 79  ARG A CA  1 
ATOM   428  C  C   . ARG A 1 79  ? 9.368   -15.662 4.977   1.00 30.96  ? 79  ARG A C   1 
ATOM   429  O  O   . ARG A 1 79  ? 9.404   -14.503 5.394   1.00 29.54  ? 79  ARG A O   1 
ATOM   430  C  CB  . ARG A 1 79  ? 8.470   -16.062 2.720   1.00 32.30  ? 79  ARG A CB  1 
ATOM   431  C  CG  . ARG A 1 79  ? 9.538   -17.013 2.155   1.00 31.80  ? 79  ARG A CG  1 
ATOM   432  C  CD  . ARG A 1 79  ? 9.748   -16.633 0.683   1.00 33.20  ? 79  ARG A CD  1 
ATOM   433  N  NE  . ARG A 1 79  ? 8.635   -17.019 -0.147  1.00 30.80  ? 79  ARG A NE  1 
ATOM   434  C  CZ  . ARG A 1 79  ? 7.607   -16.454 -0.723  1.00 31.49  ? 79  ARG A CZ  1 
ATOM   435  N  NH1 . ARG A 1 79  ? 7.307   -15.147 -0.712  1.00 31.59  ? 79  ARG A NH1 1 
ATOM   436  N  NH2 . ARG A 1 79  ? 6.809   -17.254 -1.433  1.00 27.57  ? 79  ARG A NH2 1 
ATOM   437  N  N   . GLY A 1 80  ? 10.447  -16.382 5.156   1.00 30.61  ? 80  GLY A N   1 
ATOM   438  C  CA  . GLY A 1 80  ? 11.632  -16.027 5.836   1.00 34.95  ? 80  GLY A CA  1 
ATOM   439  C  C   . GLY A 1 80  ? 11.512  -15.848 7.344   1.00 36.15  ? 80  GLY A C   1 
ATOM   440  O  O   . GLY A 1 80  ? 12.637  -15.737 7.835   1.00 35.91  ? 80  GLY A O   1 
ATOM   441  N  N   . VAL A 1 81  ? 10.409  -15.724 8.079   1.00 38.37  ? 81  VAL A N   1 
ATOM   442  C  CA  . VAL A 1 81  ? 10.571  -15.472 9.499   1.00 42.20  ? 81  VAL A CA  1 
ATOM   443  C  C   . VAL A 1 81  ? 11.131  -16.698 10.214  1.00 43.84  ? 81  VAL A C   1 
ATOM   444  O  O   . VAL A 1 81  ? 10.933  -17.811 9.776   1.00 42.33  ? 81  VAL A O   1 
ATOM   445  C  CB  . VAL A 1 81  ? 9.471   -14.820 10.345  1.00 41.09  ? 81  VAL A CB  1 
ATOM   446  C  CG1 . VAL A 1 81  ? 8.512   -14.009 9.482   1.00 40.63  ? 81  VAL A CG1 1 
ATOM   447  C  CG2 . VAL A 1 81  ? 8.805   -15.684 11.372  1.00 36.49  ? 81  VAL A CG2 1 
ATOM   448  N  N   . ASP A 1 82  ? 11.910  -16.417 11.253  1.00 48.00  ? 82  ASP A N   1 
ATOM   449  C  CA  . ASP A 1 82  ? 12.451  -17.482 12.089  1.00 53.53  ? 82  ASP A CA  1 
ATOM   450  C  C   . ASP A 1 82  ? 11.345  -18.178 12.862  1.00 54.91  ? 82  ASP A C   1 
ATOM   451  O  O   . ASP A 1 82  ? 10.903  -17.625 13.870  1.00 53.66  ? 82  ASP A O   1 
ATOM   452  C  CB  . ASP A 1 82  ? 13.439  -16.907 13.131  1.00 54.77  ? 82  ASP A CB  1 
ATOM   453  C  CG  . ASP A 1 82  ? 14.229  -18.044 13.752  1.00 54.11  ? 82  ASP A CG  1 
ATOM   454  O  OD1 . ASP A 1 82  ? 13.945  -19.213 13.438  1.00 56.70  ? 82  ASP A OD1 1 
ATOM   455  O  OD2 . ASP A 1 82  ? 15.157  -17.854 14.525  1.00 54.39  ? 82  ASP A OD2 1 
ATOM   456  N  N   . ARG A 1 83  ? 10.957  -19.389 12.488  1.00 60.56  ? 83  ARG A N   1 
ATOM   457  C  CA  . ARG A 1 83  ? 9.897   -20.115 13.226  1.00 64.78  ? 83  ARG A CA  1 
ATOM   458  C  C   . ARG A 1 83  ? 10.379  -20.443 14.635  1.00 67.98  ? 83  ARG A C   1 
ATOM   459  O  O   . ARG A 1 83  ? 9.620   -20.515 15.603  1.00 66.91  ? 83  ARG A O   1 
ATOM   460  C  CB  . ARG A 1 83  ? 9.319   -21.248 12.445  1.00 65.45  ? 83  ARG A CB  1 
ATOM   461  C  CG  . ARG A 1 83  ? 10.117  -22.410 11.923  1.00 68.59  ? 83  ARG A CG  1 
ATOM   462  C  CD  . ARG A 1 83  ? 9.275   -23.676 11.825  1.00 68.01  ? 83  ARG A CD  1 
ATOM   463  N  NE  . ARG A 1 83  ? 8.007   -23.536 11.187  1.00 69.72  ? 83  ARG A NE  1 
ATOM   464  C  CZ  . ARG A 1 83  ? 6.785   -23.108 11.412  1.00 70.60  ? 83  ARG A CZ  1 
ATOM   465  N  NH1 . ARG A 1 83  ? 6.370   -22.593 12.562  1.00 69.72  ? 83  ARG A NH1 1 
ATOM   466  N  NH2 . ARG A 1 83  ? 5.887   -23.197 10.427  1.00 69.84  ? 83  ARG A NH2 1 
ATOM   467  N  N   . ARG A 1 84  ? 11.700  -20.547 14.817  1.00 71.21  ? 84  ARG A N   1 
ATOM   468  C  CA  . ARG A 1 84  ? 12.280  -20.760 16.123  1.00 74.96  ? 84  ARG A CA  1 
ATOM   469  C  C   . ARG A 1 84  ? 11.827  -19.694 17.112  1.00 74.86  ? 84  ARG A C   1 
ATOM   470  O  O   . ARG A 1 84  ? 11.619  -20.064 18.275  1.00 74.31  ? 84  ARG A O   1 
ATOM   471  C  CB  . ARG A 1 84  ? 13.805  -20.835 16.070  1.00 76.69  ? 84  ARG A CB  1 
ATOM   472  C  CG  . ARG A 1 84  ? 14.306  -21.893 15.088  1.00 80.07  ? 84  ARG A CG  1 
ATOM   473  C  CD  . ARG A 1 84  ? 15.825  -21.832 14.968  1.00 82.51  ? 84  ARG A CD  1 
ATOM   474  N  NE  . ARG A 1 84  ? 16.264  -20.455 14.879  1.00 83.55  ? 84  ARG A NE  1 
ATOM   475  C  CZ  . ARG A 1 84  ? 17.439  -19.883 14.953  1.00 85.32  ? 84  ARG A CZ  1 
ATOM   476  N  NH1 . ARG A 1 84  ? 18.532  -20.611 15.127  1.00 85.51  ? 84  ARG A NH1 1 
ATOM   477  N  NH2 . ARG A 1 84  ? 17.552  -18.559 14.840  1.00 85.71  ? 84  ARG A NH2 1 
ATOM   478  N  N   . HIS A 1 85  ? 11.647  -18.417 16.793  1.00 72.96  ? 85  HIS A N   1 
ATOM   479  C  CA  . HIS A 1 85  ? 11.269  -17.447 17.816  1.00 71.03  ? 85  HIS A CA  1 
ATOM   480  C  C   . HIS A 1 85  ? 9.892   -16.837 17.646  1.00 67.45  ? 85  HIS A C   1 
ATOM   481  O  O   . HIS A 1 85  ? 9.334   -16.158 18.512  1.00 65.02  ? 85  HIS A O   1 
ATOM   482  C  CB  . HIS A 1 85  ? 12.305  -16.313 17.808  1.00 76.08  ? 85  HIS A CB  1 
ATOM   483  C  CG  . HIS A 1 85  ? 13.743  -16.738 17.792  1.00 79.61  ? 85  HIS A CG  1 
ATOM   484  N  ND1 . HIS A 1 85  ? 14.263  -17.710 18.629  1.00 80.91  ? 85  HIS A ND1 1 
ATOM   485  C  CD2 . HIS A 1 85  ? 14.784  -16.315 17.035  1.00 80.36  ? 85  HIS A CD2 1 
ATOM   486  C  CE1 . HIS A 1 85  ? 15.553  -17.878 18.389  1.00 80.75  ? 85  HIS A CE1 1 
ATOM   487  N  NE2 . HIS A 1 85  ? 15.890  -17.048 17.423  1.00 81.76  ? 85  HIS A NE2 1 
ATOM   488  N  N   . TRP A 1 86  ? 9.332   -17.013 16.441  1.00 61.09  ? 86  TRP A N   1 
ATOM   489  C  CA  . TRP A 1 86  ? 8.132   -16.359 16.022  1.00 55.16  ? 86  TRP A CA  1 
ATOM   490  C  C   . TRP A 1 86  ? 7.071   -17.133 15.260  1.00 50.42  ? 86  TRP A C   1 
ATOM   491  O  O   . TRP A 1 86  ? 7.229   -17.991 14.414  1.00 45.37  ? 86  TRP A O   1 
ATOM   492  C  CB  . TRP A 1 86  ? 8.521   -15.214 15.042  1.00 58.04  ? 86  TRP A CB  1 
ATOM   493  C  CG  . TRP A 1 86  ? 9.364   -14.132 15.625  1.00 60.88  ? 86  TRP A CG  1 
ATOM   494  C  CD1 . TRP A 1 86  ? 10.727  -13.985 15.559  1.00 60.45  ? 86  TRP A CD1 1 
ATOM   495  C  CD2 . TRP A 1 86  ? 8.889   -13.046 16.429  1.00 62.27  ? 86  TRP A CD2 1 
ATOM   496  N  NE1 . TRP A 1 86  ? 11.115  -12.867 16.255  1.00 62.19  ? 86  TRP A NE1 1 
ATOM   497  C  CE2 . TRP A 1 86  ? 10.003  -12.272 16.805  1.00 63.57  ? 86  TRP A CE2 1 
ATOM   498  C  CE3 . TRP A 1 86  ? 7.622   -12.660 16.868  1.00 63.61  ? 86  TRP A CE3 1 
ATOM   499  C  CZ2 . TRP A 1 86  ? 9.888   -11.129 17.588  1.00 63.79  ? 86  TRP A CZ2 1 
ATOM   500  C  CZ3 . TRP A 1 86  ? 7.513   -11.528 17.644  1.00 65.29  ? 86  TRP A CZ3 1 
ATOM   501  C  CH2 . TRP A 1 86  ? 8.634   -10.767 18.000  1.00 63.99  ? 86  TRP A CH2 1 
ATOM   502  N  N   . VAL A 1 87  ? 5.885   -16.620 15.524  1.00 46.95  ? 87  VAL A N   1 
ATOM   503  C  CA  . VAL A 1 87  ? 4.614   -16.951 14.869  1.00 43.54  ? 87  VAL A CA  1 
ATOM   504  C  C   . VAL A 1 87  ? 4.210   -15.711 14.069  1.00 39.68  ? 87  VAL A C   1 
ATOM   505  O  O   . VAL A 1 87  ? 4.178   -14.569 14.553  1.00 37.38  ? 87  VAL A O   1 
ATOM   506  C  CB  . VAL A 1 87  ? 3.620   -17.402 15.923  1.00 44.79  ? 87  VAL A CB  1 
ATOM   507  C  CG1 . VAL A 1 87  ? 2.276   -16.698 15.899  1.00 47.74  ? 87  VAL A CG1 1 
ATOM   508  C  CG2 . VAL A 1 87  ? 3.400   -18.914 15.900  1.00 47.57  ? 87  VAL A CG2 1 
ATOM   509  N  N   . SER A 1 88  ? 3.933   -15.926 12.793  1.00 36.66  ? 88  SER A N   1 
ATOM   510  C  CA  . SER A 1 88  ? 3.618   -14.842 11.880  1.00 34.09  ? 88  SER A CA  1 
ATOM   511  C  C   . SER A 1 88  ? 2.412   -15.164 11.003  1.00 34.25  ? 88  SER A C   1 
ATOM   512  O  O   . SER A 1 88  ? 1.923   -16.289 10.999  1.00 31.22  ? 88  SER A O   1 
ATOM   513  C  CB  . SER A 1 88  ? 4.874   -14.448 11.121  1.00 33.65  ? 88  SER A CB  1 
ATOM   514  O  OG  . SER A 1 88  ? 5.183   -15.397 10.102  1.00 33.96  ? 88  SER A OG  1 
ATOM   515  N  N   . GLU A 1 89  ? 1.935   -14.129 10.323  1.00 33.85  ? 89  GLU A N   1 
ATOM   516  C  CA  . GLU A 1 89  ? 0.789   -14.129 9.454   1.00 35.31  ? 89  GLU A CA  1 
ATOM   517  C  C   . GLU A 1 89  ? 0.774   -12.997 8.394   1.00 33.14  ? 89  GLU A C   1 
ATOM   518  O  O   . GLU A 1 89  ? 0.919   -11.819 8.743   1.00 31.16  ? 89  GLU A O   1 
ATOM   519  C  CB  . GLU A 1 89  ? -0.511  -13.968 10.261  1.00 35.45  ? 89  GLU A CB  1 
ATOM   520  C  CG  . GLU A 1 89  ? -1.771  -14.093 9.419   1.00 39.64  ? 89  GLU A CG  1 
ATOM   521  C  CD  . GLU A 1 89  ? -3.071  -13.933 10.223  1.00 41.16  ? 89  GLU A CD  1 
ATOM   522  O  OE1 . GLU A 1 89  ? -3.431  -12.855 10.745  1.00 39.17  ? 89  GLU A OE1 1 
ATOM   523  O  OE2 . GLU A 1 89  ? -3.782  -14.942 10.328  1.00 41.51  ? 89  GLU A OE2 1 
ATOM   524  N  N   . CYS A 1 90  ? 0.631   -13.397 7.131   1.00 31.56  ? 90  CYS A N   1 
ATOM   525  C  CA  . CYS A 1 90  ? 0.389   -12.475 6.027   1.00 30.80  ? 90  CYS A CA  1 
ATOM   526  C  C   . CYS A 1 90  ? -1.073  -12.049 6.085   1.00 32.69  ? 90  CYS A C   1 
ATOM   527  O  O   . CYS A 1 90  ? -1.935  -12.929 6.200   1.00 33.86  ? 90  CYS A O   1 
ATOM   528  C  CB  . CYS A 1 90  ? 0.694   -13.116 4.701   1.00 25.81  ? 90  CYS A CB  1 
ATOM   529  S  SG  . CYS A 1 90  ? 2.465   -13.554 4.631   1.00 18.67  ? 90  CYS A SG  1 
ATOM   530  N  N   . LYS A 1 91  ? -1.312  -10.762 6.184   1.00 33.34  ? 91  LYS A N   1 
ATOM   531  C  CA  . LYS A 1 91  ? -2.655  -10.217 6.293   1.00 34.46  ? 91  LYS A CA  1 
ATOM   532  C  C   . LYS A 1 91  ? -2.769  -9.030  5.335   1.00 35.03  ? 91  LYS A C   1 
ATOM   533  O  O   . LYS A 1 91  ? -1.707  -8.425  5.036   1.00 34.93  ? 91  LYS A O   1 
ATOM   534  C  CB  . LYS A 1 91  ? -2.858  -9.688  7.686   1.00 38.17  ? 91  LYS A CB  1 
ATOM   535  C  CG  . LYS A 1 91  ? -3.734  -10.394 8.678   1.00 43.98  ? 91  LYS A CG  1 
ATOM   536  C  CD  . LYS A 1 91  ? -3.615  -9.787  10.069  1.00 47.16  ? 91  LYS A CD  1 
ATOM   537  C  CE  . LYS A 1 91  ? -2.260  -10.292 10.653  1.00 49.19  ? 91  LYS A CE  1 
ATOM   538  N  NZ  . LYS A 1 91  ? -2.581  -10.762 12.057  1.00 51.72  ? 91  LYS A NZ  1 
ATOM   539  N  N   . ALA A 1 92  ? -3.960  -8.721  4.858   1.00 33.32  ? 92  ALA A N   1 
ATOM   540  C  CA  . ALA A 1 92  ? -4.077  -7.549  3.994   1.00 34.42  ? 92  ALA A CA  1 
ATOM   541  C  C   . ALA A 1 92  ? -3.986  -6.248  4.768   1.00 35.32  ? 92  ALA A C   1 
ATOM   542  O  O   . ALA A 1 92  ? -4.511  -6.157  5.874   1.00 37.50  ? 92  ALA A O   1 
ATOM   543  C  CB  . ALA A 1 92  ? -5.366  -7.480  3.223   1.00 32.11  ? 92  ALA A CB  1 
ATOM   544  N  N   . LYS A 1 93  ? -3.294  -5.263  4.222   1.00 38.59  ? 93  LYS A N   1 
ATOM   545  C  CA  . LYS A 1 93  ? -3.184  -3.919  4.840   1.00 40.87  ? 93  LYS A CA  1 
ATOM   546  C  C   . LYS A 1 93  ? -4.067  -2.996  3.991   1.00 39.33  ? 93  LYS A C   1 
ATOM   547  O  O   . LYS A 1 93  ? -4.148  -3.203  2.790   1.00 34.32  ? 93  LYS A O   1 
ATOM   548  C  CB  . LYS A 1 93  ? -1.722  -3.518  4.820   1.00 44.15  ? 93  LYS A CB  1 
ATOM   549  C  CG  . LYS A 1 93  ? -1.290  -2.227  5.489   1.00 48.77  ? 93  LYS A CG  1 
ATOM   550  C  CD  . LYS A 1 93  ? -1.820  -2.129  6.909   1.00 53.09  ? 93  LYS A CD  1 
ATOM   551  C  CE  . LYS A 1 93  ? -0.863  -2.362  8.076   1.00 52.85  ? 93  LYS A CE  1 
ATOM   552  N  NZ  . LYS A 1 93  ? -0.539  -1.043  8.716   1.00 54.13  ? 93  LYS A NZ  1 
ATOM   553  N  N   . GLN A 1 94  ? -4.751  -2.014  4.537   1.00 41.56  ? 94  GLN A N   1 
ATOM   554  C  CA  . GLN A 1 94  ? -5.607  -1.069  3.861   1.00 44.09  ? 94  GLN A CA  1 
ATOM   555  C  C   . GLN A 1 94  ? -5.074  0.369   3.947   1.00 43.43  ? 94  GLN A C   1 
ATOM   556  O  O   . GLN A 1 94  ? -4.189  0.740   4.707   1.00 40.66  ? 94  GLN A O   1 
ATOM   557  C  CB  . GLN A 1 94  ? -7.036  -1.133  4.408   1.00 45.61  ? 94  GLN A CB  1 
ATOM   558  C  CG  . GLN A 1 94  ? -7.670  -2.499  4.354   1.00 51.82  ? 94  GLN A CG  1 
ATOM   559  C  CD  . GLN A 1 94  ? -9.144  -2.681  4.631   1.00 54.88  ? 94  GLN A CD  1 
ATOM   560  O  OE1 . GLN A 1 94  ? -9.551  -2.826  5.791   1.00 55.12  ? 94  GLN A OE1 1 
ATOM   561  N  NE2 . GLN A 1 94  ? -10.014 -2.707  3.604   1.00 53.81  ? 94  GLN A NE2 1 
ATOM   562  N  N   . SER A 1 95  ? -5.498  1.222   3.012   1.00 40.72  ? 95  SER A N   1 
ATOM   563  C  CA  . SER A 1 95  ? -5.170  2.629   3.035   1.00 38.57  ? 95  SER A CA  1 
ATOM   564  C  C   . SER A 1 95  ? -6.446  3.358   2.521   1.00 40.24  ? 95  SER A C   1 
ATOM   565  O  O   . SER A 1 95  ? -7.432  2.768   2.053   1.00 38.46  ? 95  SER A O   1 
ATOM   566  C  CB  . SER A 1 95  ? -4.017  3.123   2.230   1.00 34.60  ? 95  SER A CB  1 
ATOM   567  O  OG  . SER A 1 95  ? -3.035  2.218   1.953   1.00 29.01  ? 95  SER A OG  1 
ATOM   568  N  N   . TYR A 1 96  ? -6.343  4.674   2.590   1.00 38.19  ? 96  TYR A N   1 
ATOM   569  C  CA  . TYR A 1 96  ? -7.515  5.437   2.159   1.00 40.82  ? 96  TYR A CA  1 
ATOM   570  C  C   . TYR A 1 96  ? -7.317  5.963   0.750   1.00 39.68  ? 96  TYR A C   1 
ATOM   571  O  O   . TYR A 1 96  ? -6.247  6.450   0.400   1.00 37.20  ? 96  TYR A O   1 
ATOM   572  C  CB  . TYR A 1 96  ? -7.725  6.540   3.215   1.00 41.26  ? 96  TYR A CB  1 
ATOM   573  C  CG  . TYR A 1 96  ? -8.388  6.034   4.497   1.00 43.87  ? 96  TYR A CG  1 
ATOM   574  C  CD1 . TYR A 1 96  ? -9.765  5.867   4.554   1.00 42.19  ? 96  TYR A CD1 1 
ATOM   575  C  CD2 . TYR A 1 96  ? -7.620  5.736   5.630   1.00 42.67  ? 96  TYR A CD2 1 
ATOM   576  C  CE1 . TYR A 1 96  ? -10.355 5.415   5.706   1.00 42.42  ? 96  TYR A CE1 1 
ATOM   577  C  CE2 . TYR A 1 96  ? -8.202  5.286   6.792   1.00 42.67  ? 96  TYR A CE2 1 
ATOM   578  C  CZ  . TYR A 1 96  ? -9.580  5.125   6.816   1.00 44.77  ? 96  TYR A CZ  1 
ATOM   579  O  OH  . TYR A 1 96  ? -10.190 4.664   7.971   1.00 43.57  ? 96  TYR A OH  1 
ATOM   580  N  N   . VAL A 1 97  ? -8.315  5.874   -0.118  1.00 37.06  ? 97  VAL A N   1 
ATOM   581  C  CA  . VAL A 1 97  ? -8.233  6.457   -1.454  1.00 36.01  ? 97  VAL A CA  1 
ATOM   582  C  C   . VAL A 1 97  ? -9.435  7.385   -1.556  1.00 34.36  ? 97  VAL A C   1 
ATOM   583  O  O   . VAL A 1 97  ? -10.461 7.171   -0.933  1.00 31.96  ? 97  VAL A O   1 
ATOM   584  C  CB  . VAL A 1 97  ? -8.056  5.527   -2.648  1.00 35.11  ? 97  VAL A CB  1 
ATOM   585  C  CG1 . VAL A 1 97  ? -6.798  4.669   -2.386  1.00 36.57  ? 97  VAL A CG1 1 
ATOM   586  C  CG2 . VAL A 1 97  ? -9.183  4.563   -2.912  1.00 36.61  ? 97  VAL A CG2 1 
ATOM   587  N  N   . ARG A 1 98  ? -9.232  8.496   -2.232  1.00 36.46  ? 98  ARG A N   1 
ATOM   588  C  CA  . ARG A 1 98  ? -10.217 9.502   -2.531  1.00 37.01  ? 98  ARG A CA  1 
ATOM   589  C  C   . ARG A 1 98  ? -11.214 8.863   -3.516  1.00 37.05  ? 98  ARG A C   1 
ATOM   590  O  O   . ARG A 1 98  ? -10.763 8.392   -4.566  1.00 36.73  ? 98  ARG A O   1 
ATOM   591  C  CB  . ARG A 1 98  ? -9.609  10.666  -3.310  1.00 38.79  ? 98  ARG A CB  1 
ATOM   592  C  CG  . ARG A 1 98  ? -9.213  11.922  -2.602  1.00 39.26  ? 98  ARG A CG  1 
ATOM   593  C  CD  . ARG A 1 98  ? -10.251 12.875  -2.054  1.00 37.87  ? 98  ARG A CD  1 
ATOM   594  N  NE  . ARG A 1 98  ? -9.674  14.179  -2.120  1.00 39.77  ? 98  ARG A NE  1 
ATOM   595  C  CZ  . ARG A 1 98  ? -9.739  15.410  -1.683  1.00 39.15  ? 98  ARG A CZ  1 
ATOM   596  N  NH1 . ARG A 1 98  ? -8.881  16.338  -2.127  1.00 36.30  ? 98  ARG A NH1 1 
ATOM   597  N  NH2 . ARG A 1 98  ? -10.652 15.779  -0.810  1.00 38.25  ? 98  ARG A NH2 1 
ATOM   598  N  N   . ALA A 1 99  ? -12.505 8.893   -3.208  1.00 36.21  ? 99  ALA A N   1 
ATOM   599  C  CA  . ALA A 1 99  ? -13.461 8.305   -4.130  1.00 35.92  ? 99  ALA A CA  1 
ATOM   600  C  C   . ALA A 1 99  ? -14.752 9.095   -4.226  1.00 37.53  ? 99  ALA A C   1 
ATOM   601  O  O   . ALA A 1 99  ? -15.250 9.813   -3.351  1.00 36.44  ? 99  ALA A O   1 
ATOM   602  C  CB  . ALA A 1 99  ? -13.629 6.849   -3.723  1.00 33.57  ? 99  ALA A CB  1 
ATOM   603  N  N   . LEU A 1 100 ? -15.257 9.158   -5.458  1.00 40.96  ? 100 LEU A N   1 
ATOM   604  C  CA  . LEU A 1 100 ? -16.506 9.849   -5.709  1.00 41.27  ? 100 LEU A CA  1 
ATOM   605  C  C   . LEU A 1 100 ? -17.540 8.859   -5.149  1.00 41.55  ? 100 LEU A C   1 
ATOM   606  O  O   . LEU A 1 100 ? -17.562 7.758   -5.716  1.00 42.97  ? 100 LEU A O   1 
ATOM   607  C  CB  . LEU A 1 100 ? -17.037 10.100  -7.111  1.00 41.71  ? 100 LEU A CB  1 
ATOM   608  C  CG  . LEU A 1 100 ? -18.270 11.046  -6.965  1.00 42.61  ? 100 LEU A CG  1 
ATOM   609  C  CD1 . LEU A 1 100 ? -17.669 12.387  -6.536  1.00 44.63  ? 100 LEU A CD1 1 
ATOM   610  C  CD2 . LEU A 1 100 ? -19.075 11.265  -8.192  1.00 40.40  ? 100 LEU A CD2 1 
ATOM   611  N  N   . THR A 1 101 ? -18.285 9.264   -4.152  1.00 40.72  ? 101 THR A N   1 
ATOM   612  C  CA  . THR A 1 101 ? -19.257 8.381   -3.540  1.00 41.94  ? 101 THR A CA  1 
ATOM   613  C  C   . THR A 1 101 ? -20.603 9.100   -3.357  1.00 46.55  ? 101 THR A C   1 
ATOM   614  O  O   . THR A 1 101 ? -20.889 10.242  -3.782  1.00 42.83  ? 101 THR A O   1 
ATOM   615  C  CB  . THR A 1 101 ? -18.762 7.910   -2.155  1.00 41.02  ? 101 THR A CB  1 
ATOM   616  O  OG1 . THR A 1 101 ? -18.348 8.984   -1.313  1.00 38.80  ? 101 THR A OG1 1 
ATOM   617  C  CG2 . THR A 1 101 ? -17.529 7.005   -2.191  1.00 40.48  ? 101 THR A CG2 1 
ATOM   618  N  N   . ALA A 1 102 ? -21.462 8.393   -2.613  1.00 48.29  ? 102 ALA A N   1 
ATOM   619  C  CA  . ALA A 1 102 ? -22.798 8.919   -2.300  1.00 49.60  ? 102 ALA A CA  1 
ATOM   620  C  C   . ALA A 1 102 ? -23.281 8.417   -0.943  1.00 51.05  ? 102 ALA A C   1 
ATOM   621  O  O   . ALA A 1 102 ? -22.941 7.249   -0.576  1.00 51.62  ? 102 ALA A O   1 
ATOM   622  C  CB  . ALA A 1 102 ? -23.689 8.476   -3.462  1.00 51.47  ? 102 ALA A CB  1 
ATOM   623  N  N   . VAL A 1 108 ? -23.897 12.747  -2.697  1.00 74.92  ? 108 VAL A N   1 
ATOM   624  C  CA  . VAL A 1 108 ? -22.753 12.647  -3.664  1.00 75.85  ? 108 VAL A CA  1 
ATOM   625  C  C   . VAL A 1 108 ? -21.569 13.550  -3.350  1.00 73.87  ? 108 VAL A C   1 
ATOM   626  O  O   . VAL A 1 108 ? -21.682 14.719  -2.929  1.00 75.81  ? 108 VAL A O   1 
ATOM   627  C  CB  . VAL A 1 108 ? -23.284 12.761  -5.096  1.00 76.77  ? 108 VAL A CB  1 
ATOM   628  C  CG1 . VAL A 1 108 ? -22.189 13.100  -6.091  1.00 76.20  ? 108 VAL A CG1 1 
ATOM   629  C  CG2 . VAL A 1 108 ? -23.974 11.440  -5.462  1.00 75.91  ? 108 VAL A CG2 1 
ATOM   630  N  N   . GLY A 1 109 ? -20.359 12.991  -3.476  1.00 70.97  ? 109 GLY A N   1 
ATOM   631  C  CA  . GLY A 1 109 ? -19.104 13.666  -3.171  1.00 66.25  ? 109 GLY A CA  1 
ATOM   632  C  C   . GLY A 1 109 ? -17.851 12.833  -2.956  1.00 61.66  ? 109 GLY A C   1 
ATOM   633  O  O   . GLY A 1 109 ? -17.868 11.611  -2.911  1.00 59.37  ? 109 GLY A O   1 
ATOM   634  N  N   . TRP A 1 110 ? -16.683 13.482  -2.872  1.00 60.92  ? 110 TRP A N   1 
ATOM   635  C  CA  . TRP A 1 110 ? -15.393 12.859  -2.646  1.00 57.93  ? 110 TRP A CA  1 
ATOM   636  C  C   . TRP A 1 110 ? -15.237 12.521  -1.163  1.00 54.63  ? 110 TRP A C   1 
ATOM   637  O  O   . TRP A 1 110 ? -15.428 13.332  -0.278  1.00 50.10  ? 110 TRP A O   1 
ATOM   638  C  CB  . TRP A 1 110 ? -14.156 13.653  -3.078  1.00 60.16  ? 110 TRP A CB  1 
ATOM   639  C  CG  . TRP A 1 110 ? -14.303 13.985  -4.535  1.00 63.63  ? 110 TRP A CG  1 
ATOM   640  C  CD1 . TRP A 1 110 ? -14.848 15.147  -5.006  1.00 63.78  ? 110 TRP A CD1 1 
ATOM   641  C  CD2 . TRP A 1 110 ? -14.037 13.156  -5.661  1.00 64.50  ? 110 TRP A CD2 1 
ATOM   642  N  NE1 . TRP A 1 110 ? -14.938 15.071  -6.369  1.00 64.92  ? 110 TRP A NE1 1 
ATOM   643  C  CE2 . TRP A 1 110 ? -14.422 13.882  -6.810  1.00 65.24  ? 110 TRP A CE2 1 
ATOM   644  C  CE3 . TRP A 1 110 ? -13.465 11.901  -5.841  1.00 64.55  ? 110 TRP A CE3 1 
ATOM   645  C  CZ2 . TRP A 1 110 ? -14.280 13.386  -8.105  1.00 64.69  ? 110 TRP A CZ2 1 
ATOM   646  C  CZ3 . TRP A 1 110 ? -13.341 11.377  -7.119  1.00 65.53  ? 110 TRP A CZ3 1 
ATOM   647  C  CH2 . TRP A 1 110 ? -13.754 12.123  -8.239  1.00 66.14  ? 110 TRP A CH2 1 
ATOM   648  N  N   . ARG A 1 111 ? -15.041 11.228  -0.950  1.00 52.56  ? 111 ARG A N   1 
ATOM   649  C  CA  . ARG A 1 111 ? -14.819 10.672  0.356   1.00 50.84  ? 111 ARG A CA  1 
ATOM   650  C  C   . ARG A 1 111 ? -13.606 9.720   0.287   1.00 48.07  ? 111 ARG A C   1 
ATOM   651  O  O   . ARG A 1 111 ? -13.306 8.986   -0.680  1.00 46.22  ? 111 ARG A O   1 
ATOM   652  C  CB  . ARG A 1 111 ? -15.995 9.906   0.948   1.00 54.87  ? 111 ARG A CB  1 
ATOM   653  C  CG  . ARG A 1 111 ? -17.310 10.644  1.138   1.00 59.05  ? 111 ARG A CG  1 
ATOM   654  C  CD  . ARG A 1 111 ? -18.387 9.614   1.548   1.00 64.67  ? 111 ARG A CD  1 
ATOM   655  N  NE  . ARG A 1 111 ? -19.623 10.007  0.865   1.00 68.25  ? 111 ARG A NE  1 
ATOM   656  C  CZ  . ARG A 1 111 ? -20.487 10.884  1.345   1.00 69.59  ? 111 ARG A CZ  1 
ATOM   657  N  NH1 . ARG A 1 111 ? -20.236 11.383  2.544   1.00 72.15  ? 111 ARG A NH1 1 
ATOM   658  N  NH2 . ARG A 1 111 ? -21.549 11.257  0.663   1.00 72.04  ? 111 ARG A NH2 1 
ATOM   659  N  N   . TRP A 1 112 ? -12.936 9.735   1.434   1.00 40.59  ? 112 TRP A N   1 
ATOM   660  C  CA  . TRP A 1 112 ? -11.837 8.820   1.635   1.00 37.03  ? 112 TRP A CA  1 
ATOM   661  C  C   . TRP A 1 112 ? -12.392 7.435   1.872   1.00 34.81  ? 112 TRP A C   1 
ATOM   662  O  O   . TRP A 1 112 ? -13.164 7.348   2.789   1.00 31.72  ? 112 TRP A O   1 
ATOM   663  C  CB  . TRP A 1 112 ? -11.025 9.376   2.799   1.00 36.69  ? 112 TRP A CB  1 
ATOM   664  C  CG  . TRP A 1 112 ? -10.333 10.627  2.294   1.00 36.68  ? 112 TRP A CG  1 
ATOM   665  C  CD1 . TRP A 1 112 ? -10.663 11.924  2.482   1.00 35.07  ? 112 TRP A CD1 1 
ATOM   666  C  CD2 . TRP A 1 112 ? -9.118  10.612  1.505   1.00 35.99  ? 112 TRP A CD2 1 
ATOM   667  N  NE1 . TRP A 1 112 ? -9.721  12.725  1.868   1.00 35.88  ? 112 TRP A NE1 1 
ATOM   668  C  CE2 . TRP A 1 112 ? -8.772  11.961  1.258   1.00 36.26  ? 112 TRP A CE2 1 
ATOM   669  C  CE3 . TRP A 1 112 ? -8.300  9.604   0.999   1.00 34.48  ? 112 TRP A CE3 1 
ATOM   670  C  CZ2 . TRP A 1 112 ? -7.623  12.319  0.538   1.00 35.85  ? 112 TRP A CZ2 1 
ATOM   671  C  CZ3 . TRP A 1 112 ? -7.195  9.961   0.262   1.00 35.77  ? 112 TRP A CZ3 1 
ATOM   672  C  CH2 . TRP A 1 112 ? -6.846  11.308  0.025   1.00 37.04  ? 112 TRP A CH2 1 
ATOM   673  N  N   . ILE A 1 113 ? -11.984 6.385   1.144   1.00 32.36  ? 113 ILE A N   1 
ATOM   674  C  CA  . ILE A 1 113 ? -12.486 5.054   1.426   1.00 31.02  ? 113 ILE A CA  1 
ATOM   675  C  C   . ILE A 1 113 ? -11.360 4.038   1.631   1.00 32.56  ? 113 ILE A C   1 
ATOM   676  O  O   . ILE A 1 113 ? -10.243 4.204   1.133   1.00 31.10  ? 113 ILE A O   1 
ATOM   677  C  CB  . ILE A 1 113 ? -13.461 4.548   0.356   1.00 31.56  ? 113 ILE A CB  1 
ATOM   678  C  CG1 . ILE A 1 113 ? -12.696 4.350   -0.970  1.00 28.28  ? 113 ILE A CG1 1 
ATOM   679  C  CG2 . ILE A 1 113 ? -14.739 5.379   0.116   1.00 29.05  ? 113 ILE A CG2 1 
ATOM   680  C  CD1 . ILE A 1 113 ? -13.511 3.890   -2.150  1.00 25.41  ? 113 ILE A CD1 1 
ATOM   681  N  N   . ARG A 1 114 ? -11.599 2.961   2.373   1.00 33.99  ? 114 ARG A N   1 
ATOM   682  C  CA  . ARG A 1 114 ? -10.586 1.957   2.634   1.00 39.50  ? 114 ARG A CA  1 
ATOM   683  C  C   . ARG A 1 114 ? -10.472 0.951   1.474   1.00 37.73  ? 114 ARG A C   1 
ATOM   684  O  O   . ARG A 1 114 ? -11.467 0.399   1.008   1.00 36.46  ? 114 ARG A O   1 
ATOM   685  C  CB  . ARG A 1 114 ? -10.834 1.027   3.808   1.00 43.01  ? 114 ARG A CB  1 
ATOM   686  C  CG  . ARG A 1 114 ? -11.701 1.485   4.934   1.00 49.09  ? 114 ARG A CG  1 
ATOM   687  C  CD  . ARG A 1 114 ? -10.948 1.771   6.213   1.00 52.45  ? 114 ARG A CD  1 
ATOM   688  N  NE  . ARG A 1 114 ? -11.923 1.857   7.312   1.00 57.96  ? 114 ARG A NE  1 
ATOM   689  C  CZ  . ARG A 1 114 ? -11.478 2.024   8.560   1.00 62.11  ? 114 ARG A CZ  1 
ATOM   690  N  NH1 . ARG A 1 114 ? -10.145 2.110   8.734   1.00 62.38  ? 114 ARG A NH1 1 
ATOM   691  N  NH2 . ARG A 1 114 ? -12.289 2.130   9.601   1.00 61.30  ? 114 ARG A NH2 1 
ATOM   692  N  N   . ILE A 1 115 ? -9.292  0.735   0.954   1.00 36.94  ? 115 ILE A N   1 
ATOM   693  C  CA  . ILE A 1 115 ? -9.113  -0.218  -0.122  1.00 36.83  ? 115 ILE A CA  1 
ATOM   694  C  C   . ILE A 1 115 ? -7.916  -1.066  0.331   1.00 35.42  ? 115 ILE A C   1 
ATOM   695  O  O   . ILE A 1 115 ? -7.168  -0.635  1.193   1.00 33.17  ? 115 ILE A O   1 
ATOM   696  C  CB  . ILE A 1 115 ? -8.980  0.359   -1.552  1.00 35.85  ? 115 ILE A CB  1 
ATOM   697  C  CG1 . ILE A 1 115 ? -7.782  1.279   -1.653  1.00 36.32  ? 115 ILE A CG1 1 
ATOM   698  C  CG2 . ILE A 1 115 ? -10.265 1.033   -2.004  1.00 33.14  ? 115 ILE A CG2 1 
ATOM   699  C  CD1 . ILE A 1 115 ? -7.175  1.571   -3.010  1.00 36.66  ? 115 ILE A CD1 1 
ATOM   700  N  N   . ASP A 1 116 ? -7.810  -2.280  -0.194  1.00 34.74  ? 116 ASP A N   1 
ATOM   701  C  CA  . ASP A 1 116 ? -6.658  -3.111  0.124   1.00 32.48  ? 116 ASP A CA  1 
ATOM   702  C  C   . ASP A 1 116 ? -5.456  -2.618  -0.691  1.00 32.18  ? 116 ASP A C   1 
ATOM   703  O  O   . ASP A 1 116 ? -5.451  -2.607  -1.950  1.00 28.71  ? 116 ASP A O   1 
ATOM   704  C  CB  . ASP A 1 116 ? -6.933  -4.554  -0.269  1.00 36.30  ? 116 ASP A CB  1 
ATOM   705  C  CG  . ASP A 1 116 ? -8.012  -5.281  0.528   1.00 37.67  ? 116 ASP A CG  1 
ATOM   706  O  OD1 . ASP A 1 116 ? -8.082  -5.107  1.757   1.00 37.97  ? 116 ASP A OD1 1 
ATOM   707  O  OD2 . ASP A 1 116 ? -8.784  -6.028  -0.124  1.00 39.04  ? 116 ASP A OD2 1 
ATOM   708  N  N   . THR A 1 117 ? -4.374  -2.262  -0.005  1.00 28.74  ? 117 THR A N   1 
ATOM   709  C  CA  . THR A 1 117 ? -3.193  -1.816  -0.720  1.00 32.21  ? 117 THR A CA  1 
ATOM   710  C  C   . THR A 1 117 ? -1.963  -2.682  -0.497  1.00 32.62  ? 117 THR A C   1 
ATOM   711  O  O   . THR A 1 117 ? -1.025  -2.393  -1.242  1.00 29.78  ? 117 THR A O   1 
ATOM   712  C  CB  . THR A 1 117 ? -2.727  -0.378  -0.372  1.00 33.17  ? 117 THR A CB  1 
ATOM   713  O  OG1 . THR A 1 117 ? -2.863  -0.191  1.032   1.00 36.41  ? 117 THR A OG1 1 
ATOM   714  C  CG2 . THR A 1 117 ? -3.546  0.675   -1.066  1.00 33.74  ? 117 THR A CG2 1 
ATOM   715  N  N   . ALA A 1 118 ? -1.972  -3.715  0.366   1.00 31.79  ? 118 ALA A N   1 
ATOM   716  C  CA  . ALA A 1 118 ? -0.749  -4.514  0.422   1.00 27.52  ? 118 ALA A CA  1 
ATOM   717  C  C   . ALA A 1 118 ? -1.027  -5.760  1.216   1.00 29.77  ? 118 ALA A C   1 
ATOM   718  O  O   . ALA A 1 118 ? -2.094  -5.906  1.836   1.00 32.54  ? 118 ALA A O   1 
ATOM   719  C  CB  . ALA A 1 118 ? 0.365   -3.639  0.991   1.00 29.00  ? 118 ALA A CB  1 
ATOM   720  N  N   . CYS A 1 119 ? -0.137  -6.713  1.268   1.00 27.47  ? 119 CYS A N   1 
ATOM   721  C  CA  . CYS A 1 119 ? -0.106  -7.908  2.055   1.00 27.35  ? 119 CYS A CA  1 
ATOM   722  C  C   . CYS A 1 119 ? 1.108   -7.746  2.963   1.00 30.26  ? 119 CYS A C   1 
ATOM   723  O  O   . CYS A 1 119 ? 2.258   -7.707  2.537   1.00 29.16  ? 119 CYS A O   1 
ATOM   724  C  CB  . CYS A 1 119 ? -0.033  -9.197  1.198   1.00 25.13  ? 119 CYS A CB  1 
ATOM   725  S  SG  . CYS A 1 119 ? -0.232  -10.703 2.213   1.00 24.58  ? 119 CYS A SG  1 
ATOM   726  N  N   . VAL A 1 120 ? 0.922   -7.523  4.273   1.00 33.13  ? 120 VAL A N   1 
ATOM   727  C  CA  . VAL A 1 120 ? 2.081   -7.275  5.123   1.00 34.32  ? 120 VAL A CA  1 
ATOM   728  C  C   . VAL A 1 120 ? 2.217   -8.392  6.152   1.00 33.20  ? 120 VAL A C   1 
ATOM   729  O  O   . VAL A 1 120 ? 1.214   -8.995  6.522   1.00 35.11  ? 120 VAL A O   1 
ATOM   730  C  CB  . VAL A 1 120 ? 1.921   -5.920  5.830   1.00 36.18  ? 120 VAL A CB  1 
ATOM   731  C  CG1 . VAL A 1 120 ? 1.634   -4.797  4.865   1.00 35.95  ? 120 VAL A CG1 1 
ATOM   732  C  CG2 . VAL A 1 120 ? 0.724   -5.977  6.779   1.00 37.93  ? 120 VAL A CG2 1 
ATOM   733  N  N   . CYS A 1 121 ? 3.401   -8.672  6.636   1.00 29.81  ? 121 CYS A N   1 
ATOM   734  C  CA  . CYS A 1 121 ? 3.499   -9.758  7.604   1.00 30.27  ? 121 CYS A CA  1 
ATOM   735  C  C   . CYS A 1 121 ? 3.356   -9.286  9.030   1.00 30.09  ? 121 CYS A C   1 
ATOM   736  O  O   . CYS A 1 121 ? 4.112   -8.351  9.327   1.00 28.41  ? 121 CYS A O   1 
ATOM   737  C  CB  . CYS A 1 121 ? 4.902   -10.357 7.432   1.00 30.53  ? 121 CYS A CB  1 
ATOM   738  S  SG  . CYS A 1 121 ? 5.325   -11.622 8.595   1.00 29.14  ? 121 CYS A SG  1 
ATOM   739  N  N   . THR A 1 122 ? 2.585   -9.949  9.894   1.00 32.85  ? 122 THR A N   1 
ATOM   740  C  CA  . THR A 1 122 ? 2.601   -9.535  11.314  1.00 36.79  ? 122 THR A CA  1 
ATOM   741  C  C   . THR A 1 122 ? 3.150   -10.697 12.168  1.00 35.72  ? 122 THR A C   1 
ATOM   742  O  O   . THR A 1 122 ? 2.753   -11.832 12.046  1.00 34.99  ? 122 THR A O   1 
ATOM   743  C  CB  . THR A 1 122 ? 1.282   -9.219  12.056  1.00 36.85  ? 122 THR A CB  1 
ATOM   744  O  OG1 . THR A 1 122 ? 0.331   -8.513  11.272  1.00 37.41  ? 122 THR A OG1 1 
ATOM   745  C  CG2 . THR A 1 122 ? 1.562   -8.399  13.313  1.00 36.23  ? 122 THR A CG2 1 
ATOM   746  N  N   . LEU A 1 123 ? 3.935   -10.348 13.136  1.00 40.01  ? 123 LEU A N   1 
ATOM   747  C  CA  . LEU A 1 123 ? 4.495   -11.183 14.176  1.00 43.20  ? 123 LEU A CA  1 
ATOM   748  C  C   . LEU A 1 123 ? 3.505   -10.969 15.332  1.00 44.95  ? 123 LEU A C   1 
ATOM   749  O  O   . LEU A 1 123 ? 3.473   -9.906  15.916  1.00 40.93  ? 123 LEU A O   1 
ATOM   750  C  CB  . LEU A 1 123 ? 5.861   -10.684 14.647  1.00 42.84  ? 123 LEU A CB  1 
ATOM   751  C  CG  . LEU A 1 123 ? 6.841   -10.361 13.515  1.00 42.86  ? 123 LEU A CG  1 
ATOM   752  C  CD1 . LEU A 1 123 ? 7.997   -9.527  14.026  1.00 44.01  ? 123 LEU A CD1 1 
ATOM   753  C  CD2 . LEU A 1 123 ? 7.377   -11.653 12.900  1.00 43.69  ? 123 LEU A CD2 1 
ATOM   754  N  N   . LEU A 1 124 ? 2.736   -12.020 15.578  1.00 50.76  ? 124 LEU A N   1 
ATOM   755  C  CA  . LEU A 1 124 ? 1.666   -11.984 16.570  1.00 54.41  ? 124 LEU A CA  1 
ATOM   756  C  C   . LEU A 1 124 ? 2.166   -12.540 17.904  1.00 55.88  ? 124 LEU A C   1 
ATOM   757  O  O   . LEU A 1 124 ? 1.473   -12.440 18.901  1.00 53.23  ? 124 LEU A O   1 
ATOM   758  C  CB  . LEU A 1 124 ? 0.514   -12.881 16.132  1.00 53.78  ? 124 LEU A CB  1 
ATOM   759  C  CG  . LEU A 1 124 ? 0.279   -13.371 14.712  1.00 54.26  ? 124 LEU A CG  1 
ATOM   760  C  CD1 . LEU A 1 124 ? -0.151  -14.833 14.741  1.00 52.76  ? 124 LEU A CD1 1 
ATOM   761  C  CD2 . LEU A 1 124 ? -0.798  -12.630 13.928  1.00 53.04  ? 124 LEU A CD2 1 
ATOM   762  N  N   . SER A 1 125 ? 3.385   -13.059 17.857  1.00 59.40  ? 125 SER A N   1 
ATOM   763  C  CA  . SER A 1 125 ? 3.990   -13.874 18.868  1.00 63.41  ? 125 SER A CA  1 
ATOM   764  C  C   . SER A 1 125 ? 5.300   -13.738 19.622  1.00 68.12  ? 125 SER A C   1 
ATOM   765  O  O   . SER A 1 125 ? 5.937   -12.701 19.743  1.00 67.95  ? 125 SER A O   1 
ATOM   766  C  CB  . SER A 1 125 ? 4.413   -15.075 17.925  1.00 62.56  ? 125 SER A CB  1 
ATOM   767  O  OG  . SER A 1 125 ? 5.764   -14.950 17.528  1.00 58.31  ? 125 SER A OG  1 
ATOM   768  N  N   . ARG A 1 126 ? 5.753   -14.930 20.052  1.00 69.86  ? 126 ARG A N   1 
ATOM   769  C  CA  . ARG A 1 126 ? 6.994   -15.235 20.686  1.00 71.71  ? 126 ARG A CA  1 
ATOM   770  C  C   . ARG A 1 126 ? 7.188   -16.738 20.886  1.00 73.97  ? 126 ARG A C   1 
ATOM   771  O  O   . ARG A 1 126 ? 7.661   -17.132 21.968  1.00 73.79  ? 126 ARG A O   1 
ATOM   772  C  CB  . ARG A 1 126 ? 7.098   -14.473 21.997  1.00 73.75  ? 126 ARG A CB  1 
ATOM   773  N  N   . THR A 1 127 ? 6.981   -17.528 19.825  1.00 73.90  ? 127 THR A N   1 
ATOM   774  C  CA  . THR A 1 127 ? 7.251   -18.964 19.854  1.00 73.29  ? 127 THR A CA  1 
ATOM   775  C  C   . THR A 1 127 ? 8.253   -19.248 20.969  1.00 74.86  ? 127 THR A C   1 
ATOM   776  O  O   . THR A 1 127 ? 8.031   -20.104 21.828  1.00 73.48  ? 127 THR A O   1 
ATOM   777  C  CB  . THR A 1 127 ? 7.852   -19.484 18.544  1.00 72.42  ? 127 THR A CB  1 
ATOM   778  O  OG1 . THR A 1 127 ? 6.876   -19.760 17.547  1.00 73.50  ? 127 THR A OG1 1 
ATOM   779  C  CG2 . THR A 1 127 ? 8.647   -20.762 18.746  1.00 74.77  ? 127 THR A CG2 1 
ATOM   780  N  N   . ARG B 1 11  ? -0.981  -11.418 21.628  1.00 90.94  ? 11  ARG M N   1 
ATOM   781  C  CA  . ARG B 1 11  ? -1.813  -10.258 22.059  1.00 89.90  ? 11  ARG M CA  1 
ATOM   782  C  C   . ARG B 1 11  ? -1.157  -8.925  21.726  1.00 89.29  ? 11  ARG M C   1 
ATOM   783  O  O   . ARG B 1 11  ? -1.824  -7.924  21.462  1.00 89.57  ? 11  ARG M O   1 
ATOM   784  C  CB  . ARG B 1 11  ? -2.098  -10.370 23.549  1.00 91.00  ? 11  ARG M CB  1 
ATOM   785  N  N   . GLY B 1 12  ? 0.169   -8.913  21.747  1.00 86.26  ? 12  GLY M N   1 
ATOM   786  C  CA  . GLY B 1 12  ? 0.989   -7.758  21.429  1.00 80.99  ? 12  GLY M CA  1 
ATOM   787  C  C   . GLY B 1 12  ? 1.662   -8.003  20.073  1.00 79.21  ? 12  GLY M C   1 
ATOM   788  O  O   . GLY B 1 12  ? 2.815   -8.417  19.955  1.00 77.73  ? 12  GLY M O   1 
ATOM   789  N  N   . GLU B 1 13  ? 0.870   -7.798  19.024  1.00 75.03  ? 13  GLU M N   1 
ATOM   790  C  CA  . GLU B 1 13  ? 1.345   -7.945  17.664  1.00 71.15  ? 13  GLU M CA  1 
ATOM   791  C  C   . GLU B 1 13  ? 2.420   -6.922  17.322  1.00 65.80  ? 13  GLU M C   1 
ATOM   792  O  O   . GLU B 1 13  ? 2.288   -5.716  17.541  1.00 66.14  ? 13  GLU M O   1 
ATOM   793  C  CB  . GLU B 1 13  ? 0.163   -7.797  16.685  1.00 73.52  ? 13  GLU M CB  1 
ATOM   794  C  CG  . GLU B 1 13  ? -0.222  -9.159  16.137  1.00 75.50  ? 13  GLU M CG  1 
ATOM   795  C  CD  . GLU B 1 13  ? -1.705  -9.402  15.971  1.00 76.44  ? 13  GLU M CD  1 
ATOM   796  O  OE1 . GLU B 1 13  ? -2.267  -8.926  14.967  1.00 77.26  ? 13  GLU M OE1 1 
ATOM   797  O  OE2 . GLU B 1 13  ? -2.260  -10.089 16.860  1.00 76.54  ? 13  GLU M OE2 1 
ATOM   798  N  N   . LEU B 1 14  ? 3.502   -7.403  16.737  1.00 58.73  ? 14  LEU M N   1 
ATOM   799  C  CA  . LEU B 1 14  ? 4.579   -6.547  16.304  1.00 54.79  ? 14  LEU M CA  1 
ATOM   800  C  C   . LEU B 1 14  ? 4.676   -6.539  14.773  1.00 49.52  ? 14  LEU M C   1 
ATOM   801  O  O   . LEU B 1 14  ? 4.566   -7.576  14.118  1.00 46.73  ? 14  LEU M O   1 
ATOM   802  C  CB  . LEU B 1 14  ? 5.908   -6.962  16.896  1.00 54.83  ? 14  LEU M CB  1 
ATOM   803  C  CG  . LEU B 1 14  ? 6.269   -6.849  18.356  1.00 55.53  ? 14  LEU M CG  1 
ATOM   804  C  CD1 . LEU B 1 14  ? 7.789   -7.044  18.451  1.00 57.33  ? 14  LEU M CD1 1 
ATOM   805  C  CD2 . LEU B 1 14  ? 5.869   -5.510  18.959  1.00 56.72  ? 14  LEU M CD2 1 
ATOM   806  N  N   . ALA B 1 15  ? 4.918   -5.368  14.197  1.00 44.52  ? 15  ALA M N   1 
ATOM   807  C  CA  . ALA B 1 15  ? 5.205   -5.365  12.756  1.00 41.44  ? 15  ALA M CA  1 
ATOM   808  C  C   . ALA B 1 15  ? 6.653   -5.848  12.506  1.00 38.30  ? 15  ALA M C   1 
ATOM   809  O  O   . ALA B 1 15  ? 7.582   -5.624  13.276  1.00 36.52  ? 15  ALA M O   1 
ATOM   810  C  CB  . ALA B 1 15  ? 5.111   -3.975  12.163  1.00 40.31  ? 15  ALA M CB  1 
ATOM   811  N  N   . VAL B 1 16  ? 6.852   -6.437  11.358  1.00 33.51  ? 16  VAL M N   1 
ATOM   812  C  CA  . VAL B 1 16  ? 8.153   -6.849  10.840  1.00 33.49  ? 16  VAL M CA  1 
ATOM   813  C  C   . VAL B 1 16  ? 8.927   -5.613  10.383  1.00 31.61  ? 16  VAL M C   1 
ATOM   814  O  O   . VAL B 1 16  ? 10.152  -5.470  10.570  1.00 31.54  ? 16  VAL M O   1 
ATOM   815  C  CB  . VAL B 1 16  ? 7.728   -7.898  9.805   1.00 32.84  ? 16  VAL M CB  1 
ATOM   816  C  CG1 . VAL B 1 16  ? 7.979   -7.450  8.387   1.00 33.31  ? 16  VAL M CG1 1 
ATOM   817  C  CG2 . VAL B 1 16  ? 8.190   -9.278  10.172  1.00 30.53  ? 16  VAL M CG2 1 
ATOM   818  N  N   . CYS B 1 17  ? 8.282   -4.623  9.823   1.00 27.94  ? 17  CYS M N   1 
ATOM   819  C  CA  . CYS B 1 17  ? 8.861   -3.355  9.408   1.00 27.81  ? 17  CYS M CA  1 
ATOM   820  C  C   . CYS B 1 17  ? 7.940   -2.287  9.991   1.00 30.05  ? 17  CYS M C   1 
ATOM   821  O  O   . CYS B 1 17  ? 6.688   -2.400  9.953   1.00 28.33  ? 17  CYS M O   1 
ATOM   822  C  CB  . CYS B 1 17  ? 8.974   -3.159  7.885   1.00 28.88  ? 17  CYS M CB  1 
ATOM   823  S  SG  . CYS B 1 17  ? 10.155  -4.331  7.122   1.00 26.40  ? 17  CYS M SG  1 
ATOM   824  N  N   . ASP B 1 18  ? 8.574   -1.347  10.674  1.00 30.40  ? 18  ASP M N   1 
ATOM   825  C  CA  . ASP B 1 18  ? 7.793   -0.273  11.271  1.00 33.93  ? 18  ASP M CA  1 
ATOM   826  C  C   . ASP B 1 18  ? 7.283   0.683   10.191  1.00 36.10  ? 18  ASP M C   1 
ATOM   827  O  O   . ASP B 1 18  ? 8.020   1.041   9.228   1.00 32.59  ? 18  ASP M O   1 
ATOM   828  C  CB  . ASP B 1 18  ? 8.629   0.512   12.287  1.00 35.04  ? 18  ASP M CB  1 
ATOM   829  C  CG  . ASP B 1 18  ? 8.997   -0.254  13.550  1.00 34.40  ? 18  ASP M CG  1 
ATOM   830  O  OD1 . ASP B 1 18  ? 8.143   -1.076  13.949  1.00 34.92  ? 18  ASP M OD1 1 
ATOM   831  O  OD2 . ASP B 1 18  ? 10.116  -0.017  14.067  1.00 31.24  ? 18  ASP M OD2 1 
ATOM   832  N  N   . ALA B 1 19  ? 6.039   1.139   10.417  1.00 37.93  ? 19  ALA M N   1 
ATOM   833  C  CA  . ALA B 1 19  ? 5.475   2.074   9.412   1.00 42.32  ? 19  ALA M CA  1 
ATOM   834  C  C   . ALA B 1 19  ? 5.092   3.419   9.982   1.00 42.81  ? 19  ALA M C   1 
ATOM   835  O  O   . ALA B 1 19  ? 4.880   3.562   11.182  1.00 46.06  ? 19  ALA M O   1 
ATOM   836  C  CB  . ALA B 1 19  ? 4.300   1.404   8.693   1.00 39.79  ? 19  ALA M CB  1 
ATOM   837  N  N   . VAL B 1 20  ? 5.013   4.448   9.172   1.00 43.25  ? 20  VAL M N   1 
ATOM   838  C  CA  . VAL B 1 20  ? 4.531   5.782   9.484   1.00 42.63  ? 20  VAL M CA  1 
ATOM   839  C  C   . VAL B 1 20  ? 3.582   6.243   8.363   1.00 42.35  ? 20  VAL M C   1 
ATOM   840  O  O   . VAL B 1 20  ? 3.917   6.343   7.199   1.00 38.73  ? 20  VAL M O   1 
ATOM   841  C  CB  . VAL B 1 20  ? 5.598   6.796   9.863   1.00 43.42  ? 20  VAL M CB  1 
ATOM   842  C  CG1 . VAL B 1 20  ? 7.009   6.412   9.398   1.00 45.56  ? 20  VAL M CG1 1 
ATOM   843  C  CG2 . VAL B 1 20  ? 5.346   8.215   9.405   1.00 43.94  ? 20  VAL M CG2 1 
ATOM   844  N  N   . SER B 1 21  ? 2.311   6.472   8.763   1.00 40.68  ? 21  SER M N   1 
ATOM   845  C  CA  . SER B 1 21  ? 1.269   6.881   7.845   1.00 38.89  ? 21  SER M CA  1 
ATOM   846  C  C   . SER B 1 21  ? 0.854   8.323   8.006   1.00 36.08  ? 21  SER M C   1 
ATOM   847  O  O   . SER B 1 21  ? 1.185   8.896   9.048   1.00 35.56  ? 21  SER M O   1 
ATOM   848  C  CB  . SER B 1 21  ? 0.035   5.993   8.041   1.00 40.21  ? 21  SER M CB  1 
ATOM   849  O  OG  . SER B 1 21  ? 0.366   4.693   7.562   1.00 41.83  ? 21  SER M OG  1 
ATOM   850  N  N   . GLY B 1 22  ? 0.104   8.884   7.080   1.00 33.00  ? 22  GLY M N   1 
ATOM   851  C  CA  . GLY B 1 22  ? -0.231  10.288  7.219   1.00 34.21  ? 22  GLY M CA  1 
ATOM   852  C  C   . GLY B 1 22  ? -0.727  10.971  5.966   1.00 36.95  ? 22  GLY M C   1 
ATOM   853  O  O   . GLY B 1 22  ? -0.439  10.481  4.863   1.00 40.58  ? 22  GLY M O   1 
ATOM   854  N  N   . TRP B 1 23  ? -1.391  12.111  6.065   1.00 35.54  ? 23  TRP M N   1 
ATOM   855  C  CA  . TRP B 1 23  ? -1.896  12.851  4.943   1.00 35.63  ? 23  TRP M CA  1 
ATOM   856  C  C   . TRP B 1 23  ? -0.796  13.644  4.294   1.00 36.20  ? 23  TRP M C   1 
ATOM   857  O  O   . TRP B 1 23  ? -0.436  14.679  4.825   1.00 39.43  ? 23  TRP M O   1 
ATOM   858  C  CB  . TRP B 1 23  ? -3.093  13.763  5.342   1.00 35.25  ? 23  TRP M CB  1 
ATOM   859  C  CG  . TRP B 1 23  ? -4.112  12.893  6.020   1.00 36.22  ? 23  TRP M CG  1 
ATOM   860  C  CD1 . TRP B 1 23  ? -4.168  12.617  7.383   1.00 35.68  ? 23  TRP M CD1 1 
ATOM   861  C  CD2 . TRP B 1 23  ? -5.126  12.096  5.399   1.00 33.68  ? 23  TRP M CD2 1 
ATOM   862  N  NE1 . TRP B 1 23  ? -5.190  11.722  7.601   1.00 34.06  ? 23  TRP M NE1 1 
ATOM   863  C  CE2 . TRP B 1 23  ? -5.797  11.400  6.423   1.00 32.55  ? 23  TRP M CE2 1 
ATOM   864  C  CE3 . TRP B 1 23  ? -5.555  11.931  4.099   1.00 33.22  ? 23  TRP M CE3 1 
ATOM   865  C  CZ2 . TRP B 1 23  ? -6.854  10.555  6.181   1.00 32.59  ? 23  TRP M CZ2 1 
ATOM   866  C  CZ3 . TRP B 1 23  ? -6.608  11.082  3.831   1.00 32.35  ? 23  TRP M CZ3 1 
ATOM   867  C  CH2 . TRP B 1 23  ? -7.246  10.406  4.872   1.00 33.97  ? 23  TRP M CH2 1 
ATOM   868  N  N   . VAL B 1 24  ? -0.278  13.263  3.129   1.00 36.31  ? 24  VAL M N   1 
ATOM   869  C  CA  . VAL B 1 24  ? 0.783   14.069  2.491   1.00 31.68  ? 24  VAL M CA  1 
ATOM   870  C  C   . VAL B 1 24  ? 0.215   15.237  1.701   1.00 28.79  ? 24  VAL M C   1 
ATOM   871  O  O   . VAL B 1 24  ? -0.551  14.933  0.767   1.00 25.51  ? 24  VAL M O   1 
ATOM   872  C  CB  . VAL B 1 24  ? 1.607   13.172  1.535   1.00 31.35  ? 24  VAL M CB  1 
ATOM   873  C  CG1 . VAL B 1 24  ? 2.620   14.045  0.784   1.00 28.32  ? 24  VAL M CG1 1 
ATOM   874  C  CG2 . VAL B 1 24  ? 2.309   12.042  2.273   1.00 28.47  ? 24  VAL M CG2 1 
ATOM   875  N  N   . THR B 1 25  ? 0.543   16.502  2.004   1.00 28.28  ? 25  THR M N   1 
ATOM   876  C  CA  . THR B 1 25  ? -0.045  17.580  1.220   1.00 29.42  ? 25  THR M CA  1 
ATOM   877  C  C   . THR B 1 25  ? 0.981   18.318  0.365   1.00 29.76  ? 25  THR M C   1 
ATOM   878  O  O   . THR B 1 25  ? 0.729   19.282  -0.305  1.00 27.35  ? 25  THR M O   1 
ATOM   879  C  CB  . THR B 1 25  ? -0.813  18.626  2.037   1.00 26.93  ? 25  THR M CB  1 
ATOM   880  O  OG1 . THR B 1 25  ? 0.172   19.020  2.949   1.00 25.66  ? 25  THR M OG1 1 
ATOM   881  C  CG2 . THR B 1 25  ? -2.028  18.011  2.708   1.00 28.58  ? 25  THR M CG2 1 
ATOM   882  N  N   . ASP B 1 26  ? 2.198   17.802  0.417   1.00 33.05  ? 26  ASP M N   1 
ATOM   883  C  CA  . ASP B 1 26  ? 3.341   18.333  -0.308  1.00 33.28  ? 26  ASP M CA  1 
ATOM   884  C  C   . ASP B 1 26  ? 3.829   17.407  -1.425  1.00 31.81  ? 26  ASP M C   1 
ATOM   885  O  O   . ASP B 1 26  ? 4.984   17.587  -1.811  1.00 30.15  ? 26  ASP M O   1 
ATOM   886  C  CB  . ASP B 1 26  ? 4.387   18.552  0.796   1.00 35.25  ? 26  ASP M CB  1 
ATOM   887  C  CG  . ASP B 1 26  ? 5.133   17.369  1.335   1.00 36.93  ? 26  ASP M CG  1 
ATOM   888  O  OD1 . ASP B 1 26  ? 4.867   16.154  1.165   1.00 35.05  ? 26  ASP M OD1 1 
ATOM   889  O  OD2 . ASP B 1 26  ? 6.182   17.625  1.994   1.00 40.85  ? 26  ASP M OD2 1 
ATOM   890  N  N   . ARG B 1 27  ? 3.123   16.370  -1.901  1.00 30.08  ? 27  ARG M N   1 
ATOM   891  C  CA  . ARG B 1 27  ? 3.695   15.548  -2.962  1.00 30.27  ? 27  ARG M CA  1 
ATOM   892  C  C   . ARG B 1 27  ? 3.649   16.384  -4.256  1.00 32.27  ? 27  ARG M C   1 
ATOM   893  O  O   . ARG B 1 27  ? 2.528   16.652  -4.679  1.00 30.63  ? 27  ARG M O   1 
ATOM   894  C  CB  . ARG B 1 27  ? 2.953   14.286  -3.275  1.00 29.01  ? 27  ARG M CB  1 
ATOM   895  C  CG  . ARG B 1 27  ? 3.547   13.451  -4.404  1.00 27.85  ? 27  ARG M CG  1 
ATOM   896  C  CD  . ARG B 1 27  ? 2.773   12.149  -4.443  1.00 26.57  ? 27  ARG M CD  1 
ATOM   897  N  NE  . ARG B 1 27  ? 3.136   11.211  -3.366  1.00 24.01  ? 27  ARG M NE  1 
ATOM   898  C  CZ  . ARG B 1 27  ? 4.268   10.528  -3.509  1.00 23.96  ? 27  ARG M CZ  1 
ATOM   899  N  NH1 . ARG B 1 27  ? 5.044   10.721  -4.564  1.00 23.00  ? 27  ARG M NH1 1 
ATOM   900  N  NH2 . ARG B 1 27  ? 4.706   9.619   -2.655  1.00 24.61  ? 27  ARG M NH2 1 
ATOM   901  N  N   . ARG B 1 28  ? 4.802   16.725  -4.814  1.00 30.86  ? 28  ARG M N   1 
ATOM   902  C  CA  . ARG B 1 28  ? 4.788   17.558  -5.999  1.00 31.55  ? 28  ARG M CA  1 
ATOM   903  C  C   . ARG B 1 28  ? 5.244   16.805  -7.208  1.00 31.26  ? 28  ARG M C   1 
ATOM   904  O  O   . ARG B 1 28  ? 5.164   17.308  -8.324  1.00 34.60  ? 28  ARG M O   1 
ATOM   905  C  CB  . ARG B 1 28  ? 5.623   18.818  -5.776  1.00 34.04  ? 28  ARG M CB  1 
ATOM   906  C  CG  . ARG B 1 28  ? 4.935   19.866  -4.893  1.00 36.92  ? 28  ARG M CG  1 
ATOM   907  C  CD  . ARG B 1 28  ? 3.530   20.241  -5.434  1.00 37.96  ? 28  ARG M CD  1 
ATOM   908  N  NE  . ARG B 1 28  ? 2.707   20.981  -4.496  1.00 39.04  ? 28  ARG M NE  1 
ATOM   909  C  CZ  . ARG B 1 28  ? 1.943   20.567  -3.485  1.00 39.21  ? 28  ARG M CZ  1 
ATOM   910  N  NH1 . ARG B 1 28  ? 1.752   19.261  -3.312  1.00 38.51  ? 28  ARG M NH1 1 
ATOM   911  N  NH2 . ARG B 1 28  ? 1.271   21.326  -2.610  1.00 36.51  ? 28  ARG M NH2 1 
ATOM   912  N  N   . THR B 1 29  ? 5.789   15.613  -7.097  1.00 29.27  ? 29  THR M N   1 
ATOM   913  C  CA  . THR B 1 29  ? 6.270   14.754  -8.123  1.00 26.53  ? 29  THR M CA  1 
ATOM   914  C  C   . THR B 1 29  ? 5.867   13.325  -7.752  1.00 28.99  ? 29  THR M C   1 
ATOM   915  O  O   . THR B 1 29  ? 5.720   12.934  -6.589  1.00 24.89  ? 29  THR M O   1 
ATOM   916  C  CB  . THR B 1 29  ? 7.782   14.698  -8.357  1.00 27.63  ? 29  THR M CB  1 
ATOM   917  O  OG1 . THR B 1 29  ? 8.473   13.929  -7.359  1.00 26.83  ? 29  THR M OG1 1 
ATOM   918  C  CG2 . THR B 1 29  ? 8.379   16.115  -8.377  1.00 25.57  ? 29  THR M CG2 1 
ATOM   919  N  N   . ALA B 1 30  ? 5.749   12.543  -8.834  1.00 30.44  ? 30  ALA M N   1 
ATOM   920  C  CA  . ALA B 1 30  ? 5.422   11.129  -8.682  1.00 30.98  ? 30  ALA M CA  1 
ATOM   921  C  C   . ALA B 1 30  ? 5.953   10.300  -9.850  1.00 31.39  ? 30  ALA M C   1 
ATOM   922  O  O   . ALA B 1 30  ? 6.278   10.865  -10.907 1.00 30.66  ? 30  ALA M O   1 
ATOM   923  C  CB  . ALA B 1 30  ? 3.897   11.004  -8.676  1.00 29.68  ? 30  ALA M CB  1 
ATOM   924  N  N   . VAL B 1 31  ? 5.912   8.970   -9.693  1.00 29.55  ? 31  VAL M N   1 
ATOM   925  C  CA  . VAL B 1 31  ? 6.285   8.165   -10.896 1.00 28.65  ? 31  VAL M CA  1 
ATOM   926  C  C   . VAL B 1 31  ? 4.958   7.727   -11.480 1.00 27.46  ? 31  VAL M C   1 
ATOM   927  O  O   . VAL B 1 31  ? 4.147   7.250   -10.685 1.00 24.75  ? 31  VAL M O   1 
ATOM   928  C  CB  . VAL B 1 31  ? 7.216   6.988   -10.578 1.00 28.24  ? 31  VAL M CB  1 
ATOM   929  C  CG1 . VAL B 1 31  ? 7.577   6.134   -11.750 1.00 25.32  ? 31  VAL M CG1 1 
ATOM   930  C  CG2 . VAL B 1 31  ? 8.512   7.544   -9.939  1.00 26.94  ? 31  VAL M CG2 1 
ATOM   931  N  N   . ASP B 1 32  ? 4.739   7.874   -12.788 1.00 27.41  ? 32  ASP M N   1 
ATOM   932  C  CA  . ASP B 1 32  ? 3.454   7.447   -13.310 1.00 29.59  ? 32  ASP M CA  1 
ATOM   933  C  C   . ASP B 1 32  ? 3.474   5.947   -13.598 1.00 31.75  ? 32  ASP M C   1 
ATOM   934  O  O   . ASP B 1 32  ? 4.477   5.273   -13.443 1.00 31.25  ? 32  ASP M O   1 
ATOM   935  C  CB  . ASP B 1 32  ? 3.005   8.243   -14.508 1.00 29.75  ? 32  ASP M CB  1 
ATOM   936  C  CG  . ASP B 1 32  ? 3.693   8.023   -15.833 1.00 26.06  ? 32  ASP M CG  1 
ATOM   937  O  OD1 . ASP B 1 32  ? 4.410   7.066   -16.152 1.00 23.19  ? 32  ASP M OD1 1 
ATOM   938  O  OD2 . ASP B 1 32  ? 3.437   8.914   -16.651 1.00 27.57  ? 32  ASP M OD2 1 
ATOM   939  N  N   . LEU B 1 33  ? 2.355   5.447   -14.101 1.00 34.25  ? 33  LEU M N   1 
ATOM   940  C  CA  . LEU B 1 33  ? 2.117   4.086   -14.463 1.00 34.92  ? 33  LEU M CA  1 
ATOM   941  C  C   . LEU B 1 33  ? 3.128   3.475   -15.422 1.00 36.87  ? 33  LEU M C   1 
ATOM   942  O  O   . LEU B 1 33  ? 3.187   2.251   -15.437 1.00 35.61  ? 33  LEU M O   1 
ATOM   943  C  CB  . LEU B 1 33  ? 0.791   3.820   -15.142 1.00 34.95  ? 33  LEU M CB  1 
ATOM   944  C  CG  . LEU B 1 33  ? -0.007  2.566   -14.755 1.00 37.37  ? 33  LEU M CG  1 
ATOM   945  C  CD1 . LEU B 1 33  ? 0.625   1.227   -14.524 1.00 34.65  ? 33  LEU M CD1 1 
ATOM   946  C  CD2 . LEU B 1 33  ? -0.673  2.827   -13.401 1.00 38.30  ? 33  LEU M CD2 1 
ATOM   947  N  N   . ARG B 1 34  ? 3.764   4.264   -16.256 1.00 39.08  ? 34  ARG M N   1 
ATOM   948  C  CA  . ARG B 1 34  ? 4.689   3.730   -17.235 1.00 42.15  ? 34  ARG M CA  1 
ATOM   949  C  C   . ARG B 1 34  ? 6.110   4.023   -16.805 1.00 40.83  ? 34  ARG M C   1 
ATOM   950  O  O   . ARG B 1 34  ? 6.917   3.985   -17.723 1.00 42.85  ? 34  ARG M O   1 
ATOM   951  C  CB  . ARG B 1 34  ? 4.285   4.399   -18.583 1.00 45.00  ? 34  ARG M CB  1 
ATOM   952  C  CG  . ARG B 1 34  ? 4.786   5.849   -18.638 1.00 53.45  ? 34  ARG M CG  1 
ATOM   953  C  CD  . ARG B 1 34  ? 3.760   6.932   -18.935 1.00 53.17  ? 34  ARG M CD  1 
ATOM   954  N  NE  . ARG B 1 34  ? 3.756   7.717   -20.109 1.00 56.98  ? 34  ARG M NE  1 
ATOM   955  C  CZ  . ARG B 1 34  ? 4.284   7.461   -21.324 1.00 64.08  ? 34  ARG M CZ  1 
ATOM   956  N  NH1 . ARG B 1 34  ? 4.995   6.345   -21.579 1.00 58.20  ? 34  ARG M NH1 1 
ATOM   957  N  NH2 . ARG B 1 34  ? 4.153   8.386   -22.302 1.00 58.08  ? 34  ARG M NH2 1 
ATOM   958  N  N   . GLY B 1 35  ? 6.497   4.396   -15.608 1.00 36.53  ? 35  GLY M N   1 
ATOM   959  C  CA  . GLY B 1 35  ? 7.851   4.729   -15.250 1.00 38.32  ? 35  GLY M CA  1 
ATOM   960  C  C   . GLY B 1 35  ? 8.330   6.182   -15.423 1.00 36.98  ? 35  GLY M C   1 
ATOM   961  O  O   . GLY B 1 35  ? 9.502   6.439   -15.147 1.00 33.01  ? 35  GLY M O   1 
ATOM   962  N  N   . ARG B 1 36  ? 7.497   7.120   -15.866 1.00 35.31  ? 36  ARG M N   1 
ATOM   963  C  CA  . ARG B 1 36  ? 7.898   8.491   -16.096 1.00 38.43  ? 36  ARG M CA  1 
ATOM   964  C  C   . ARG B 1 36  ? 7.717   9.351   -14.844 1.00 34.26  ? 36  ARG M C   1 
ATOM   965  O  O   . ARG B 1 36  ? 6.743   9.202   -14.137 1.00 33.73  ? 36  ARG M O   1 
ATOM   966  C  CB  . ARG B 1 36  ? 7.119   9.200   -17.213 1.00 41.70  ? 36  ARG M CB  1 
ATOM   967  C  CG  . ARG B 1 36  ? 7.603   8.884   -18.604 1.00 50.31  ? 36  ARG M CG  1 
ATOM   968  C  CD  . ARG B 1 36  ? 8.575   9.883   -19.162 1.00 56.98  ? 36  ARG M CD  1 
ATOM   969  N  NE  . ARG B 1 36  ? 9.699   9.647   -19.989 1.00 59.81  ? 36  ARG M NE  1 
ATOM   970  C  CZ  . ARG B 1 36  ? 10.125  8.862   -20.962 1.00 62.72  ? 36  ARG M CZ  1 
ATOM   971  N  NH1 . ARG B 1 36  ? 9.413   7.845   -21.454 1.00 61.93  ? 36  ARG M NH1 1 
ATOM   972  N  NH2 . ARG B 1 36  ? 11.345  9.075   -21.484 1.00 61.75  ? 36  ARG M NH2 1 
ATOM   973  N  N   . GLU B 1 37  ? 8.605   10.249  -14.589 1.00 32.53  ? 37  GLU M N   1 
ATOM   974  C  CA  . GLU B 1 37  ? 8.404   11.171  -13.459 1.00 34.67  ? 37  GLU M CA  1 
ATOM   975  C  C   . GLU B 1 37  ? 7.600   12.334  -13.985 1.00 32.07  ? 37  GLU M C   1 
ATOM   976  O  O   . GLU B 1 37  ? 7.645   12.676  -15.163 1.00 33.26  ? 37  GLU M O   1 
ATOM   977  C  CB  . GLU B 1 37  ? 9.828   11.353  -12.958 1.00 35.11  ? 37  GLU M CB  1 
ATOM   978  C  CG  . GLU B 1 37  ? 9.854   12.177  -11.691 1.00 40.37  ? 37  GLU M CG  1 
ATOM   979  C  CD  . GLU B 1 37  ? 10.985  11.667  -10.798 1.00 41.78  ? 37  GLU M CD  1 
ATOM   980  O  OE1 . GLU B 1 37  ? 10.872  10.437  -10.606 1.00 41.94  ? 37  GLU M OE1 1 
ATOM   981  O  OE2 . GLU B 1 37  ? 11.840  12.533  -10.504 1.00 41.08  ? 37  GLU M OE2 1 
ATOM   982  N  N   . VAL B 1 38  ? 6.518   12.759  -13.386 1.00 32.87  ? 38  VAL M N   1 
ATOM   983  C  CA  . VAL B 1 38  ? 5.602   13.825  -13.665 1.00 31.09  ? 38  VAL M CA  1 
ATOM   984  C  C   . VAL B 1 38  ? 5.499   14.727  -12.428 1.00 30.38  ? 38  VAL M C   1 
ATOM   985  O  O   . VAL B 1 38  ? 5.773   14.431  -11.297 1.00 27.87  ? 38  VAL M O   1 
ATOM   986  C  CB  . VAL B 1 38  ? 4.129   13.512  -14.045 1.00 32.76  ? 38  VAL M CB  1 
ATOM   987  C  CG1 . VAL B 1 38  ? 4.056   12.803  -15.395 1.00 33.10  ? 38  VAL M CG1 1 
ATOM   988  C  CG2 . VAL B 1 38  ? 3.427   12.663  -12.983 1.00 30.58  ? 38  VAL M CG2 1 
ATOM   989  N  N   . GLU B 1 39  ? 4.777   15.811  -12.690 1.00 32.21  ? 39  GLU M N   1 
ATOM   990  C  CA  . GLU B 1 39  ? 4.511   16.836  -11.708 1.00 29.93  ? 39  GLU M CA  1 
ATOM   991  C  C   . GLU B 1 39  ? 3.143   16.533  -11.118 1.00 29.07  ? 39  GLU M C   1 
ATOM   992  O  O   . GLU B 1 39  ? 2.283   16.131  -11.890 1.00 22.83  ? 39  GLU M O   1 
ATOM   993  C  CB  . GLU B 1 39  ? 4.714   18.155  -12.437 1.00 31.12  ? 39  GLU M CB  1 
ATOM   994  C  CG  . GLU B 1 39  ? 4.125   19.317  -11.644 1.00 35.02  ? 39  GLU M CG  1 
ATOM   995  C  CD  . GLU B 1 39  ? 4.462   20.693  -12.183 1.00 34.78  ? 39  GLU M CD  1 
ATOM   996  O  OE1 . GLU B 1 39  ? 5.257   20.870  -13.122 1.00 37.68  ? 39  GLU M OE1 1 
ATOM   997  O  OE2 . GLU B 1 39  ? 3.963   21.640  -11.556 1.00 34.96  ? 39  GLU M OE2 1 
ATOM   998  N  N   . VAL B 1 40  ? 3.016   16.671  -9.786  1.00 27.22  ? 40  VAL M N   1 
ATOM   999  C  CA  . VAL B 1 40  ? 1.701   16.422  -9.168  1.00 26.47  ? 40  VAL M CA  1 
ATOM   1000 C  C   . VAL B 1 40  ? 1.192   17.758  -8.643  1.00 26.59  ? 40  VAL M C   1 
ATOM   1001 O  O   . VAL B 1 40  ? 1.845   18.395  -7.869  1.00 23.89  ? 40  VAL M O   1 
ATOM   1002 C  CB  . VAL B 1 40  ? 1.761   15.395  -8.043  1.00 27.22  ? 40  VAL M CB  1 
ATOM   1003 C  CG1 . VAL B 1 40  ? 0.418   15.223  -7.325  1.00 21.47  ? 40  VAL M CG1 1 
ATOM   1004 C  CG2 . VAL B 1 40  ? 2.342   14.065  -8.539  1.00 24.02  ? 40  VAL M CG2 1 
ATOM   1005 N  N   . LEU B 1 41  ? 0.001   18.212  -8.973  1.00 30.57  ? 41  LEU M N   1 
ATOM   1006 C  CA  . LEU B 1 41  ? -0.540  19.506  -8.562  1.00 32.59  ? 41  LEU M CA  1 
ATOM   1007 C  C   . LEU B 1 41  ? -1.030  19.470  -7.115  1.00 32.65  ? 41  LEU M C   1 
ATOM   1008 O  O   . LEU B 1 41  ? -1.656  18.499  -6.669  1.00 31.33  ? 41  LEU M O   1 
ATOM   1009 C  CB  . LEU B 1 41  ? -1.700  19.914  -9.523  1.00 31.88  ? 41  LEU M CB  1 
ATOM   1010 C  CG  . LEU B 1 41  ? -1.311  20.566  -10.828 1.00 34.19  ? 41  LEU M CG  1 
ATOM   1011 C  CD1 . LEU B 1 41  ? -0.508  19.603  -11.742 1.00 35.85  ? 41  LEU M CD1 1 
ATOM   1012 C  CD2 . LEU B 1 41  ? -2.458  21.130  -11.689 1.00 34.02  ? 41  LEU M CD2 1 
ATOM   1013 N  N   . GLY B 1 42  ? -0.873  20.609  -6.429  1.00 34.06  ? 42  GLY M N   1 
ATOM   1014 C  CA  . GLY B 1 42  ? -1.351  20.890  -5.092  1.00 33.30  ? 42  GLY M CA  1 
ATOM   1015 C  C   . GLY B 1 42  ? -2.843  21.106  -5.125  1.00 36.79  ? 42  GLY M C   1 
ATOM   1016 O  O   . GLY B 1 42  ? -3.594  20.748  -4.203  1.00 34.95  ? 42  GLY M O   1 
ATOM   1017 N  N   . GLU B 1 43  ? -3.303  21.676  -6.254  1.00 44.21  ? 43  GLU M N   1 
ATOM   1018 C  CA  . GLU B 1 43  ? -4.736  21.947  -6.436  1.00 52.78  ? 43  GLU M CA  1 
ATOM   1019 C  C   . GLU B 1 43  ? -5.413  21.265  -7.610  1.00 55.57  ? 43  GLU M C   1 
ATOM   1020 O  O   . GLU B 1 43  ? -4.873  20.877  -8.632  1.00 54.77  ? 43  GLU M O   1 
ATOM   1021 C  CB  . GLU B 1 43  ? -5.006  23.457  -6.522  1.00 55.59  ? 43  GLU M CB  1 
ATOM   1022 C  CG  . GLU B 1 43  ? -4.442  24.304  -5.401  1.00 62.41  ? 43  GLU M CG  1 
ATOM   1023 C  CD  . GLU B 1 43  ? -4.751  25.788  -5.345  1.00 66.08  ? 43  GLU M CD  1 
ATOM   1024 O  OE1 . GLU B 1 43  ? -5.730  26.287  -5.959  1.00 65.81  ? 43  GLU M OE1 1 
ATOM   1025 O  OE2 . GLU B 1 43  ? -3.998  26.506  -4.627  1.00 66.29  ? 43  GLU M OE2 1 
ATOM   1026 N  N   . VAL B 1 44  ? -6.715  21.056  -7.473  1.00 60.61  ? 44  VAL M N   1 
ATOM   1027 C  CA  . VAL B 1 44  ? -7.622  20.436  -8.397  1.00 65.25  ? 44  VAL M CA  1 
ATOM   1028 C  C   . VAL B 1 44  ? -8.801  21.398  -8.530  1.00 69.61  ? 44  VAL M C   1 
ATOM   1029 O  O   . VAL B 1 44  ? -9.624  21.549  -7.631  1.00 70.12  ? 44  VAL M O   1 
ATOM   1030 C  CB  . VAL B 1 44  ? -8.151  19.050  -8.016  1.00 66.52  ? 44  VAL M CB  1 
ATOM   1031 C  CG1 . VAL B 1 44  ? -9.283  18.626  -8.959  1.00 64.62  ? 44  VAL M CG1 1 
ATOM   1032 C  CG2 . VAL B 1 44  ? -7.074  17.982  -8.016  1.00 64.00  ? 44  VAL M CG2 1 
ATOM   1033 N  N   . PRO B 1 45  ? -8.904  21.985  -9.719  1.00 74.01  ? 45  PRO M N   1 
ATOM   1034 C  CA  . PRO B 1 45  ? -9.935  22.979  -9.957  1.00 76.12  ? 45  PRO M CA  1 
ATOM   1035 C  C   . PRO B 1 45  ? -11.366 22.512  -10.077 1.00 78.51  ? 45  PRO M C   1 
ATOM   1036 O  O   . PRO B 1 45  ? -12.243 23.218  -9.563  1.00 79.08  ? 45  PRO M O   1 
ATOM   1037 C  CB  . PRO B 1 45  ? -9.477  23.687  -11.218 1.00 75.05  ? 45  PRO M CB  1 
ATOM   1038 C  CG  . PRO B 1 45  ? -8.420  22.866  -11.844 1.00 74.17  ? 45  PRO M CG  1 
ATOM   1039 C  CD  . PRO B 1 45  ? -7.975  21.844  -10.849 1.00 72.72  ? 45  PRO M CD  1 
ATOM   1040 N  N   . ALA B 1 46  ? -11.626 21.430  -10.794 1.00 82.90  ? 46  ALA M N   1 
ATOM   1041 C  CA  . ALA B 1 46  ? -12.998 20.995  -11.023 1.00 86.63  ? 46  ALA M CA  1 
ATOM   1042 C  C   . ALA B 1 46  ? -13.077 19.492  -11.256 1.00 88.94  ? 46  ALA M C   1 
ATOM   1043 O  O   . ALA B 1 46  ? -13.274 18.956  -12.333 1.00 89.12  ? 46  ALA M O   1 
ATOM   1044 C  CB  . ALA B 1 46  ? -13.593 21.763  -12.188 1.00 85.22  ? 46  ALA M CB  1 
ATOM   1045 N  N   . ALA B 1 47  ? -12.827 18.795  -10.165 1.00 92.60  ? 47  ALA M N   1 
ATOM   1046 C  CA  . ALA B 1 47  ? -12.948 17.357  -10.037 1.00 96.09  ? 47  ALA M CA  1 
ATOM   1047 C  C   . ALA B 1 47  ? -13.902 17.216  -8.840  1.00 98.35  ? 47  ALA M C   1 
ATOM   1048 O  O   . ALA B 1 47  ? -13.550 17.346  -7.682  1.00 98.16  ? 47  ALA M O   1 
ATOM   1049 C  CB  . ALA B 1 47  ? -11.674 16.611  -9.792  1.00 95.53  ? 47  ALA M CB  1 
ATOM   1050 N  N   . GLY B 1 48  ? -15.150 17.023  -9.211  1.00 100.26 ? 48  GLY M N   1 
ATOM   1051 C  CA  . GLY B 1 48  ? -16.280 16.877  -8.308  1.00 103.12 ? 48  GLY M CA  1 
ATOM   1052 C  C   . GLY B 1 48  ? -17.416 17.718  -8.900  1.00 104.07 ? 48  GLY M C   1 
ATOM   1053 O  O   . GLY B 1 48  ? -17.821 17.578  -10.047 1.00 104.46 ? 48  GLY M O   1 
ATOM   1054 N  N   . GLY B 1 49  ? -17.915 18.626  -8.091  1.00 104.43 ? 49  GLY M N   1 
ATOM   1055 C  CA  . GLY B 1 49  ? -18.831 19.669  -8.567  1.00 104.48 ? 49  GLY M CA  1 
ATOM   1056 C  C   . GLY B 1 49  ? -18.058 20.964  -8.233  1.00 103.17 ? 49  GLY M C   1 
ATOM   1057 O  O   . GLY B 1 49  ? -18.172 22.055  -8.748  1.00 103.36 ? 49  GLY M O   1 
ATOM   1058 N  N   . SER B 1 50  ? -17.176 20.778  -7.267  1.00 102.20 ? 50  SER M N   1 
ATOM   1059 C  CA  . SER B 1 50  ? -16.344 21.760  -6.639  1.00 101.03 ? 50  SER M CA  1 
ATOM   1060 C  C   . SER B 1 50  ? -14.843 21.511  -6.766  1.00 98.59  ? 50  SER M C   1 
ATOM   1061 O  O   . SER B 1 50  ? -14.299 20.473  -7.111  1.00 98.80  ? 50  SER M O   1 
ATOM   1062 C  CB  . SER B 1 50  ? -16.686 21.831  -5.132  1.00 101.43 ? 50  SER M CB  1 
ATOM   1063 O  OG  . SER B 1 50  ? -17.515 22.902  -4.740  1.00 100.32 ? 50  SER M OG  1 
ATOM   1064 N  N   . PRO B 1 51  ? -14.129 22.584  -6.455  1.00 96.34  ? 51  PRO M N   1 
ATOM   1065 C  CA  . PRO B 1 51  ? -12.677 22.636  -6.444  1.00 94.27  ? 51  PRO M CA  1 
ATOM   1066 C  C   . PRO B 1 51  ? -12.138 22.077  -5.136  1.00 89.87  ? 51  PRO M C   1 
ATOM   1067 O  O   . PRO B 1 51  ? -12.853 22.073  -4.126  1.00 90.25  ? 51  PRO M O   1 
ATOM   1068 C  CB  . PRO B 1 51  ? -12.376 24.117  -6.616  1.00 95.28  ? 51  PRO M CB  1 
ATOM   1069 C  CG  . PRO B 1 51  ? -13.689 24.798  -6.860  1.00 96.83  ? 51  PRO M CG  1 
ATOM   1070 C  CD  . PRO B 1 51  ? -14.657 23.927  -6.088  1.00 96.53  ? 51  PRO M CD  1 
ATOM   1071 N  N   . LEU B 1 52  ? -10.926 21.537  -5.125  1.00 83.14  ? 52  LEU M N   1 
ATOM   1072 C  CA  . LEU B 1 52  ? -10.358 20.992  -3.910  1.00 76.63  ? 52  LEU M CA  1 
ATOM   1073 C  C   . LEU B 1 52  ? -8.843  20.832  -3.940  1.00 69.40  ? 52  LEU M C   1 
ATOM   1074 O  O   . LEU B 1 52  ? -8.201  20.873  -4.970  1.00 66.60  ? 52  LEU M O   1 
ATOM   1075 C  CB  . LEU B 1 52  ? -10.998 19.670  -3.524  1.00 78.75  ? 52  LEU M CB  1 
ATOM   1076 C  CG  . LEU B 1 52  ? -10.688 18.382  -4.258  1.00 78.36  ? 52  LEU M CG  1 
ATOM   1077 C  CD1 . LEU B 1 52  ? -11.606 17.273  -3.752  1.00 79.86  ? 52  LEU M CD1 1 
ATOM   1078 C  CD2 . LEU B 1 52  ? -10.814 18.526  -5.760  1.00 80.06  ? 52  LEU M CD2 1 
ATOM   1079 N  N   . ARG B 1 53  ? -8.324  20.644  -2.734  1.00 62.02  ? 53  ARG M N   1 
ATOM   1080 C  CA  . ARG B 1 53  ? -6.919  20.458  -2.447  1.00 55.71  ? 53  ARG M CA  1 
ATOM   1081 C  C   . ARG B 1 53  ? -6.540  19.004  -2.726  1.00 48.10  ? 53  ARG M C   1 
ATOM   1082 O  O   . ARG B 1 53  ? -7.281  18.098  -2.416  1.00 43.11  ? 53  ARG M O   1 
ATOM   1083 C  CB  . ARG B 1 53  ? -6.582  20.916  -1.034  1.00 59.69  ? 53  ARG M CB  1 
ATOM   1084 C  CG  . ARG B 1 53  ? -5.345  20.347  -0.356  1.00 62.40  ? 53  ARG M CG  1 
ATOM   1085 C  CD  . ARG B 1 53  ? -4.624  21.452  0.380   1.00 67.54  ? 53  ARG M CD  1 
ATOM   1086 N  NE  . ARG B 1 53  ? -3.519  21.071  1.249   1.00 69.53  ? 53  ARG M NE  1 
ATOM   1087 C  CZ  . ARG B 1 53  ? -2.626  22.005  1.603   1.00 70.60  ? 53  ARG M CZ  1 
ATOM   1088 N  NH1 . ARG B 1 53  ? -2.761  23.248  1.153   1.00 73.01  ? 53  ARG M NH1 1 
ATOM   1089 N  NH2 . ARG B 1 53  ? -1.600  21.742  2.387   1.00 72.87  ? 53  ARG M NH2 1 
ATOM   1090 N  N   . GLN B 1 54  ? -5.432  18.806  -3.466  1.00 42.16  ? 54  GLN M N   1 
ATOM   1091 C  CA  . GLN B 1 54  ? -5.021  17.430  -3.736  1.00 36.71  ? 54  GLN M CA  1 
ATOM   1092 C  C   . GLN B 1 54  ? -4.078  16.923  -2.641  1.00 33.81  ? 54  GLN M C   1 
ATOM   1093 O  O   . GLN B 1 54  ? -2.992  17.486  -2.509  1.00 34.02  ? 54  GLN M O   1 
ATOM   1094 C  CB  . GLN B 1 54  ? -4.351  17.252  -5.096  1.00 31.94  ? 54  GLN M CB  1 
ATOM   1095 C  CG  . GLN B 1 54  ? -3.944  15.841  -5.443  1.00 26.42  ? 54  GLN M CG  1 
ATOM   1096 C  CD  . GLN B 1 54  ? -3.785  15.671  -6.954  1.00 26.84  ? 54  GLN M CD  1 
ATOM   1097 O  OE1 . GLN B 1 54  ? -4.496  14.915  -7.592  1.00 24.65  ? 54  GLN M OE1 1 
ATOM   1098 N  NE2 . GLN B 1 54  ? -2.833  16.317  -7.599  1.00 23.33  ? 54  GLN M NE2 1 
ATOM   1099 N  N   . TYR B 1 55  ? -4.444  15.880  -1.945  1.00 30.72  ? 55  TYR M N   1 
ATOM   1100 C  CA  . TYR B 1 55  ? -3.579  15.214  -0.997  1.00 31.35  ? 55  TYR M CA  1 
ATOM   1101 C  C   . TYR B 1 55  ? -3.848  13.708  -0.974  1.00 27.63  ? 55  TYR M C   1 
ATOM   1102 O  O   . TYR B 1 55  ? -4.584  13.080  -1.736  1.00 25.78  ? 55  TYR M O   1 
ATOM   1103 C  CB  . TYR B 1 55  ? -3.510  15.864  0.397   1.00 33.11  ? 55  TYR M CB  1 
ATOM   1104 C  CG  . TYR B 1 55  ? -4.904  15.799  0.994   1.00 34.51  ? 55  TYR M CG  1 
ATOM   1105 C  CD1 . TYR B 1 55  ? -5.874  16.724  0.672   1.00 34.61  ? 55  TYR M CD1 1 
ATOM   1106 C  CD2 . TYR B 1 55  ? -5.200  14.748  1.842   1.00 35.38  ? 55  TYR M CD2 1 
ATOM   1107 C  CE1 . TYR B 1 55  ? -7.151  16.592  1.185   1.00 36.27  ? 55  TYR M CE1 1 
ATOM   1108 C  CE2 . TYR B 1 55  ? -6.461  14.625  2.382   1.00 35.65  ? 55  TYR M CE2 1 
ATOM   1109 C  CZ  . TYR B 1 55  ? -7.443  15.539  2.054   1.00 37.26  ? 55  TYR M CZ  1 
ATOM   1110 O  OH  . TYR B 1 55  ? -8.699  15.384  2.610   1.00 35.09  ? 55  TYR M OH  1 
ATOM   1111 N  N   . PHE B 1 56  ? -2.897  12.983  -0.412  1.00 26.34  ? 56  PHE M N   1 
ATOM   1112 C  CA  . PHE B 1 56  ? -2.818  11.533  -0.416  1.00 29.12  ? 56  PHE M CA  1 
ATOM   1113 C  C   . PHE B 1 56  ? -2.641  10.946  0.979   1.00 27.10  ? 56  PHE M C   1 
ATOM   1114 O  O   . PHE B 1 56  ? -2.251  11.674  1.873   1.00 27.25  ? 56  PHE M O   1 
ATOM   1115 C  CB  . PHE B 1 56  ? -1.662  11.123  -1.345  1.00 27.27  ? 56  PHE M CB  1 
ATOM   1116 C  CG  . PHE B 1 56  ? -1.666  11.822  -2.667  1.00 26.07  ? 56  PHE M CG  1 
ATOM   1117 C  CD1 . PHE B 1 56  ? -2.468  11.353  -3.705  1.00 26.10  ? 56  PHE M CD1 1 
ATOM   1118 C  CD2 . PHE B 1 56  ? -0.956  12.999  -2.856  1.00 26.43  ? 56  PHE M CD2 1 
ATOM   1119 C  CE1 . PHE B 1 56  ? -2.483  12.031  -4.917  1.00 24.36  ? 56  PHE M CE1 1 
ATOM   1120 C  CE2 . PHE B 1 56  ? -1.012  13.687  -4.053  1.00 25.12  ? 56  PHE M CE2 1 
ATOM   1121 C  CZ  . PHE B 1 56  ? -1.770  13.197  -5.100  1.00 22.78  ? 56  PHE M CZ  1 
ATOM   1122 N  N   . PHE B 1 57  ? -3.062  9.721   1.192   1.00 28.39  ? 57  PHE M N   1 
ATOM   1123 C  CA  . PHE B 1 57  ? -2.913  8.974   2.422   1.00 28.04  ? 57  PHE M CA  1 
ATOM   1124 C  C   . PHE B 1 57  ? -1.726  8.039   2.180   1.00 25.55  ? 57  PHE M C   1 
ATOM   1125 O  O   . PHE B 1 57  ? -1.894  7.127   1.388   1.00 25.32  ? 57  PHE M O   1 
ATOM   1126 C  CB  . PHE B 1 57  ? -4.031  8.007   2.837   1.00 28.52  ? 57  PHE M CB  1 
ATOM   1127 C  CG  . PHE B 1 57  ? -3.771  7.444   4.223   1.00 29.41  ? 57  PHE M CG  1 
ATOM   1128 C  CD1 . PHE B 1 57  ? -4.101  8.245   5.332   1.00 29.36  ? 57  PHE M CD1 1 
ATOM   1129 C  CD2 . PHE B 1 57  ? -3.355  6.139   4.429   1.00 28.23  ? 57  PHE M CD2 1 
ATOM   1130 C  CE1 . PHE B 1 57  ? -3.931  7.769   6.631   1.00 30.58  ? 57  PHE M CE1 1 
ATOM   1131 C  CE2 . PHE B 1 57  ? -3.206  5.655   5.709   1.00 29.80  ? 57  PHE M CE2 1 
ATOM   1132 C  CZ  . PHE B 1 57  ? -3.454  6.473   6.833   1.00 31.54  ? 57  PHE M CZ  1 
ATOM   1133 N  N   . GLU B 1 58  ? -0.571  8.340   2.721   1.00 25.74  ? 58  GLU M N   1 
ATOM   1134 C  CA  . GLU B 1 58  ? 0.590   7.545   2.345   1.00 25.20  ? 58  GLU M CA  1 
ATOM   1135 C  C   . GLU B 1 58  ? 1.108   6.812   3.578   1.00 26.53  ? 58  GLU M C   1 
ATOM   1136 O  O   . GLU B 1 58  ? 1.106   7.329   4.691   1.00 23.75  ? 58  GLU M O   1 
ATOM   1137 C  CB  . GLU B 1 58  ? 1.616   8.443   1.663   1.00 24.78  ? 58  GLU M CB  1 
ATOM   1138 C  CG  . GLU B 1 58  ? 1.183   8.860   0.246   1.00 26.81  ? 58  GLU M CG  1 
ATOM   1139 C  CD  . GLU B 1 58  ? 2.353   9.324   -0.611  1.00 27.23  ? 58  GLU M CD  1 
ATOM   1140 O  OE1 . GLU B 1 58  ? 3.345   8.596   -0.887  1.00 25.24  ? 58  GLU M OE1 1 
ATOM   1141 O  OE2 . GLU B 1 58  ? 2.278   10.479  -1.100  1.00 28.88  ? 58  GLU M OE2 1 
ATOM   1142 N  N   . THR B 1 59  ? 1.767   5.685   3.313   1.00 26.83  ? 59  THR M N   1 
ATOM   1143 C  CA  . THR B 1 59  ? 2.394   4.906   4.340   1.00 28.30  ? 59  THR M CA  1 
ATOM   1144 C  C   . THR B 1 59  ? 3.787   4.543   3.838   1.00 31.35  ? 59  THR M C   1 
ATOM   1145 O  O   . THR B 1 59  ? 3.914   3.886   2.825   1.00 28.38  ? 59  THR M O   1 
ATOM   1146 C  CB  . THR B 1 59  ? 1.629   3.600   4.677   1.00 28.83  ? 59  THR M CB  1 
ATOM   1147 O  OG1 . THR B 1 59  ? 0.405   3.940   5.318   1.00 29.27  ? 59  THR M OG1 1 
ATOM   1148 C  CG2 . THR B 1 59  ? 2.388   2.676   5.620   1.00 27.91  ? 59  THR M CG2 1 
ATOM   1149 N  N   . ARG B 1 60  ? 4.832   4.889   4.557   1.00 34.65  ? 60  ARG M N   1 
ATOM   1150 C  CA  . ARG B 1 60  ? 6.221   4.652   4.195   1.00 38.45  ? 60  ARG M CA  1 
ATOM   1151 C  C   . ARG B 1 60  ? 6.920   4.102   5.446   1.00 36.60  ? 60  ARG M C   1 
ATOM   1152 O  O   . ARG B 1 60  ? 6.243   4.018   6.464   1.00 34.19  ? 60  ARG M O   1 
ATOM   1153 C  CB  . ARG B 1 60  ? 6.844   5.955   3.687   1.00 43.35  ? 60  ARG M CB  1 
ATOM   1154 C  CG  . ARG B 1 60  ? 6.359   7.227   4.333   1.00 47.98  ? 60  ARG M CG  1 
ATOM   1155 C  CD  . ARG B 1 60  ? 6.380   8.493   3.516   1.00 53.45  ? 60  ARG M CD  1 
ATOM   1156 N  NE  . ARG B 1 60  ? 5.958   8.387   2.121   1.00 57.57  ? 60  ARG M NE  1 
ATOM   1157 C  CZ  . ARG B 1 60  ? 5.797   9.458   1.339   1.00 59.16  ? 60  ARG M CZ  1 
ATOM   1158 N  NH1 . ARG B 1 60  ? 6.008   10.673  1.848   1.00 59.60  ? 60  ARG M NH1 1 
ATOM   1159 N  NH2 . ARG B 1 60  ? 5.410   9.290   0.082   1.00 59.11  ? 60  ARG M NH2 1 
ATOM   1160 N  N   . CYS B 1 61  ? 8.149   3.652   5.331   1.00 35.12  ? 61  CYS M N   1 
ATOM   1161 C  CA  . CYS B 1 61  ? 8.959   3.107   6.389   1.00 36.02  ? 61  CYS M CA  1 
ATOM   1162 C  C   . CYS B 1 61  ? 9.415   4.165   7.396   1.00 39.08  ? 61  CYS M C   1 
ATOM   1163 O  O   . CYS B 1 61  ? 9.549   5.350   7.105   1.00 35.65  ? 61  CYS M O   1 
ATOM   1164 C  CB  . CYS B 1 61  ? 10.254  2.504   5.831   1.00 34.33  ? 61  CYS M CB  1 
ATOM   1165 S  SG  . CYS B 1 61  ? 9.947   1.257   4.558   1.00 30.61  ? 61  CYS M SG  1 
ATOM   1166 N  N   . LYS B 1 62  ? 9.607   3.717   8.637   1.00 44.55  ? 62  LYS M N   1 
ATOM   1167 C  CA  . LYS B 1 62  ? 10.147  4.621   9.641   1.00 52.15  ? 62  LYS M CA  1 
ATOM   1168 C  C   . LYS B 1 62  ? 11.658  4.653   9.387   1.00 55.38  ? 62  LYS M C   1 
ATOM   1169 O  O   . LYS B 1 62  ? 12.273  3.687   8.932   1.00 55.40  ? 62  LYS M O   1 
ATOM   1170 C  CB  . LYS B 1 62  ? 9.844   4.283   11.082  1.00 53.57  ? 62  LYS M CB  1 
ATOM   1171 C  CG  . LYS B 1 62  ? 10.280  5.262   12.139  1.00 55.32  ? 62  LYS M CG  1 
ATOM   1172 C  CD  . LYS B 1 62  ? 10.021  6.709   11.726  1.00 59.62  ? 62  LYS M CD  1 
ATOM   1173 C  CE  . LYS B 1 62  ? 9.405   7.565   12.821  1.00 58.75  ? 62  LYS M CE  1 
ATOM   1174 N  NZ  . LYS B 1 62  ? 9.091   8.932   12.311  1.00 60.96  ? 62  LYS M NZ  1 
ATOM   1175 N  N   . ALA B 1 63  ? 12.170  5.853   9.556   1.00 58.63  ? 63  ALA M N   1 
ATOM   1176 C  CA  . ALA B 1 63  ? 13.618  6.063   9.428   1.00 63.58  ? 63  ALA M CA  1 
ATOM   1177 C  C   . ALA B 1 63  ? 14.126  6.093   10.874  1.00 65.30  ? 63  ALA M C   1 
ATOM   1178 O  O   . ALA B 1 63  ? 13.444  6.673   11.723  1.00 65.83  ? 63  ALA M O   1 
ATOM   1179 C  CB  . ALA B 1 63  ? 13.906  7.285   8.597   1.00 60.57  ? 63  ALA M CB  1 
ATOM   1180 N  N   . ASP B 1 64  ? 15.124  5.290   11.212  1.00 69.67  ? 64  ASP M N   1 
ATOM   1181 C  CA  . ASP B 1 64  ? 15.667  5.299   12.570  1.00 74.51  ? 64  ASP M CA  1 
ATOM   1182 C  C   . ASP B 1 64  ? 16.570  6.548   12.670  1.00 74.28  ? 64  ASP M C   1 
ATOM   1183 O  O   . ASP B 1 64  ? 16.632  7.081   13.794  1.00 75.19  ? 64  ASP M O   1 
ATOM   1184 C  CB  . ASP B 1 64  ? 16.460  4.104   13.035  1.00 77.04  ? 64  ASP M CB  1 
ATOM   1185 C  CG  . ASP B 1 64  ? 17.703  3.588   12.373  1.00 78.47  ? 64  ASP M CG  1 
ATOM   1186 O  OD1 . ASP B 1 64  ? 18.305  4.210   11.468  1.00 80.82  ? 64  ASP M OD1 1 
ATOM   1187 O  OD2 . ASP B 1 64  ? 18.149  2.452   12.727  1.00 80.69  ? 64  ASP M OD2 1 
ATOM   1188 N  N   . GLU B 1 68  ? 21.556  3.448   17.788  1.00 105.47 ? 68  GLU M N   1 
ATOM   1189 C  CA  . GLU B 1 68  ? 21.675  2.040   17.311  1.00 105.39 ? 68  GLU M CA  1 
ATOM   1190 C  C   . GLU B 1 68  ? 20.336  1.313   17.273  1.00 104.92 ? 68  GLU M C   1 
ATOM   1191 O  O   . GLU B 1 68  ? 19.839  0.866   16.237  1.00 104.47 ? 68  GLU M O   1 
ATOM   1192 N  N   . GLY B 1 69  ? 19.715  1.154   18.430  1.00 103.17 ? 69  GLY M N   1 
ATOM   1193 C  CA  . GLY B 1 69  ? 18.461  0.516   18.678  1.00 100.42 ? 69  GLY M CA  1 
ATOM   1194 C  C   . GLY B 1 69  ? 17.740  -0.271  17.611  1.00 98.51  ? 69  GLY M C   1 
ATOM   1195 O  O   . GLY B 1 69  ? 16.786  0.188   16.968  1.00 99.03  ? 69  GLY M O   1 
ATOM   1196 N  N   . GLY B 1 70  ? 18.067  -1.540  17.444  1.00 94.77  ? 70  GLY M N   1 
ATOM   1197 C  CA  . GLY B 1 70  ? 17.557  -2.547  16.584  1.00 88.53  ? 70  GLY M CA  1 
ATOM   1198 C  C   . GLY B 1 70  ? 16.987  -2.384  15.207  1.00 83.83  ? 70  GLY M C   1 
ATOM   1199 O  O   . GLY B 1 70  ? 16.866  -1.305  14.620  1.00 84.80  ? 70  GLY M O   1 
ATOM   1200 N  N   . PRO B 1 71  ? 16.554  -3.486  14.583  1.00 78.71  ? 71  PRO M N   1 
ATOM   1201 C  CA  . PRO B 1 71  ? 15.949  -3.545  13.273  1.00 74.28  ? 71  PRO M CA  1 
ATOM   1202 C  C   . PRO B 1 71  ? 14.505  -3.045  13.159  1.00 68.44  ? 71  PRO M C   1 
ATOM   1203 O  O   . PRO B 1 71  ? 13.911  -2.414  14.014  1.00 65.70  ? 71  PRO M O   1 
ATOM   1204 C  CB  . PRO B 1 71  ? 15.952  -5.033  12.873  1.00 74.76  ? 71  PRO M CB  1 
ATOM   1205 C  CG  . PRO B 1 71  ? 16.575  -5.771  13.981  1.00 76.85  ? 71  PRO M CG  1 
ATOM   1206 C  CD  . PRO B 1 71  ? 16.633  -4.855  15.168  1.00 78.42  ? 71  PRO M CD  1 
ATOM   1207 N  N   . GLY B 1 72  ? 13.901  -3.353  12.016  1.00 62.13  ? 72  GLY M N   1 
ATOM   1208 C  CA  . GLY B 1 72  ? 12.571  -3.049  11.575  1.00 56.62  ? 72  GLY M CA  1 
ATOM   1209 C  C   . GLY B 1 72  ? 12.340  -1.606  11.150  1.00 53.35  ? 72  GLY M C   1 
ATOM   1210 O  O   . GLY B 1 72  ? 11.265  -1.051  11.319  1.00 49.94  ? 72  GLY M O   1 
ATOM   1211 N  N   . ALA B 1 73  ? 13.406  -0.961  10.676  1.00 50.18  ? 73  ALA M N   1 
ATOM   1212 C  CA  . ALA B 1 73  ? 13.394  0.428   10.266  1.00 45.37  ? 73  ALA M CA  1 
ATOM   1213 C  C   . ALA B 1 73  ? 13.768  0.589   8.809   1.00 42.70  ? 73  ALA M C   1 
ATOM   1214 O  O   . ALA B 1 73  ? 14.375  -0.329  8.224   1.00 44.60  ? 73  ALA M O   1 
ATOM   1215 C  CB  . ALA B 1 73  ? 14.378  1.213   11.130  1.00 48.37  ? 73  ALA M CB  1 
ATOM   1216 N  N   . GLY B 1 74  ? 13.506  1.728   8.209   1.00 37.99  ? 74  GLY M N   1 
ATOM   1217 C  CA  . GLY B 1 74  ? 13.672  1.773   6.752   1.00 38.28  ? 74  GLY M CA  1 
ATOM   1218 C  C   . GLY B 1 74  ? 15.077  1.485   6.261   1.00 37.73  ? 74  GLY M C   1 
ATOM   1219 O  O   . GLY B 1 74  ? 15.990  2.079   6.828   1.00 36.38  ? 74  GLY M O   1 
ATOM   1220 N  N   . GLY B 1 75  ? 15.313  0.644   5.254   1.00 35.90  ? 75  GLY M N   1 
ATOM   1221 C  CA  . GLY B 1 75  ? 16.627  0.315   4.781   1.00 33.73  ? 75  GLY M CA  1 
ATOM   1222 C  C   . GLY B 1 75  ? 17.341  -0.777  5.566   1.00 33.94  ? 75  GLY M C   1 
ATOM   1223 O  O   . GLY B 1 75  ? 18.198  -1.504  5.066   1.00 34.82  ? 75  GLY M O   1 
ATOM   1224 N  N   . GLY B 1 76  ? 16.876  -1.078  6.769   1.00 33.58  ? 76  GLY M N   1 
ATOM   1225 C  CA  . GLY B 1 76  ? 17.434  -2.024  7.695   1.00 31.47  ? 76  GLY M CA  1 
ATOM   1226 C  C   . GLY B 1 76  ? 16.835  -3.407  7.453   1.00 31.95  ? 76  GLY M C   1 
ATOM   1227 O  O   . GLY B 1 76  ? 15.886  -3.540  6.673   1.00 29.00  ? 76  GLY M O   1 
ATOM   1228 N  N   . GLY B 1 77  ? 17.334  -4.380  8.193   1.00 29.50  ? 77  GLY M N   1 
ATOM   1229 C  CA  . GLY B 1 77  ? 16.810  -5.727  8.164   1.00 32.85  ? 77  GLY M CA  1 
ATOM   1230 C  C   . GLY B 1 77  ? 15.423  -5.727  8.859   1.00 34.18  ? 77  GLY M C   1 
ATOM   1231 O  O   . GLY B 1 77  ? 15.149  -4.847  9.670   1.00 31.60  ? 77  GLY M O   1 
ATOM   1232 N  N   . CYS B 1 78  ? 14.642  -6.767  8.563   1.00 34.23  ? 78  CYS M N   1 
ATOM   1233 C  CA  . CYS B 1 78  ? 13.300  -6.731  9.167   1.00 33.60  ? 78  CYS M CA  1 
ATOM   1234 C  C   . CYS B 1 78  ? 13.269  -7.489  10.486  1.00 35.04  ? 78  CYS M C   1 
ATOM   1235 O  O   . CYS B 1 78  ? 14.123  -8.269  10.836  1.00 31.18  ? 78  CYS M O   1 
ATOM   1236 C  CB  . CYS B 1 78  ? 12.228  -7.242  8.203   1.00 30.97  ? 78  CYS M CB  1 
ATOM   1237 S  SG  . CYS B 1 78  ? 12.566  -6.770  6.473   1.00 26.36  ? 78  CYS M SG  1 
ATOM   1238 N  N   . ARG B 1 79  ? 12.264  -7.169  11.303  1.00 36.84  ? 79  ARG M N   1 
ATOM   1239 C  CA  . ARG B 1 79  ? 12.034  -7.881  12.531  1.00 38.22  ? 79  ARG M CA  1 
ATOM   1240 C  C   . ARG B 1 79  ? 11.653  -9.343  12.313  1.00 40.38  ? 79  ARG M C   1 
ATOM   1241 O  O   . ARG B 1 79  ? 10.914  -9.652  11.387  1.00 37.00  ? 79  ARG M O   1 
ATOM   1242 C  CB  . ARG B 1 79  ? 10.815  -7.188  13.146  1.00 40.36  ? 79  ARG M CB  1 
ATOM   1243 C  CG  . ARG B 1 79  ? 10.864  -7.226  14.661  1.00 40.60  ? 79  ARG M CG  1 
ATOM   1244 C  CD  . ARG B 1 79  ? 10.102  -6.062  15.166  1.00 39.60  ? 79  ARG M CD  1 
ATOM   1245 N  NE  . ARG B 1 79  ? 10.647  -4.804  15.521  1.00 39.17  ? 79  ARG M NE  1 
ATOM   1246 C  CZ  . ARG B 1 79  ? 9.976   -3.676  15.205  1.00 41.17  ? 79  ARG M CZ  1 
ATOM   1247 N  NH1 . ARG B 1 79  ? 8.858   -3.826  14.475  1.00 39.50  ? 79  ARG M NH1 1 
ATOM   1248 N  NH2 . ARG B 1 79  ? 10.386  -2.462  15.553  1.00 37.52  ? 79  ARG M NH2 1 
ATOM   1249 N  N   . GLY B 1 80  ? 12.156  -10.252 13.195  1.00 40.13  ? 80  GLY M N   1 
ATOM   1250 C  CA  . GLY B 1 80  ? 11.792  -11.638 13.147  1.00 38.21  ? 80  GLY M CA  1 
ATOM   1251 C  C   . GLY B 1 80  ? 12.245  -12.465 11.964  1.00 36.44  ? 80  GLY M C   1 
ATOM   1252 O  O   . GLY B 1 80  ? 11.828  -13.613 11.895  1.00 34.81  ? 80  GLY M O   1 
ATOM   1253 N  N   . VAL B 1 81  ? 13.063  -11.950 11.048  1.00 36.42  ? 81  VAL M N   1 
ATOM   1254 C  CA  . VAL B 1 81  ? 13.489  -12.770 9.924   1.00 36.70  ? 81  VAL M CA  1 
ATOM   1255 C  C   . VAL B 1 81  ? 14.688  -13.603 10.382  1.00 34.40  ? 81  VAL M C   1 
ATOM   1256 O  O   . VAL B 1 81  ? 15.582  -13.089 11.051  1.00 33.38  ? 81  VAL M O   1 
ATOM   1257 C  CB  . VAL B 1 81  ? 13.789  -12.188 8.528   1.00 36.69  ? 81  VAL M CB  1 
ATOM   1258 C  CG1 . VAL B 1 81  ? 12.814  -11.097 8.105   1.00 33.51  ? 81  VAL M CG1 1 
ATOM   1259 C  CG2 . VAL B 1 81  ? 15.237  -11.774 8.319   1.00 37.89  ? 81  VAL M CG2 1 
ATOM   1260 N  N   . ASP B 1 82  ? 14.737  -14.816 9.883   1.00 35.69  ? 82  ASP M N   1 
ATOM   1261 C  CA  . ASP B 1 82  ? 15.813  -15.749 10.184  1.00 36.86  ? 82  ASP M CA  1 
ATOM   1262 C  C   . ASP B 1 82  ? 17.082  -15.350 9.447   1.00 36.53  ? 82  ASP M C   1 
ATOM   1263 O  O   . ASP B 1 82  ? 17.335  -15.679 8.290   1.00 34.42  ? 82  ASP M O   1 
ATOM   1264 C  CB  . ASP B 1 82  ? 15.406  -17.162 9.772   1.00 40.28  ? 82  ASP M CB  1 
ATOM   1265 C  CG  . ASP B 1 82  ? 16.453  -18.164 10.256  1.00 40.65  ? 82  ASP M CG  1 
ATOM   1266 O  OD1 . ASP B 1 82  ? 17.583  -17.804 10.586  1.00 40.48  ? 82  ASP M OD1 1 
ATOM   1267 O  OD2 . ASP B 1 82  ? 16.022  -19.319 10.320  1.00 43.46  ? 82  ASP M OD2 1 
ATOM   1268 N  N   . ARG B 1 83  ? 17.955  -14.716 10.189  1.00 37.81  ? 83  ARG M N   1 
ATOM   1269 C  CA  . ARG B 1 83  ? 19.211  -14.116 9.750   1.00 40.32  ? 83  ARG M CA  1 
ATOM   1270 C  C   . ARG B 1 83  ? 20.231  -15.108 9.245   1.00 39.92  ? 83  ARG M C   1 
ATOM   1271 O  O   . ARG B 1 83  ? 21.103  -14.774 8.451   1.00 40.88  ? 83  ARG M O   1 
ATOM   1272 C  CB  . ARG B 1 83  ? 19.710  -13.199 10.856  1.00 44.72  ? 83  ARG M CB  1 
ATOM   1273 C  CG  . ARG B 1 83  ? 19.349  -11.726 10.845  1.00 48.37  ? 83  ARG M CG  1 
ATOM   1274 C  CD  . ARG B 1 83  ? 17.964  -11.396 10.391  1.00 53.31  ? 83  ARG M CD  1 
ATOM   1275 N  NE  . ARG B 1 83  ? 17.567  -10.011 10.668  1.00 57.04  ? 83  ARG M NE  1 
ATOM   1276 C  CZ  . ARG B 1 83  ? 16.841  -9.619  11.691  1.00 57.67  ? 83  ARG M CZ  1 
ATOM   1277 N  NH1 . ARG B 1 83  ? 16.368  -10.423 12.644  1.00 59.58  ? 83  ARG M NH1 1 
ATOM   1278 N  NH2 . ARG B 1 83  ? 16.588  -8.331  11.805  1.00 60.63  ? 83  ARG M NH2 1 
ATOM   1279 N  N   . ARG B 1 84  ? 20.147  -16.366 9.587   1.00 39.91  ? 84  ARG M N   1 
ATOM   1280 C  CA  . ARG B 1 84  ? 20.873  -17.452 9.045   1.00 42.19  ? 84  ARG M CA  1 
ATOM   1281 C  C   . ARG B 1 84  ? 20.702  -17.574 7.535   1.00 43.51  ? 84  ARG M C   1 
ATOM   1282 O  O   . ARG B 1 84  ? 21.698  -17.706 6.831   1.00 43.47  ? 84  ARG M O   1 
ATOM   1283 C  CB  . ARG B 1 84  ? 20.320  -18.776 9.605   1.00 44.39  ? 84  ARG M CB  1 
ATOM   1284 C  CG  . ARG B 1 84  ? 20.681  -18.984 11.071  1.00 45.11  ? 84  ARG M CG  1 
ATOM   1285 C  CD  . ARG B 1 84  ? 20.253  -20.370 11.510  1.00 45.83  ? 84  ARG M CD  1 
ATOM   1286 N  NE  . ARG B 1 84  ? 18.977  -20.769 10.961  1.00 47.11  ? 84  ARG M NE  1 
ATOM   1287 C  CZ  . ARG B 1 84  ? 17.967  -21.423 11.530  1.00 47.93  ? 84  ARG M CZ  1 
ATOM   1288 N  NH1 . ARG B 1 84  ? 18.015  -21.835 12.798  1.00 48.96  ? 84  ARG M NH1 1 
ATOM   1289 N  NH2 . ARG B 1 84  ? 16.875  -21.679 10.831  1.00 45.21  ? 84  ARG M NH2 1 
ATOM   1290 N  N   . HIS B 1 85  ? 19.446  -17.606 7.042   1.00 46.04  ? 85  HIS M N   1 
ATOM   1291 C  CA  . HIS B 1 85  ? 19.320  -17.816 5.608   1.00 44.98  ? 85  HIS M CA  1 
ATOM   1292 C  C   . HIS B 1 85  ? 19.013  -16.648 4.722   1.00 42.57  ? 85  HIS M C   1 
ATOM   1293 O  O   . HIS B 1 85  ? 18.755  -16.958 3.559   1.00 39.57  ? 85  HIS M O   1 
ATOM   1294 C  CB  . HIS B 1 85  ? 18.169  -18.820 5.389   1.00 51.37  ? 85  HIS M CB  1 
ATOM   1295 C  CG  . HIS B 1 85  ? 18.226  -19.958 6.343   1.00 57.64  ? 85  HIS M CG  1 
ATOM   1296 N  ND1 . HIS B 1 85  ? 19.072  -21.042 6.204   1.00 58.42  ? 85  HIS M ND1 1 
ATOM   1297 C  CD2 . HIS B 1 85  ? 17.533  -20.116 7.514   1.00 59.10  ? 85  HIS M CD2 1 
ATOM   1298 C  CE1 . HIS B 1 85  ? 18.868  -21.841 7.252   1.00 60.36  ? 85  HIS M CE1 1 
ATOM   1299 N  NE2 . HIS B 1 85  ? 17.938  -21.309 8.057   1.00 60.70  ? 85  HIS M NE2 1 
ATOM   1300 N  N   . TRP B 1 86  ? 18.722  -15.455 5.250   1.00 41.48  ? 86  TRP M N   1 
ATOM   1301 C  CA  . TRP B 1 86  ? 18.011  -14.464 4.441   1.00 36.95  ? 86  TRP M CA  1 
ATOM   1302 C  C   . TRP B 1 86  ? 18.562  -13.081 4.651   1.00 36.40  ? 86  TRP M C   1 
ATOM   1303 O  O   . TRP B 1 86  ? 18.818  -12.682 5.800   1.00 38.72  ? 86  TRP M O   1 
ATOM   1304 C  CB  . TRP B 1 86  ? 16.556  -14.424 4.934   1.00 37.62  ? 86  TRP M CB  1 
ATOM   1305 C  CG  . TRP B 1 86  ? 15.636  -15.544 4.560   1.00 38.45  ? 86  TRP M CG  1 
ATOM   1306 C  CD1 . TRP B 1 86  ? 15.155  -16.512 5.394   1.00 38.52  ? 86  TRP M CD1 1 
ATOM   1307 C  CD2 . TRP B 1 86  ? 15.101  -15.845 3.264   1.00 37.44  ? 86  TRP M CD2 1 
ATOM   1308 N  NE1 . TRP B 1 86  ? 14.334  -17.387 4.688   1.00 39.84  ? 86  TRP M NE1 1 
ATOM   1309 C  CE2 . TRP B 1 86  ? 14.296  -17.000 3.384   1.00 38.86  ? 86  TRP M CE2 1 
ATOM   1310 C  CE3 . TRP B 1 86  ? 15.262  -15.284 1.999   1.00 36.86  ? 86  TRP M CE3 1 
ATOM   1311 C  CZ2 . TRP B 1 86  ? 13.631  -17.603 2.309   1.00 37.90  ? 86  TRP M CZ2 1 
ATOM   1312 C  CZ3 . TRP B 1 86  ? 14.585  -15.867 0.942   1.00 38.63  ? 86  TRP M CZ3 1 
ATOM   1313 C  CH2 . TRP B 1 86  ? 13.800  -17.028 1.092   1.00 36.99  ? 86  TRP M CH2 1 
ATOM   1314 N  N   . VAL B 1 87  ? 18.818  -12.388 3.572   1.00 34.38  ? 87  VAL M N   1 
ATOM   1315 C  CA  . VAL B 1 87  ? 19.210  -10.974 3.662   1.00 29.48  ? 87  VAL M CA  1 
ATOM   1316 C  C   . VAL B 1 87  ? 17.918  -10.229 3.349   1.00 29.55  ? 87  VAL M C   1 
ATOM   1317 O  O   . VAL B 1 87  ? 17.309  -10.508 2.305   1.00 27.43  ? 87  VAL M O   1 
ATOM   1318 C  CB  . VAL B 1 87  ? 20.267  -10.659 2.641   1.00 30.26  ? 87  VAL M CB  1 
ATOM   1319 C  CG1 . VAL B 1 87  ? 20.705  -9.212  2.655   1.00 30.30  ? 87  VAL M CG1 1 
ATOM   1320 C  CG2 . VAL B 1 87  ? 21.465  -11.570 2.916   1.00 33.92  ? 87  VAL M CG2 1 
ATOM   1321 N  N   . SER B 1 88  ? 17.517  -9.361  4.274   1.00 30.63  ? 88  SER M N   1 
ATOM   1322 C  CA  . SER B 1 88  ? 16.246  -8.678  4.099   1.00 28.45  ? 88  SER M CA  1 
ATOM   1323 C  C   . SER B 1 88  ? 16.311  -7.158  4.213   1.00 29.35  ? 88  SER M C   1 
ATOM   1324 O  O   . SER B 1 88  ? 17.199  -6.536  4.789   1.00 24.57  ? 88  SER M O   1 
ATOM   1325 C  CB  . SER B 1 88  ? 15.276  -9.251  5.127   1.00 25.20  ? 88  SER M CB  1 
ATOM   1326 O  OG  . SER B 1 88  ? 15.446  -8.652  6.389   1.00 25.99  ? 88  SER M OG  1 
ATOM   1327 N  N   . GLU B 1 89  ? 15.172  -6.544  3.896   1.00 30.59  ? 89  GLU M N   1 
ATOM   1328 C  CA  . GLU B 1 89  ? 15.098  -5.103  3.951   1.00 34.31  ? 89  GLU M CA  1 
ATOM   1329 C  C   . GLU B 1 89  ? 13.694  -4.532  3.885   1.00 32.68  ? 89  GLU M C   1 
ATOM   1330 O  O   . GLU B 1 89  ? 12.977  -4.898  2.975   1.00 29.19  ? 89  GLU M O   1 
ATOM   1331 C  CB  . GLU B 1 89  ? 15.896  -4.614  2.713   1.00 38.15  ? 89  GLU M CB  1 
ATOM   1332 C  CG  . GLU B 1 89  ? 16.193  -3.132  2.662   1.00 41.70  ? 89  GLU M CG  1 
ATOM   1333 C  CD  . GLU B 1 89  ? 16.631  -2.690  1.272   1.00 44.24  ? 89  GLU M CD  1 
ATOM   1334 O  OE1 . GLU B 1 89  ? 16.952  -3.526  0.412   1.00 45.51  ? 89  GLU M OE1 1 
ATOM   1335 O  OE2 . GLU B 1 89  ? 16.612  -1.476  0.961   1.00 44.43  ? 89  GLU M OE2 1 
ATOM   1336 N  N   . CYS B 1 90  ? 13.338  -3.674  4.811   1.00 30.94  ? 90  CYS M N   1 
ATOM   1337 C  CA  . CYS B 1 90  ? 12.169  -2.883  4.940   1.00 31.15  ? 90  CYS M CA  1 
ATOM   1338 C  C   . CYS B 1 90  ? 12.207  -1.736  3.904   1.00 31.72  ? 90  CYS M C   1 
ATOM   1339 O  O   . CYS B 1 90  ? 13.149  -0.925  3.886   1.00 29.49  ? 90  CYS M O   1 
ATOM   1340 C  CB  . CYS B 1 90  ? 12.143  -2.243  6.348   1.00 29.38  ? 90  CYS M CB  1 
ATOM   1341 S  SG  . CYS B 1 90  ? 11.901  -3.530  7.635   1.00 28.93  ? 90  CYS M SG  1 
ATOM   1342 N  N   . LYS B 1 91  ? 11.246  -1.739  3.025   1.00 30.01  ? 91  LYS M N   1 
ATOM   1343 C  CA  . LYS B 1 91  ? 11.123  -0.783  1.952   1.00 32.16  ? 91  LYS M CA  1 
ATOM   1344 C  C   . LYS B 1 91  ? 9.661   -0.391  1.651   1.00 30.86  ? 91  LYS M C   1 
ATOM   1345 O  O   . LYS B 1 91  ? 8.782   -1.218  1.843   1.00 23.80  ? 91  LYS M O   1 
ATOM   1346 C  CB  . LYS B 1 91  ? 11.447  -1.429  0.587   1.00 35.14  ? 91  LYS M CB  1 
ATOM   1347 C  CG  . LYS B 1 91  ? 12.815  -1.912  0.292   1.00 40.33  ? 91  LYS M CG  1 
ATOM   1348 C  CD  . LYS B 1 91  ? 13.221  -1.620  -1.184  1.00 42.15  ? 91  LYS M CD  1 
ATOM   1349 C  CE  . LYS B 1 91  ? 13.826  -2.920  -1.721  1.00 41.71  ? 91  LYS M CE  1 
ATOM   1350 N  NZ  . LYS B 1 91  ? 12.910  -4.063  -1.438  1.00 38.51  ? 91  LYS M NZ  1 
ATOM   1351 N  N   . ALA B 1 92  ? 9.560   0.858   1.190   1.00 31.36  ? 92  ALA M N   1 
ATOM   1352 C  CA  . ALA B 1 92  ? 8.261   1.351   0.788   1.00 31.63  ? 92  ALA M CA  1 
ATOM   1353 C  C   . ALA B 1 92  ? 7.865   0.565   -0.473  1.00 32.91  ? 92  ALA M C   1 
ATOM   1354 O  O   . ALA B 1 92  ? 8.624   0.247   -1.374  1.00 33.57  ? 92  ALA M O   1 
ATOM   1355 C  CB  . ALA B 1 92  ? 8.150   2.830   0.456   1.00 28.81  ? 92  ALA M CB  1 
ATOM   1356 N  N   . LYS B 1 93  ? 6.599   0.261   -0.445  1.00 35.74  ? 93  LYS M N   1 
ATOM   1357 C  CA  . LYS B 1 93  ? 5.809   -0.396  -1.451  1.00 38.21  ? 93  LYS M CA  1 
ATOM   1358 C  C   . LYS B 1 93  ? 4.680   0.571   -1.825  1.00 34.11  ? 93  LYS M C   1 
ATOM   1359 O  O   . LYS B 1 93  ? 4.048   1.266   -1.045  1.00 30.15  ? 93  LYS M O   1 
ATOM   1360 C  CB  . LYS B 1 93  ? 5.436   -1.804  -0.982  1.00 42.42  ? 93  LYS M CB  1 
ATOM   1361 C  CG  . LYS B 1 93  ? 5.243   -2.788  -2.118  1.00 47.90  ? 93  LYS M CG  1 
ATOM   1362 C  CD  . LYS B 1 93  ? 5.656   -4.231  -1.956  1.00 52.79  ? 93  LYS M CD  1 
ATOM   1363 C  CE  . LYS B 1 93  ? 5.463   -5.104  -3.197  1.00 57.61  ? 93  LYS M CE  1 
ATOM   1364 N  NZ  . LYS B 1 93  ? 5.517   -6.582  -2.872  1.00 56.94  ? 93  LYS M NZ  1 
ATOM   1365 N  N   . GLN B 1 94  ? 4.417   0.631   -3.129  1.00 33.69  ? 94  GLN M N   1 
ATOM   1366 C  CA  . GLN B 1 94  ? 3.556   1.596   -3.764  1.00 32.95  ? 94  GLN M CA  1 
ATOM   1367 C  C   . GLN B 1 94  ? 2.269   1.044   -4.375  1.00 31.64  ? 94  GLN M C   1 
ATOM   1368 O  O   . GLN B 1 94  ? 2.306   -0.025  -4.938  1.00 29.54  ? 94  GLN M O   1 
ATOM   1369 C  CB  . GLN B 1 94  ? 4.246   2.316   -4.931  1.00 31.03  ? 94  GLN M CB  1 
ATOM   1370 C  CG  . GLN B 1 94  ? 5.355   3.303   -4.485  1.00 32.29  ? 94  GLN M CG  1 
ATOM   1371 C  CD  . GLN B 1 94  ? 6.642   2.525   -4.292  1.00 28.63  ? 94  GLN M CD  1 
ATOM   1372 O  OE1 . GLN B 1 94  ? 7.322   2.512   -3.280  1.00 31.20  ? 94  GLN M OE1 1 
ATOM   1373 N  NE2 . GLN B 1 94  ? 6.985   1.648   -5.165  1.00 27.77  ? 94  GLN M NE2 1 
ATOM   1374 N  N   . SER B 1 95  ? 1.250   1.917   -4.402  1.00 27.34  ? 95  SER M N   1 
ATOM   1375 C  CA  . SER B 1 95  ? 0.067   1.595   -5.172  1.00 25.90  ? 95  SER M CA  1 
ATOM   1376 C  C   . SER B 1 95  ? -0.151  2.753   -6.162  1.00 23.66  ? 95  SER M C   1 
ATOM   1377 O  O   . SER B 1 95  ? 0.382   3.846   -5.913  1.00 20.15  ? 95  SER M O   1 
ATOM   1378 C  CB  . SER B 1 95  ? -1.234  1.419   -4.355  1.00 27.39  ? 95  SER M CB  1 
ATOM   1379 O  OG  . SER B 1 95  ? -0.994  0.689   -3.172  1.00 25.87  ? 95  SER M OG  1 
ATOM   1380 N  N   . TYR B 1 96  ? -1.025  2.513   -7.132  1.00 22.72  ? 96  TYR M N   1 
ATOM   1381 C  CA  . TYR B 1 96  ? -1.328  3.544   -8.096  1.00 25.44  ? 96  TYR M CA  1 
ATOM   1382 C  C   . TYR B 1 96  ? -2.599  4.258   -7.704  1.00 27.67  ? 96  TYR M C   1 
ATOM   1383 O  O   . TYR B 1 96  ? -3.509  3.508   -7.353  1.00 30.38  ? 96  TYR M O   1 
ATOM   1384 C  CB  . TYR B 1 96  ? -1.510  3.079   -9.558  1.00 26.45  ? 96  TYR M CB  1 
ATOM   1385 C  CG  . TYR B 1 96  ? -0.280  2.420   -10.123 1.00 23.02  ? 96  TYR M CG  1 
ATOM   1386 C  CD1 . TYR B 1 96  ? 0.790   3.139   -10.563 1.00 26.46  ? 96  TYR M CD1 1 
ATOM   1387 C  CD2 . TYR B 1 96  ? -0.181  1.044   -10.173 1.00 25.27  ? 96  TYR M CD2 1 
ATOM   1388 C  CE1 . TYR B 1 96  ? 1.927   2.527   -11.103 1.00 26.04  ? 96  TYR M CE1 1 
ATOM   1389 C  CE2 . TYR B 1 96  ? 0.928   0.384   -10.678 1.00 24.27  ? 96  TYR M CE2 1 
ATOM   1390 C  CZ  . TYR B 1 96  ? 1.966   1.166   -11.128 1.00 26.00  ? 96  TYR M CZ  1 
ATOM   1391 O  OH  . TYR B 1 96  ? 3.087   0.550   -11.635 1.00 32.27  ? 96  TYR M OH  1 
ATOM   1392 N  N   . VAL B 1 97  ? -2.683  5.597   -7.804  1.00 26.56  ? 97  VAL M N   1 
ATOM   1393 C  CA  . VAL B 1 97  ? -3.923  6.309   -7.510  1.00 23.48  ? 97  VAL M CA  1 
ATOM   1394 C  C   . VAL B 1 97  ? -4.157  7.321   -8.642  1.00 26.02  ? 97  VAL M C   1 
ATOM   1395 O  O   . VAL B 1 97  ? -3.122  7.716   -9.169  1.00 20.43  ? 97  VAL M O   1 
ATOM   1396 C  CB  . VAL B 1 97  ? -3.905  7.151   -6.209  1.00 22.08  ? 97  VAL M CB  1 
ATOM   1397 C  CG1 . VAL B 1 97  ? -3.899  6.244   -5.015  1.00 19.82  ? 97  VAL M CG1 1 
ATOM   1398 C  CG2 . VAL B 1 97  ? -2.732  8.147   -6.231  1.00 20.40  ? 97  VAL M CG2 1 
ATOM   1399 N  N   . ARG B 1 98  ? -5.421  7.709   -8.963  1.00 29.01  ? 98  ARG M N   1 
ATOM   1400 C  CA  . ARG B 1 98  ? -5.528  8.673   -10.094 1.00 32.39  ? 98  ARG M CA  1 
ATOM   1401 C  C   . ARG B 1 98  ? -5.283  10.088  -9.592  1.00 31.16  ? 98  ARG M C   1 
ATOM   1402 O  O   . ARG B 1 98  ? -6.054  10.530  -8.758  1.00 33.91  ? 98  ARG M O   1 
ATOM   1403 C  CB  . ARG B 1 98  ? -6.877  8.544   -10.785 1.00 35.88  ? 98  ARG M CB  1 
ATOM   1404 C  CG  . ARG B 1 98  ? -7.107  9.379   -12.044 1.00 40.47  ? 98  ARG M CG  1 
ATOM   1405 C  CD  . ARG B 1 98  ? -8.408  8.898   -12.771 1.00 42.67  ? 98  ARG M CD  1 
ATOM   1406 N  NE  . ARG B 1 98  ? -8.332  9.204   -14.193 1.00 44.27  ? 98  ARG M NE  1 
ATOM   1407 C  CZ  . ARG B 1 98  ? -8.249  8.573   -15.350 1.00 45.35  ? 98  ARG M CZ  1 
ATOM   1408 N  NH1 . ARG B 1 98  ? -8.350  7.253   -15.549 1.00 45.87  ? 98  ARG M NH1 1 
ATOM   1409 N  NH2 . ARG B 1 98  ? -8.111  9.208   -16.524 1.00 42.90  ? 98  ARG M NH2 1 
ATOM   1410 N  N   . ALA B 1 99  ? -4.390  10.876  -10.139 1.00 29.27  ? 99  ALA M N   1 
ATOM   1411 C  CA  . ALA B 1 99  ? -4.032  12.202  -9.675  1.00 28.82  ? 99  ALA M CA  1 
ATOM   1412 C  C   . ALA B 1 99  ? -3.805  13.254  -10.770 1.00 29.01  ? 99  ALA M C   1 
ATOM   1413 O  O   . ALA B 1 99  ? -3.671  12.980  -11.975 1.00 26.90  ? 99  ALA M O   1 
ATOM   1414 C  CB  . ALA B 1 99  ? -2.767  11.995  -8.822  1.00 25.71  ? 99  ALA M CB  1 
ATOM   1415 N  N   . LEU B 1 100 ? -4.170  14.492  -10.454 1.00 28.33  ? 100 LEU M N   1 
ATOM   1416 C  CA  . LEU B 1 100 ? -4.091  15.602  -11.378 1.00 31.14  ? 100 LEU M CA  1 
ATOM   1417 C  C   . LEU B 1 100 ? -2.612  15.931  -11.520 1.00 30.96  ? 100 LEU M C   1 
ATOM   1418 O  O   . LEU B 1 100 ? -1.955  16.216  -10.522 1.00 28.44  ? 100 LEU M O   1 
ATOM   1419 C  CB  . LEU B 1 100 ? -4.918  16.826  -10.954 1.00 33.11  ? 100 LEU M CB  1 
ATOM   1420 C  CG  . LEU B 1 100 ? -5.007  17.962  -12.002 1.00 33.20  ? 100 LEU M CG  1 
ATOM   1421 C  CD1 . LEU B 1 100 ? -5.659  17.480  -13.293 1.00 32.10  ? 100 LEU M CD1 1 
ATOM   1422 C  CD2 . LEU B 1 100 ? -5.779  19.131  -11.421 1.00 34.33  ? 100 LEU M CD2 1 
ATOM   1423 N  N   . THR B 1 101 ? -2.090  15.817  -12.755 1.00 32.40  ? 101 THR M N   1 
ATOM   1424 C  CA  . THR B 1 101 ? -0.660  16.032  -12.978 1.00 32.16  ? 101 THR M CA  1 
ATOM   1425 C  C   . THR B 1 101 ? -0.363  16.879  -14.205 1.00 32.36  ? 101 THR M C   1 
ATOM   1426 O  O   . THR B 1 101 ? -1.239  17.350  -14.945 1.00 31.87  ? 101 THR M O   1 
ATOM   1427 C  CB  . THR B 1 101 ? 0.075   14.663  -13.149 1.00 32.69  ? 101 THR M CB  1 
ATOM   1428 O  OG1 . THR B 1 101 ? -0.323  13.946  -14.318 1.00 30.57  ? 101 THR M OG1 1 
ATOM   1429 C  CG2 . THR B 1 101 ? -0.099  13.696  -11.970 1.00 29.39  ? 101 THR M CG2 1 
ATOM   1430 N  N   . ALA B 1 102 ? 0.912   17.077  -14.479 1.00 34.10  ? 102 ALA M N   1 
ATOM   1431 C  CA  . ALA B 1 102 ? 1.331   17.845  -15.627 1.00 39.38  ? 102 ALA M CA  1 
ATOM   1432 C  C   . ALA B 1 102 ? 2.572   17.272  -16.317 1.00 43.00  ? 102 ALA M C   1 
ATOM   1433 O  O   . ALA B 1 102 ? 3.470   16.738  -15.677 1.00 41.00  ? 102 ALA M O   1 
ATOM   1434 C  CB  . ALA B 1 102 ? 1.623   19.298  -15.274 1.00 35.61  ? 102 ALA M CB  1 
ATOM   1435 N  N   . ASP B 1 103 ? 2.527   17.302  -17.649 1.00 49.55  ? 103 ASP M N   1 
ATOM   1436 C  CA  . ASP B 1 103 ? 3.509   17.202  -18.663 1.00 56.15  ? 103 ASP M CA  1 
ATOM   1437 C  C   . ASP B 1 103 ? 3.483   17.234  -20.192 1.00 60.65  ? 103 ASP M C   1 
ATOM   1438 O  O   . ASP B 1 103 ? 2.788   16.952  -21.133 1.00 60.28  ? 103 ASP M O   1 
ATOM   1439 C  CB  . ASP B 1 103 ? 4.808   16.508  -18.219 1.00 53.35  ? 103 ASP M CB  1 
ATOM   1440 C  CG  . ASP B 1 103 ? 5.636   17.829  -18.261 1.00 52.84  ? 103 ASP M CG  1 
ATOM   1441 O  OD1 . ASP B 1 103 ? 5.152   18.812  -17.645 1.00 47.82  ? 103 ASP M OD1 1 
ATOM   1442 O  OD2 . ASP B 1 103 ? 6.569   17.820  -19.100 1.00 53.58  ? 103 ASP M OD2 1 
ATOM   1443 N  N   . ALA B 1 104 ? 4.244   18.260  -20.656 1.00 67.75  ? 104 ALA M N   1 
ATOM   1444 C  CA  . ALA B 1 104 ? 4.902   19.144  -21.563 1.00 72.75  ? 104 ALA M CA  1 
ATOM   1445 C  C   . ALA B 1 104 ? 5.318   20.476  -20.899 1.00 73.24  ? 104 ALA M C   1 
ATOM   1446 O  O   . ALA B 1 104 ? 5.378   20.321  -19.668 1.00 76.54  ? 104 ALA M O   1 
ATOM   1447 C  CB  . ALA B 1 104 ? 4.130   19.525  -22.817 1.00 73.58  ? 104 ALA M CB  1 
ATOM   1448 N  N   . GLN B 1 105 ? 5.279   21.710  -21.392 1.00 75.88  ? 105 GLN M N   1 
ATOM   1449 C  CA  . GLN B 1 105 ? 5.440   22.843  -20.455 1.00 75.03  ? 105 GLN M CA  1 
ATOM   1450 C  C   . GLN B 1 105 ? 4.022   23.125  -19.928 1.00 72.58  ? 105 GLN M C   1 
ATOM   1451 O  O   . GLN B 1 105 ? 3.291   23.916  -20.528 1.00 73.66  ? 105 GLN M O   1 
ATOM   1452 C  CB  . GLN B 1 105 ? 6.094   24.148  -20.884 1.00 76.15  ? 105 GLN M CB  1 
ATOM   1453 C  CG  . GLN B 1 105 ? 6.150   25.301  -19.896 1.00 76.83  ? 105 GLN M CG  1 
ATOM   1454 C  CD  . GLN B 1 105 ? 6.887   26.563  -20.270 1.00 76.39  ? 105 GLN M CD  1 
ATOM   1455 O  OE1 . GLN B 1 105 ? 7.836   26.536  -21.060 1.00 75.25  ? 105 GLN M OE1 1 
ATOM   1456 N  NE2 . GLN B 1 105 ? 6.486   27.716  -19.719 1.00 76.25  ? 105 GLN M NE2 1 
ATOM   1457 N  N   . GLY B 1 106 ? 3.689   22.448  -18.835 1.00 70.17  ? 106 GLY M N   1 
ATOM   1458 C  CA  . GLY B 1 106 ? 2.447   22.596  -18.135 1.00 66.35  ? 106 GLY M CA  1 
ATOM   1459 C  C   . GLY B 1 106 ? 1.127   22.151  -18.691 1.00 61.35  ? 106 GLY M C   1 
ATOM   1460 O  O   . GLY B 1 106 ? 0.122   22.802  -18.454 1.00 63.40  ? 106 GLY M O   1 
ATOM   1461 N  N   . ARG B 1 107 ? 1.023   21.094  -19.441 1.00 58.05  ? 107 ARG M N   1 
ATOM   1462 C  CA  . ARG B 1 107 ? -0.053  20.347  -20.022 1.00 57.09  ? 107 ARG M CA  1 
ATOM   1463 C  C   . ARG B 1 107 ? -0.611  19.377  -18.962 1.00 49.52  ? 107 ARG M C   1 
ATOM   1464 O  O   . ARG B 1 107 ? -0.037  18.355  -18.628 1.00 48.90  ? 107 ARG M O   1 
ATOM   1465 C  CB  . ARG B 1 107 ? 0.335   19.508  -21.229 1.00 61.18  ? 107 ARG M CB  1 
ATOM   1466 C  CG  . ARG B 1 107 ? 0.154   20.137  -22.605 1.00 66.67  ? 107 ARG M CG  1 
ATOM   1467 C  CD  . ARG B 1 107 ? -1.116  19.572  -23.236 1.00 72.39  ? 107 ARG M CD  1 
ATOM   1468 N  NE  . ARG B 1 107 ? -1.704  20.373  -24.294 1.00 75.16  ? 107 ARG M NE  1 
ATOM   1469 C  CZ  . ARG B 1 107 ? -2.109  19.944  -25.485 1.00 77.80  ? 107 ARG M CZ  1 
ATOM   1470 N  NH1 . ARG B 1 107 ? -1.965  18.676  -25.856 1.00 79.05  ? 107 ARG M NH1 1 
ATOM   1471 N  NH2 . ARG B 1 107 ? -2.656  20.807  -26.342 1.00 79.61  ? 107 ARG M NH2 1 
ATOM   1472 N  N   . VAL B 1 108 ? -1.711  19.763  -18.370 1.00 40.66  ? 108 VAL M N   1 
ATOM   1473 C  CA  . VAL B 1 108 ? -2.324  19.091  -17.271 1.00 35.07  ? 108 VAL M CA  1 
ATOM   1474 C  C   . VAL B 1 108 ? -3.330  18.047  -17.669 1.00 31.95  ? 108 VAL M C   1 
ATOM   1475 O  O   . VAL B 1 108 ? -4.035  18.196  -18.654 1.00 31.90  ? 108 VAL M O   1 
ATOM   1476 C  CB  . VAL B 1 108 ? -2.932  20.122  -16.280 1.00 33.67  ? 108 VAL M CB  1 
ATOM   1477 C  CG1 . VAL B 1 108 ? -3.810  19.553  -15.216 1.00 32.64  ? 108 VAL M CG1 1 
ATOM   1478 C  CG2 . VAL B 1 108 ? -1.729  20.821  -15.679 1.00 36.49  ? 108 VAL M CG2 1 
ATOM   1479 N  N   . GLY B 1 109 ? -3.408  16.989  -16.853 1.00 27.86  ? 109 GLY M N   1 
ATOM   1480 C  CA  . GLY B 1 109 ? -4.316  15.898  -17.037 1.00 25.82  ? 109 GLY M CA  1 
ATOM   1481 C  C   . GLY B 1 109 ? -4.205  14.845  -15.918 1.00 28.09  ? 109 GLY M C   1 
ATOM   1482 O  O   . GLY B 1 109 ? -3.299  14.884  -15.038 1.00 29.36  ? 109 GLY M O   1 
ATOM   1483 N  N   . TRP B 1 110 ? -5.227  14.005  -15.861 1.00 24.80  ? 110 TRP M N   1 
ATOM   1484 C  CA  . TRP B 1 110 ? -5.309  12.966  -14.865 1.00 27.48  ? 110 TRP M CA  1 
ATOM   1485 C  C   . TRP B 1 110 ? -4.315  11.855  -15.241 1.00 28.36  ? 110 TRP M C   1 
ATOM   1486 O  O   . TRP B 1 110 ? -4.194  11.378  -16.387 1.00 29.30  ? 110 TRP M O   1 
ATOM   1487 C  CB  . TRP B 1 110 ? -6.732  12.387  -14.704 1.00 26.35  ? 110 TRP M CB  1 
ATOM   1488 C  CG  . TRP B 1 110 ? -7.619  13.400  -14.060 1.00 27.34  ? 110 TRP M CG  1 
ATOM   1489 C  CD1 . TRP B 1 110 ? -8.506  14.217  -14.732 1.00 26.72  ? 110 TRP M CD1 1 
ATOM   1490 C  CD2 . TRP B 1 110 ? -7.629  13.813  -12.687 1.00 29.08  ? 110 TRP M CD2 1 
ATOM   1491 N  NE1 . TRP B 1 110 ? -9.062  15.067  -13.860 1.00 26.76  ? 110 TRP M NE1 1 
ATOM   1492 C  CE2 . TRP B 1 110 ? -8.633  14.832  -12.590 1.00 29.51  ? 110 TRP M CE2 1 
ATOM   1493 C  CE3 . TRP B 1 110 ? -7.085  13.323  -11.504 1.00 26.84  ? 110 TRP M CE3 1 
ATOM   1494 C  CZ2 . TRP B 1 110 ? -8.960  15.442  -11.367 1.00 29.94  ? 110 TRP M CZ2 1 
ATOM   1495 C  CZ3 . TRP B 1 110 ? -7.438  13.903  -10.304 1.00 29.67  ? 110 TRP M CZ3 1 
ATOM   1496 C  CH2 . TRP B 1 110 ? -8.320  15.006  -10.211 1.00 30.21  ? 110 TRP M CH2 1 
ATOM   1497 N  N   . ARG B 1 111 ? -3.638  11.371  -14.229 1.00 27.55  ? 111 ARG M N   1 
ATOM   1498 C  CA  . ARG B 1 111 ? -2.683  10.309  -14.460 1.00 30.86  ? 111 ARG M CA  1 
ATOM   1499 C  C   . ARG B 1 111 ? -2.670  9.386   -13.257 1.00 28.24  ? 111 ARG M C   1 
ATOM   1500 O  O   . ARG B 1 111 ? -2.539  9.888   -12.141 1.00 29.37  ? 111 ARG M O   1 
ATOM   1501 C  CB  . ARG B 1 111 ? -1.309  10.929  -14.746 1.00 35.56  ? 111 ARG M CB  1 
ATOM   1502 C  CG  . ARG B 1 111 ? -0.963  11.088  -16.200 1.00 40.21  ? 111 ARG M CG  1 
ATOM   1503 C  CD  . ARG B 1 111 ? 0.512   11.345  -16.476 1.00 44.19  ? 111 ARG M CD  1 
ATOM   1504 N  NE  . ARG B 1 111 ? 0.794   12.764  -16.502 1.00 49.44  ? 111 ARG M NE  1 
ATOM   1505 C  CZ  . ARG B 1 111 ? 0.283   13.731  -17.262 1.00 48.81  ? 111 ARG M CZ  1 
ATOM   1506 N  NH1 . ARG B 1 111 ? -0.592  13.431  -18.207 1.00 50.52  ? 111 ARG M NH1 1 
ATOM   1507 N  NH2 . ARG B 1 111 ? 0.631   14.983  -17.063 1.00 46.51  ? 111 ARG M NH2 1 
ATOM   1508 N  N   . TRP B 1 112 ? -2.582  8.105   -13.540 1.00 24.87  ? 112 TRP M N   1 
ATOM   1509 C  CA  . TRP B 1 112 ? -2.293  7.085   -12.569 1.00 23.84  ? 112 TRP M CA  1 
ATOM   1510 C  C   . TRP B 1 112 ? -0.810  7.191   -12.203 1.00 21.96  ? 112 TRP M C   1 
ATOM   1511 O  O   . TRP B 1 112 ? 0.199   6.998   -12.962 1.00 22.41  ? 112 TRP M O   1 
ATOM   1512 C  CB  . TRP B 1 112 ? -2.669  5.662   -13.120 1.00 25.53  ? 112 TRP M CB  1 
ATOM   1513 C  CG  . TRP B 1 112 ? -4.143  5.506   -13.242 1.00 26.80  ? 112 TRP M CG  1 
ATOM   1514 C  CD1 . TRP B 1 112 ? -4.884  5.722   -14.380 1.00 28.99  ? 112 TRP M CD1 1 
ATOM   1515 C  CD2 . TRP B 1 112 ? -5.108  5.189   -12.216 1.00 26.28  ? 112 TRP M CD2 1 
ATOM   1516 N  NE1 . TRP B 1 112 ? -6.221  5.531   -14.119 1.00 25.54  ? 112 TRP M NE1 1 
ATOM   1517 C  CE2 . TRP B 1 112 ? -6.376  5.206   -12.803 1.00 26.10  ? 112 TRP M CE2 1 
ATOM   1518 C  CE3 . TRP B 1 112 ? -5.012  4.868   -10.866 1.00 24.15  ? 112 TRP M CE3 1 
ATOM   1519 C  CZ2 . TRP B 1 112 ? -7.554  4.900   -12.079 1.00 26.76  ? 112 TRP M CZ2 1 
ATOM   1520 C  CZ3 . TRP B 1 112 ? -6.158  4.566   -10.165 1.00 24.71  ? 112 TRP M CZ3 1 
ATOM   1521 C  CH2 . TRP B 1 112 ? -7.421  4.586   -10.757 1.00 25.44  ? 112 TRP M CH2 1 
ATOM   1522 N  N   . ILE B 1 113 ? -0.563  7.454   -10.960 1.00 19.54  ? 113 ILE M N   1 
ATOM   1523 C  CA  . ILE B 1 113 ? 0.750   7.637   -10.412 1.00 23.09  ? 113 ILE M CA  1 
ATOM   1524 C  C   . ILE B 1 113 ? 1.001   6.759   -9.175  1.00 26.43  ? 113 ILE M C   1 
ATOM   1525 O  O   . ILE B 1 113 ? 0.079   6.275   -8.526  1.00 29.37  ? 113 ILE M O   1 
ATOM   1526 C  CB  . ILE B 1 113 ? 1.055   9.081   -9.914  1.00 21.80  ? 113 ILE M CB  1 
ATOM   1527 C  CG1 . ILE B 1 113 ? 0.326   9.336   -8.605  1.00 19.26  ? 113 ILE M CG1 1 
ATOM   1528 C  CG2 . ILE B 1 113 ? 0.920   10.174  -10.943 1.00 17.95  ? 113 ILE M CG2 1 
ATOM   1529 C  CD1 . ILE B 1 113 ? 0.464   10.696  -7.986  1.00 22.12  ? 113 ILE M CD1 1 
ATOM   1530 N  N   . ARG B 1 114 ? 2.259   6.678   -8.788  1.00 26.09  ? 114 ARG M N   1 
ATOM   1531 C  CA  . ARG B 1 114 ? 2.633   5.911   -7.622  1.00 27.22  ? 114 ARG M CA  1 
ATOM   1532 C  C   . ARG B 1 114 ? 2.730   6.680   -6.293  1.00 26.12  ? 114 ARG M C   1 
ATOM   1533 O  O   . ARG B 1 114 ? 3.347   7.770   -6.217  1.00 20.54  ? 114 ARG M O   1 
ATOM   1534 C  CB  . ARG B 1 114 ? 4.031   5.372   -7.899  1.00 28.50  ? 114 ARG M CB  1 
ATOM   1535 C  CG  . ARG B 1 114 ? 4.109   4.319   -8.976  1.00 31.94  ? 114 ARG M CG  1 
ATOM   1536 C  CD  . ARG B 1 114 ? 5.412   3.528   -8.675  1.00 33.45  ? 114 ARG M CD  1 
ATOM   1537 N  NE  . ARG B 1 114 ? 5.774   2.886   -9.841  1.00 41.20  ? 114 ARG M NE  1 
ATOM   1538 C  CZ  . ARG B 1 114 ? 6.181   2.242   -10.882 1.00 47.53  ? 114 ARG M CZ  1 
ATOM   1539 N  NH1 . ARG B 1 114 ? 5.761   2.503   -12.142 1.00 46.17  ? 114 ARG M NH1 1 
ATOM   1540 N  NH2 . ARG B 1 114 ? 6.982   1.206   -10.601 1.00 46.84  ? 114 ARG M NH2 1 
ATOM   1541 N  N   . ILE B 1 115 ? 2.116   6.044   -5.269  1.00 24.25  ? 115 ILE M N   1 
ATOM   1542 C  CA  . ILE B 1 115 ? 2.215   6.568   -3.894  1.00 23.43  ? 115 ILE M CA  1 
ATOM   1543 C  C   . ILE B 1 115 ? 2.632   5.486   -2.887  1.00 23.06  ? 115 ILE M C   1 
ATOM   1544 O  O   . ILE B 1 115 ? 2.462   4.283   -3.123  1.00 21.67  ? 115 ILE M O   1 
ATOM   1545 C  CB  . ILE B 1 115 ? 0.970   7.342   -3.396  1.00 23.23  ? 115 ILE M CB  1 
ATOM   1546 C  CG1 . ILE B 1 115 ? -0.229  6.435   -3.120  1.00 18.09  ? 115 ILE M CG1 1 
ATOM   1547 C  CG2 . ILE B 1 115 ? 0.531   8.490   -4.349  1.00 24.54  ? 115 ILE M CG2 1 
ATOM   1548 C  CD1 . ILE B 1 115 ? -1.513  6.972   -2.566  1.00 16.74  ? 115 ILE M CD1 1 
ATOM   1549 N  N   . ASP B 1 116 ? 3.170   5.872   -1.715  1.00 22.99  ? 116 ASP M N   1 
ATOM   1550 C  CA  . ASP B 1 116 ? 3.629   4.927   -0.734  1.00 25.37  ? 116 ASP M CA  1 
ATOM   1551 C  C   . ASP B 1 116 ? 2.393   4.403   0.007   1.00 28.33  ? 116 ASP M C   1 
ATOM   1552 O  O   . ASP B 1 116 ? 1.691   5.190   0.656   1.00 27.27  ? 116 ASP M O   1 
ATOM   1553 C  CB  . ASP B 1 116 ? 4.726   5.469   0.189   1.00 26.73  ? 116 ASP M CB  1 
ATOM   1554 C  CG  . ASP B 1 116 ? 6.024   5.719   -0.587  1.00 28.03  ? 116 ASP M CG  1 
ATOM   1555 O  OD1 . ASP B 1 116 ? 6.295   4.965   -1.556  1.00 26.49  ? 116 ASP M OD1 1 
ATOM   1556 O  OD2 . ASP B 1 116 ? 6.764   6.691   -0.260  1.00 27.42  ? 116 ASP M OD2 1 
ATOM   1557 N  N   . THR B 1 117 ? 2.138   3.086   -0.183  1.00 27.23  ? 117 THR M N   1 
ATOM   1558 C  CA  . THR B 1 117 ? 1.012   2.520   0.489   1.00 29.13  ? 117 THR M CA  1 
ATOM   1559 C  C   . THR B 1 117 ? 1.428   1.669   1.681   1.00 29.05  ? 117 THR M C   1 
ATOM   1560 O  O   . THR B 1 117 ? 0.492   1.353   2.429   1.00 32.87  ? 117 THR M O   1 
ATOM   1561 C  CB  . THR B 1 117 ? 0.026   1.699   -0.351  1.00 30.81  ? 117 THR M CB  1 
ATOM   1562 O  OG1 . THR B 1 117 ? 0.686   0.666   -1.102  1.00 31.37  ? 117 THR M OG1 1 
ATOM   1563 C  CG2 . THR B 1 117 ? -0.762  2.700   -1.185  1.00 30.52  ? 117 THR M CG2 1 
ATOM   1564 N  N   . ALA B 1 118 ? 2.642   1.282   1.871   1.00 26.65  ? 118 ALA M N   1 
ATOM   1565 C  CA  . ALA B 1 118 ? 3.103   0.512   2.971   1.00 29.02  ? 118 ALA M CA  1 
ATOM   1566 C  C   . ALA B 1 118 ? 4.616   0.342   3.030   1.00 29.73  ? 118 ALA M C   1 
ATOM   1567 O  O   . ALA B 1 118 ? 5.278   0.561   2.016   1.00 31.43  ? 118 ALA M O   1 
ATOM   1568 C  CB  . ALA B 1 118 ? 2.576   -0.931  2.960   1.00 28.88  ? 118 ALA M CB  1 
ATOM   1569 N  N   . CYS B 1 119 ? 5.061   -0.069  4.218   1.00 27.40  ? 119 CYS M N   1 
ATOM   1570 C  CA  . CYS B 1 119 ? 6.454   -0.386  4.408   1.00 27.07  ? 119 CYS M CA  1 
ATOM   1571 C  C   . CYS B 1 119 ? 6.626   -1.914  4.421   1.00 26.88  ? 119 CYS M C   1 
ATOM   1572 O  O   . CYS B 1 119 ? 6.059   -2.487  5.343   1.00 26.94  ? 119 CYS M O   1 
ATOM   1573 C  CB  . CYS B 1 119 ? 6.958   0.199   5.733   1.00 28.16  ? 119 CYS M CB  1 
ATOM   1574 S  SG  . CYS B 1 119 ? 8.676   -0.330  5.975   1.00 27.60  ? 119 CYS M SG  1 
ATOM   1575 N  N   . VAL B 1 120 ? 7.157   -2.657  3.479   1.00 27.04  ? 120 VAL M N   1 
ATOM   1576 C  CA  . VAL B 1 120 ? 7.126   -4.106  3.461   1.00 28.18  ? 120 VAL M CA  1 
ATOM   1577 C  C   . VAL B 1 120 ? 8.520   -4.700  3.582   1.00 27.40  ? 120 VAL M C   1 
ATOM   1578 O  O   . VAL B 1 120 ? 9.536   -4.099  3.240   1.00 28.57  ? 120 VAL M O   1 
ATOM   1579 C  CB  . VAL B 1 120 ? 6.385   -4.780  2.278   1.00 28.68  ? 120 VAL M CB  1 
ATOM   1580 C  CG1 . VAL B 1 120 ? 4.972   -4.238  2.062   1.00 27.76  ? 120 VAL M CG1 1 
ATOM   1581 C  CG2 . VAL B 1 120 ? 7.121   -4.696  0.969   1.00 27.52  ? 120 VAL M CG2 1 
ATOM   1582 N  N   . CYS B 1 121 ? 8.610   -5.887  4.126   1.00 28.71  ? 121 CYS M N   1 
ATOM   1583 C  CA  . CYS B 1 121 ? 9.874   -6.570  4.356   1.00 28.87  ? 121 CYS M CA  1 
ATOM   1584 C  C   . CYS B 1 121 ? 10.276  -7.292  3.074   1.00 28.51  ? 121 CYS M C   1 
ATOM   1585 O  O   . CYS B 1 121 ? 9.608   -8.222  2.659   1.00 28.38  ? 121 CYS M O   1 
ATOM   1586 C  CB  . CYS B 1 121 ? 9.755   -7.563  5.498   1.00 26.68  ? 121 CYS M CB  1 
ATOM   1587 S  SG  . CYS B 1 121 ? 11.313  -8.535  5.553   1.00 27.87  ? 121 CYS M SG  1 
ATOM   1588 N  N   . THR B 1 122 ? 11.336  -6.940  2.416   1.00 28.46  ? 122 THR M N   1 
ATOM   1589 C  CA  . THR B 1 122 ? 11.736  -7.587  1.176   1.00 30.16  ? 122 THR M CA  1 
ATOM   1590 C  C   . THR B 1 122 ? 12.839  -8.586  1.484   1.00 29.42  ? 122 THR M C   1 
ATOM   1591 O  O   . THR B 1 122 ? 13.673  -8.270  2.315   1.00 23.86  ? 122 THR M O   1 
ATOM   1592 C  CB  . THR B 1 122 ? 12.306  -6.493  0.227   1.00 31.86  ? 122 THR M CB  1 
ATOM   1593 O  OG1 . THR B 1 122 ? 11.157  -5.741  -0.173  1.00 37.75  ? 122 THR M OG1 1 
ATOM   1594 C  CG2 . THR B 1 122 ? 13.005  -7.106  -0.958  1.00 34.20  ? 122 THR M CG2 1 
ATOM   1595 N  N   . LEU B 1 123 ? 12.848  -9.671  0.743   1.00 31.68  ? 123 LEU M N   1 
ATOM   1596 C  CA  . LEU B 1 123 ? 13.818  -10.721 0.822   1.00 37.19  ? 123 LEU M CA  1 
ATOM   1597 C  C   . LEU B 1 123 ? 14.806  -10.590 -0.344  1.00 38.69  ? 123 LEU M C   1 
ATOM   1598 O  O   . LEU B 1 123 ? 14.426  -10.865 -1.463  1.00 38.23  ? 123 LEU M O   1 
ATOM   1599 C  CB  . LEU B 1 123 ? 13.150  -12.134 0.770   1.00 36.98  ? 123 LEU M CB  1 
ATOM   1600 C  CG  . LEU B 1 123 ? 12.315  -12.421 1.994   1.00 36.79  ? 123 LEU M CG  1 
ATOM   1601 C  CD1 . LEU B 1 123 ? 11.609  -13.754 2.027   1.00 38.40  ? 123 LEU M CD1 1 
ATOM   1602 C  CD2 . LEU B 1 123 ? 13.251  -12.384 3.220   1.00 38.29  ? 123 LEU M CD2 1 
ATOM   1603 N  N   . LEU B 1 124 ? 16.024  -10.175 -0.056  1.00 42.39  ? 124 LEU M N   1 
ATOM   1604 C  CA  . LEU B 1 124 ? 17.038  -9.911  -1.045  1.00 47.02  ? 124 LEU M CA  1 
ATOM   1605 C  C   . LEU B 1 124 ? 17.747  -11.128 -1.584  1.00 47.67  ? 124 LEU M C   1 
ATOM   1606 O  O   . LEU B 1 124 ? 17.908  -11.100 -2.792  1.00 44.85  ? 124 LEU M O   1 
ATOM   1607 C  CB  . LEU B 1 124 ? 18.005  -8.798  -0.541  1.00 48.83  ? 124 LEU M CB  1 
ATOM   1608 C  CG  . LEU B 1 124 ? 17.184  -7.487  -0.382  1.00 49.82  ? 124 LEU M CG  1 
ATOM   1609 C  CD1 . LEU B 1 124 ? 18.038  -6.302  0.024   1.00 48.84  ? 124 LEU M CD1 1 
ATOM   1610 C  CD2 . LEU B 1 124 ? 16.378  -7.158  -1.632  1.00 49.26  ? 124 LEU M CD2 1 
ATOM   1611 N  N   . SER B 1 125 ? 18.024  -12.134 -0.794  1.00 52.00  ? 125 SER M N   1 
ATOM   1612 C  CA  . SER B 1 125 ? 18.600  -13.382 -1.221  1.00 56.36  ? 125 SER M CA  1 
ATOM   1613 C  C   . SER B 1 125 ? 18.575  -14.429 -0.106  1.00 58.63  ? 125 SER M C   1 
ATOM   1614 O  O   . SER B 1 125 ? 18.493  -14.160 1.084   1.00 58.70  ? 125 SER M O   1 
ATOM   1615 C  CB  . SER B 1 125 ? 20.070  -13.210 -1.652  1.00 57.41  ? 125 SER M CB  1 
ATOM   1616 O  OG  . SER B 1 125 ? 20.927  -13.251 -0.520  1.00 60.80  ? 125 SER M OG  1 
ATOM   1617 N  N   . ARG B 1 126 ? 18.888  -15.635 -0.498  1.00 60.30  ? 126 ARG M N   1 
ATOM   1618 C  CA  . ARG B 1 126 ? 19.175  -16.896 0.087   1.00 60.59  ? 126 ARG M CA  1 
ATOM   1619 C  C   . ARG B 1 126 ? 17.915  -17.590 0.598   1.00 62.20  ? 126 ARG M C   1 
ATOM   1620 O  O   . ARG B 1 126 ? 17.674  -18.729 0.121   1.00 60.89  ? 126 ARG M O   1 
ATOM   1621 C  CB  . ARG B 1 126 ? 20.320  -16.910 1.084   1.00 60.70  ? 126 ARG M CB  1 
HETATM 1622 CL CL  . CL  C 2 .   ? 5.832   -7.167  5.242   1.00 27.80  ? 200 CL  A CL  1 
HETATM 1623 O  O   . HOH D 3 .   ? -4.261  -15.521 -5.102  1.00 33.63  ? 201 HOH A O   1 
HETATM 1624 O  O   . HOH D 3 .   ? -6.838  3.294   -6.503  1.00 32.59  ? 202 HOH A O   1 
HETATM 1625 O  O   . HOH D 3 .   ? 0.779   -21.683 -1.705  1.00 29.40  ? 203 HOH A O   1 
HETATM 1626 O  O   . HOH D 3 .   ? 12.661  -20.913 11.078  1.00 33.70  ? 204 HOH A O   1 
HETATM 1627 O  O   . HOH D 3 .   ? -7.080  14.689  -3.568  1.00 35.99  ? 205 HOH A O   1 
HETATM 1628 O  O   . HOH D 3 .   ? 0.082   -13.487 0.721   1.00 41.51  ? 206 HOH A O   1 
HETATM 1629 O  O   . HOH D 3 .   ? -6.601  9.037   -3.338  1.00 22.84  ? 207 HOH A O   1 
HETATM 1630 O  O   . HOH D 3 .   ? 0.797   -22.287 0.986   1.00 33.61  ? 208 HOH A O   1 
HETATM 1631 O  O   . HOH D 3 .   ? 4.583   -7.872  -0.129  1.00 33.76  ? 209 HOH A O   1 
HETATM 1632 O  O   . HOH D 3 .   ? -7.883  8.416   -5.611  1.00 31.82  ? 210 HOH A O   1 
HETATM 1633 O  O   . HOH D 3 .   ? -0.339  -8.949  8.878   1.00 49.66  ? 211 HOH A O   1 
HETATM 1634 O  O   . HOH D 3 .   ? -13.722 -0.622  1.821   1.00 44.09  ? 212 HOH A O   1 
HETATM 1635 O  O   . HOH D 3 .   ? 6.494   -18.560 8.841   1.00 35.57  ? 213 HOH A O   1 
HETATM 1636 O  O   . HOH D 3 .   ? -0.955  -11.521 18.995  1.00 52.03  ? 214 HOH A O   1 
HETATM 1637 O  O   . HOH D 3 .   ? 3.866   -20.077 11.621  1.00 27.19  ? 215 HOH A O   1 
HETATM 1638 O  O   . HOH D 3 .   ? 5.714   -17.698 11.591  1.00 47.37  ? 216 HOH A O   1 
HETATM 1639 O  O   . HOH D 3 .   ? -5.678  -10.711 4.165   1.00 36.19  ? 217 HOH A O   1 
HETATM 1640 O  O   . HOH D 3 .   ? 1.168   -19.223 11.760  1.00 36.72  ? 218 HOH A O   1 
HETATM 1641 O  O   . HOH D 3 .   ? -0.913  -18.592 10.435  1.00 53.59  ? 219 HOH A O   1 
HETATM 1642 O  O   . HOH D 3 .   ? -21.951 1.853   14.052  1.00 30.39  ? 220 HOH A O   1 
HETATM 1643 O  O   . HOH D 3 .   ? -13.295 14.754  4.376   1.00 25.30  ? 221 HOH A O   1 
HETATM 1644 O  O   . HOH E 3 .   ? 0.372   16.107  -1.735  1.00 14.50  ? 131 HOH M O   1 
HETATM 1645 O  O   . HOH E 3 .   ? 9.694   12.483  -18.615 1.00 30.70  ? 132 HOH M O   1 
HETATM 1646 O  O   . HOH E 3 .   ? -7.171  14.039  -18.034 1.00 35.43  ? 133 HOH M O   1 
HETATM 1647 O  O   . HOH E 3 .   ? 5.535   -4.599  6.728   1.00 34.35  ? 134 HOH M O   1 
HETATM 1648 O  O   . HOH E 3 .   ? -7.334  6.236   -7.170  1.00 20.84  ? 135 HOH M O   1 
HETATM 1649 O  O   . HOH E 3 .   ? 1.869   17.009  4.539   1.00 41.88  ? 136 HOH M O   1 
HETATM 1650 O  O   . HOH E 3 .   ? 18.630  -4.325  4.720   1.00 33.34  ? 137 HOH M O   1 
HETATM 1651 O  O   . HOH E 3 .   ? -4.351  8.400   -1.100  1.00 25.73  ? 138 HOH M O   1 
HETATM 1652 O  O   . HOH E 3 .   ? 3.048   -0.828  5.941   1.00 29.82  ? 139 HOH M O   1 
HETATM 1653 O  O   . HOH E 3 .   ? 8.740   11.510  -8.373  1.00 26.04  ? 140 HOH M O   1 
HETATM 1654 O  O   . HOH E 3 .   ? 6.082   8.020   -6.929  1.00 23.19  ? 141 HOH M O   1 
HETATM 1655 O  O   . HOH E 3 .   ? 14.177  -9.722  15.707  1.00 37.45  ? 142 HOH M O   1 
HETATM 1656 O  O   . HOH E 3 .   ? -8.447  10.376  -6.980  1.00 28.97  ? 143 HOH M O   1 
HETATM 1657 O  O   . HOH E 3 .   ? -1.050  3.694   3.171   1.00 38.45  ? 144 HOH M O   1 
HETATM 1658 O  O   . HOH E 3 .   ? -5.720  12.486  -6.305  1.00 33.21  ? 145 HOH M O   1 
HETATM 1659 O  O   . HOH E 3 .   ? -3.671  5.932   -0.247  1.00 21.47  ? 146 HOH M O   1 
HETATM 1660 O  O   . HOH E 3 .   ? 6.745   8.168   13.477  1.00 48.26  ? 147 HOH M O   1 
HETATM 1661 O  O   . HOH E 3 .   ? 5.939   13.896  2.565   1.00 62.77  ? 148 HOH M O   1 
HETATM 1662 O  O   . HOH E 3 .   ? 5.971   0.630   -7.889  1.00 50.21  ? 149 HOH M O   1 
HETATM 1663 O  O   . HOH E 3 .   ? -5.979  12.116  -3.772  1.00 34.76  ? 150 HOH M O   1 
HETATM 1664 O  O   . HOH E 3 .   ? 4.983   24.239  -23.694 1.00 54.96  ? 151 HOH M O   1 
HETATM 1665 O  O   . HOH E 3 .   ? 12.120  7.843   14.061  1.00 59.43  ? 152 HOH M O   1 
HETATM 1666 O  O   . HOH E 3 .   ? -10.427 10.278  -9.128  1.00 37.54  ? 153 HOH M O   1 
HETATM 1667 O  O   . HOH E 3 .   ? 2.756   19.831  -19.623 1.00 60.99  ? 154 HOH M O   1 
HETATM 1668 O  O   . HOH E 3 .   ? -1.095  -6.131  14.244  1.00 44.38  ? 155 HOH M O   1 
HETATM 1669 O  O   . HOH E 3 .   ? -10.920 17.137  2.273   1.00 50.13  ? 156 HOH M O   1 
HETATM 1670 O  O   . HOH E 3 .   ? 2.222   -2.606  -7.142  1.00 45.37  ? 157 HOH M O   1 
HETATM 1671 O  O   . HOH E 3 .   ? -2.772  -1.181  -4.011  1.00 25.12  ? 158 HOH M O   1 
# 
